data_3PNZ
#
_entry.id   3PNZ
#
_cell.length_a   152.723
_cell.length_b   62.933
_cell.length_c   152.744
_cell.angle_alpha   90.00
_cell.angle_beta   89.97
_cell.angle_gamma   90.00
#
_symmetry.space_group_name_H-M   'P 1 21 1'
#
loop_
_entity.id
_entity.type
_entity.pdbx_description
1 polymer 'Phosphotriesterase family protein'
2 non-polymer GLYCEROL
3 non-polymer 'ZINC ION'
4 non-polymer 'PHOSPHATE ION'
5 water water
#
_entity_poly.entity_id   1
_entity_poly.type   'polypeptide(L)'
_entity_poly.pdbx_seq_one_letter_code
;MSFIRTFYGDIAPEQLGFTYSHEHIVCVPAYWQERDADDLLLDDKEKSQLDVQDFADLGGKTIVDATAVDYGRRVLDVAQ
ISKETGIQIVGTAGFNKSFLWDGKIKPELKPIIGDFETYYEWIENTTTDKLTEFVVNEVENGLEGTPYKAGQV(KCX)FG
TGYNMITPLEEKTIRAVARAHHETKAPIHSHTEAGTMALEQIEILKQENIPLEYLSIGHMDRNLDPYYHKQVAKTGAFMS
FDGIAKIKYAPESARIAAILYLVSEGFEDQILVSGDTARKTYYKHYGHGPGLEYIAKKWVPRFIDEANEKGFDGEKLVKK
FFVDNPARCFTFKK
;
_entity_poly.pdbx_strand_id   A,B,C,D,E,F
#
loop_
_chem_comp.id
_chem_comp.type
_chem_comp.name
_chem_comp.formula
GOL non-polymer GLYCEROL 'C3 H8 O3'
PO4 non-polymer 'PHOSPHATE ION' 'O4 P -3'
ZN non-polymer 'ZINC ION' 'Zn 2'
#
# COMPACT_ATOMS: atom_id res chain seq x y z
N SER A 2 -7.20 6.63 6.82
CA SER A 2 -7.82 6.28 5.53
C SER A 2 -9.34 6.28 5.62
N PHE A 3 -10.01 6.06 4.50
CA PHE A 3 -11.46 6.24 4.45
C PHE A 3 -12.07 5.48 3.29
N ILE A 4 -13.40 5.34 3.34
CA ILE A 4 -14.18 4.86 2.19
C ILE A 4 -15.02 6.02 1.66
N ARG A 5 -15.00 6.22 0.35
CA ARG A 5 -15.70 7.35 -0.26
C ARG A 5 -17.11 6.98 -0.69
N THR A 6 -18.08 7.53 0.02
CA THR A 6 -19.50 7.29 -0.30
C THR A 6 -20.10 8.55 -0.93
N PHE A 7 -21.31 8.41 -1.48
CA PHE A 7 -21.99 9.54 -2.10
C PHE A 7 -22.12 10.71 -1.14
N TYR A 8 -22.29 10.43 0.14
CA TYR A 8 -22.51 11.51 1.12
C TYR A 8 -21.35 11.73 2.08
N GLY A 9 -20.14 11.38 1.65
CA GLY A 9 -18.95 11.71 2.42
C GLY A 9 -17.96 10.57 2.56
N ASP A 10 -16.75 10.92 3.00
CA ASP A 10 -15.73 9.92 3.29
C ASP A 10 -15.90 9.44 4.72
N ILE A 11 -15.98 8.12 4.89
CA ILE A 11 -16.30 7.54 6.19
C ILE A 11 -15.16 6.64 6.68
N ALA A 12 -15.14 6.35 7.97
CA ALA A 12 -14.15 5.45 8.53
C ALA A 12 -14.50 4.03 8.14
N PRO A 13 -13.49 3.17 7.97
CA PRO A 13 -13.79 1.78 7.60
C PRO A 13 -14.77 1.14 8.57
N GLU A 14 -14.65 1.49 9.85
CA GLU A 14 -15.51 0.92 10.87
C GLU A 14 -16.99 1.31 10.68
N GLN A 15 -17.23 2.35 9.88
CA GLN A 15 -18.60 2.82 9.61
C GLN A 15 -19.25 2.14 8.40
N LEU A 16 -18.48 1.36 7.65
CA LEU A 16 -19.01 0.71 6.45
C LEU A 16 -20.11 -0.30 6.78
N GLY A 17 -19.88 -1.13 7.81
CA GLY A 17 -20.85 -2.11 8.25
C GLY A 17 -21.15 -3.17 7.19
N PHE A 18 -22.31 -3.80 7.32
CA PHE A 18 -22.72 -4.90 6.46
C PHE A 18 -22.89 -4.42 5.02
N THR A 19 -22.14 -5.02 4.10
CA THR A 19 -22.00 -4.47 2.75
C THR A 19 -22.23 -5.50 1.65
N TYR A 20 -23.01 -5.11 0.64
CA TYR A 20 -23.07 -5.85 -0.63
C TYR A 20 -22.04 -5.23 -1.55
N SER A 21 -21.12 -6.04 -2.05
CA SER A 21 -19.93 -5.53 -2.75
C SER A 21 -20.04 -5.28 -4.26
N HIS A 22 -21.15 -5.64 -4.89
CA HIS A 22 -21.34 -5.40 -6.32
C HIS A 22 -22.81 -5.45 -6.69
N GLU A 23 -23.43 -4.28 -6.84
CA GLU A 23 -24.85 -4.22 -7.18
C GLU A 23 -25.14 -3.16 -8.23
N HIS A 24 -26.38 -3.14 -8.71
CA HIS A 24 -26.91 -2.03 -9.52
C HIS A 24 -28.22 -1.62 -8.91
N ILE A 25 -28.55 -0.32 -8.99
CA ILE A 25 -29.70 0.19 -8.26
C ILE A 25 -30.68 0.91 -9.18
N VAL A 26 -30.21 1.94 -9.86
CA VAL A 26 -31.00 2.61 -10.89
C VAL A 26 -30.09 2.84 -12.08
N CYS A 27 -30.43 2.23 -13.22
CA CYS A 27 -29.58 2.36 -14.40
C CYS A 27 -30.34 2.04 -15.66
N VAL A 28 -29.97 2.73 -16.73
CA VAL A 28 -30.63 2.55 -18.03
C VAL A 28 -29.54 2.44 -19.12
N PRO A 29 -28.85 1.29 -19.16
CA PRO A 29 -27.74 1.05 -20.09
C PRO A 29 -28.13 1.35 -21.54
N ALA A 30 -27.40 2.23 -22.21
CA ALA A 30 -27.75 2.63 -23.56
C ALA A 30 -27.83 1.43 -24.49
N TYR A 31 -26.80 0.59 -24.44
CA TYR A 31 -26.73 -0.58 -25.31
C TYR A 31 -28.00 -1.44 -25.22
N TRP A 32 -28.50 -1.63 -24.01
CA TRP A 32 -29.69 -2.46 -23.82
C TRP A 32 -30.99 -1.71 -24.14
N GLN A 33 -31.05 -0.45 -23.74
CA GLN A 33 -32.20 0.39 -24.05
C GLN A 33 -32.44 0.45 -25.56
N GLU A 34 -31.36 0.60 -26.32
CA GLU A 34 -31.46 0.67 -27.76
C GLU A 34 -31.95 -0.64 -28.38
N ARG A 35 -31.81 -1.73 -27.63
CA ARG A 35 -32.22 -3.05 -28.13
C ARG A 35 -33.51 -3.53 -27.49
N ASP A 36 -34.19 -2.63 -26.80
CA ASP A 36 -35.47 -2.92 -26.18
C ASP A 36 -35.39 -4.05 -25.15
N ALA A 37 -34.19 -4.30 -24.62
CA ALA A 37 -34.02 -5.28 -23.54
C ALA A 37 -34.48 -4.68 -22.20
N ASP A 38 -35.80 -4.53 -22.06
CA ASP A 38 -36.37 -3.81 -20.93
C ASP A 38 -36.01 -4.36 -19.56
N ASP A 39 -35.81 -5.68 -19.47
CA ASP A 39 -35.52 -6.30 -18.17
C ASP A 39 -34.19 -5.80 -17.59
N LEU A 40 -33.31 -5.29 -18.44
CA LEU A 40 -32.01 -4.81 -17.99
C LEU A 40 -32.01 -3.32 -17.71
N LEU A 41 -33.18 -2.71 -17.69
CA LEU A 41 -33.31 -1.31 -17.33
C LEU A 41 -33.93 -1.18 -15.95
N LEU A 42 -33.15 -0.74 -14.96
CA LEU A 42 -33.68 -0.49 -13.64
C LEU A 42 -34.10 0.98 -13.61
N ASP A 43 -35.30 1.26 -14.09
CA ASP A 43 -35.68 2.61 -14.47
C ASP A 43 -36.79 3.22 -13.64
N ASP A 44 -36.98 2.72 -12.42
CA ASP A 44 -37.98 3.26 -11.51
C ASP A 44 -37.41 3.49 -10.11
N LYS A 45 -37.09 4.74 -9.80
CA LYS A 45 -36.44 5.07 -8.53
C LYS A 45 -37.20 4.55 -7.31
N GLU A 46 -38.52 4.68 -7.30
CA GLU A 46 -39.27 4.28 -6.12
C GLU A 46 -39.30 2.76 -5.95
N LYS A 47 -39.30 2.03 -7.05
CA LYS A 47 -39.25 0.57 -6.97
C LYS A 47 -37.87 0.09 -6.50
N SER A 48 -36.81 0.65 -7.07
CA SER A 48 -35.46 0.32 -6.60
C SER A 48 -35.34 0.63 -5.13
N GLN A 49 -35.90 1.76 -4.72
CA GLN A 49 -35.82 2.17 -3.32
C GLN A 49 -36.46 1.16 -2.36
N LEU A 50 -37.57 0.55 -2.78
CA LEU A 50 -38.23 -0.43 -1.92
C LEU A 50 -37.32 -1.62 -1.62
N ASP A 51 -36.54 -2.07 -2.62
CA ASP A 51 -35.57 -3.14 -2.36
C ASP A 51 -34.43 -2.68 -1.44
N VAL A 52 -33.90 -1.49 -1.70
CA VAL A 52 -32.85 -0.96 -0.83
C VAL A 52 -33.37 -0.83 0.61
N GLN A 53 -34.63 -0.43 0.76
CA GLN A 53 -35.23 -0.35 2.09
C GLN A 53 -35.33 -1.73 2.75
N ASP A 54 -35.63 -2.77 1.98
CA ASP A 54 -35.63 -4.13 2.53
C ASP A 54 -34.26 -4.46 3.11
N PHE A 55 -33.21 -4.12 2.37
CA PHE A 55 -31.83 -4.34 2.80
C PHE A 55 -31.59 -3.60 4.11
N ALA A 56 -31.96 -2.33 4.14
CA ALA A 56 -31.83 -1.52 5.36
C ALA A 56 -32.57 -2.18 6.53
N ASP A 57 -33.79 -2.63 6.28
CA ASP A 57 -34.60 -3.26 7.34
C ASP A 57 -33.97 -4.52 7.90
N LEU A 58 -33.13 -5.18 7.09
CA LEU A 58 -32.45 -6.41 7.52
C LEU A 58 -31.11 -6.15 8.21
N GLY A 59 -30.73 -4.88 8.33
CA GLY A 59 -29.47 -4.55 8.97
C GLY A 59 -28.34 -4.28 8.00
N GLY A 60 -28.65 -4.18 6.71
CA GLY A 60 -27.65 -3.79 5.73
C GLY A 60 -27.27 -2.34 5.93
N LYS A 61 -26.01 -2.00 5.62
CA LYS A 61 -25.52 -0.64 5.83
C LYS A 61 -25.02 0.04 4.55
N THR A 62 -24.39 -0.74 3.67
CA THR A 62 -23.74 -0.18 2.50
C THR A 62 -23.97 -1.03 1.26
N ILE A 63 -24.17 -0.38 0.13
CA ILE A 63 -24.17 -1.04 -1.17
C ILE A 63 -23.13 -0.42 -2.07
N VAL A 64 -22.27 -1.26 -2.63
CA VAL A 64 -21.33 -0.82 -3.64
C VAL A 64 -22.03 -0.91 -4.99
N ASP A 65 -22.27 0.24 -5.60
CA ASP A 65 -23.00 0.35 -6.85
C ASP A 65 -22.00 0.34 -8.00
N ALA A 66 -21.98 -0.75 -8.76
CA ALA A 66 -20.93 -0.95 -9.75
C ALA A 66 -21.27 -0.36 -11.12
N THR A 67 -22.33 0.44 -11.18
CA THR A 67 -22.76 1.03 -12.45
C THR A 67 -21.73 2.03 -12.96
N ALA A 68 -21.16 1.72 -14.12
CA ALA A 68 -20.10 2.54 -14.73
C ALA A 68 -20.68 3.45 -15.82
N VAL A 69 -19.83 4.25 -16.46
CA VAL A 69 -20.32 5.30 -17.36
C VAL A 69 -21.04 4.75 -18.60
N ASP A 70 -20.64 3.54 -19.02
CA ASP A 70 -21.24 2.89 -20.18
C ASP A 70 -22.53 2.12 -19.84
N TYR A 71 -22.96 2.19 -18.59
CA TYR A 71 -24.11 1.42 -18.14
C TYR A 71 -25.29 2.30 -17.72
N GLY A 72 -25.30 3.54 -18.22
CA GLY A 72 -26.45 4.42 -18.07
C GLY A 72 -26.79 4.81 -16.64
N ARG A 73 -25.85 5.48 -15.98
CA ARG A 73 -26.05 5.85 -14.59
C ARG A 73 -27.23 6.80 -14.42
N ARG A 74 -27.90 6.67 -13.27
CA ARG A 74 -28.88 7.63 -12.80
C ARG A 74 -28.44 8.08 -11.41
N VAL A 75 -27.33 8.80 -11.36
CA VAL A 75 -26.67 9.13 -10.09
C VAL A 75 -27.57 9.92 -9.14
N LEU A 76 -28.33 10.88 -9.65
CA LEU A 76 -29.20 11.66 -8.78
C LEU A 76 -30.27 10.80 -8.12
N ASP A 77 -30.79 9.81 -8.84
CA ASP A 77 -31.80 8.91 -8.29
C ASP A 77 -31.19 8.04 -7.19
N VAL A 78 -29.99 7.52 -7.45
CA VAL A 78 -29.31 6.70 -6.46
C VAL A 78 -28.98 7.53 -5.20
N ALA A 79 -28.52 8.76 -5.40
CA ALA A 79 -28.24 9.64 -4.27
C ALA A 79 -29.51 9.88 -3.45
N GLN A 80 -30.64 10.09 -4.13
CA GLN A 80 -31.90 10.31 -3.43
C GLN A 80 -32.31 9.07 -2.63
N ILE A 81 -32.10 7.89 -3.19
CA ILE A 81 -32.40 6.65 -2.48
C ILE A 81 -31.54 6.52 -1.22
N SER A 82 -30.25 6.81 -1.37
CA SER A 82 -29.34 6.80 -0.22
C SER A 82 -29.86 7.72 0.87
N LYS A 83 -30.18 8.95 0.50
CA LYS A 83 -30.71 9.92 1.46
C LYS A 83 -31.96 9.40 2.19
N GLU A 84 -32.91 8.86 1.44
CA GLU A 84 -34.18 8.43 2.03
C GLU A 84 -34.09 7.15 2.85
N THR A 85 -33.22 6.22 2.47
CA THR A 85 -33.14 4.94 3.17
C THR A 85 -32.06 4.91 4.24
N GLY A 86 -31.08 5.79 4.13
CA GLY A 86 -29.95 5.79 5.05
C GLY A 86 -28.83 4.84 4.63
N ILE A 87 -29.02 4.12 3.54
CA ILE A 87 -28.00 3.19 3.06
C ILE A 87 -26.85 3.96 2.41
N GLN A 88 -25.64 3.65 2.82
CA GLN A 88 -24.45 4.28 2.24
C GLN A 88 -24.18 3.68 0.86
N ILE A 89 -23.86 4.54 -0.10
CA ILE A 89 -23.56 4.06 -1.45
C ILE A 89 -22.13 4.40 -1.83
N VAL A 90 -21.37 3.40 -2.27
CA VAL A 90 -20.08 3.64 -2.90
C VAL A 90 -20.29 3.57 -4.40
N GLY A 91 -20.08 4.69 -5.09
CA GLY A 91 -20.26 4.73 -6.54
C GLY A 91 -19.01 4.29 -7.28
N THR A 92 -19.16 4.03 -8.58
CA THR A 92 -18.06 3.48 -9.36
C THR A 92 -17.73 4.33 -10.57
N ALA A 93 -16.47 4.72 -10.69
CA ALA A 93 -15.98 5.45 -11.84
C ALA A 93 -15.42 4.50 -12.89
N GLY A 94 -15.38 4.92 -14.15
CA GLY A 94 -14.71 4.11 -15.16
C GLY A 94 -15.65 3.37 -16.10
N PHE A 95 -15.27 2.15 -16.45
CA PHE A 95 -15.90 1.42 -17.57
C PHE A 95 -16.35 0.03 -17.15
N ASN A 96 -17.40 -0.50 -17.78
CA ASN A 96 -17.95 -1.81 -17.42
C ASN A 96 -17.51 -2.96 -18.32
N LYS A 97 -17.68 -2.81 -19.64
CA LYS A 97 -17.36 -3.87 -20.61
C LYS A 97 -17.57 -3.39 -22.06
N SER A 98 -16.69 -3.79 -22.97
CA SER A 98 -16.61 -3.16 -24.29
C SER A 98 -17.81 -3.37 -25.22
N PHE A 99 -18.57 -4.44 -25.04
CA PHE A 99 -19.73 -4.63 -25.91
C PHE A 99 -20.77 -3.53 -25.71
N LEU A 100 -20.80 -2.94 -24.52
CA LEU A 100 -21.71 -1.83 -24.23
C LEU A 100 -21.36 -0.57 -25.01
N TRP A 101 -20.14 -0.51 -25.52
CA TRP A 101 -19.62 0.75 -26.08
C TRP A 101 -20.26 1.14 -27.41
N ASP A 102 -21.10 0.25 -27.95
CA ASP A 102 -21.84 0.56 -29.16
C ASP A 102 -22.94 1.57 -28.83
N GLY A 103 -23.32 1.63 -27.56
CA GLY A 103 -24.37 2.52 -27.11
C GLY A 103 -24.07 3.99 -27.37
N LYS A 104 -25.14 4.75 -27.58
CA LYS A 104 -25.01 6.19 -27.81
C LYS A 104 -24.72 6.98 -26.53
N ILE A 105 -23.87 7.98 -26.66
CA ILE A 105 -23.55 8.87 -25.56
C ILE A 105 -24.70 9.83 -25.32
N LYS A 106 -25.19 9.88 -24.09
CA LYS A 106 -26.32 10.73 -23.75
C LYS A 106 -25.88 12.20 -23.77
N PRO A 107 -26.85 13.11 -23.95
CA PRO A 107 -26.55 14.54 -24.08
C PRO A 107 -25.79 15.09 -22.87
N GLU A 108 -26.14 14.60 -21.68
CA GLU A 108 -25.53 15.10 -20.45
C GLU A 108 -24.03 14.81 -20.34
N LEU A 109 -23.56 13.81 -21.07
CA LEU A 109 -22.17 13.41 -20.99
C LEU A 109 -21.27 14.22 -21.92
N LYS A 110 -21.85 14.79 -22.97
CA LYS A 110 -21.05 15.42 -24.01
C LYS A 110 -20.20 16.60 -23.53
N PRO A 111 -20.76 17.43 -22.62
CA PRO A 111 -19.96 18.51 -22.03
C PRO A 111 -18.77 17.97 -21.23
N ILE A 112 -18.89 16.75 -20.72
CA ILE A 112 -17.84 16.16 -19.89
C ILE A 112 -16.85 15.35 -20.72
N ILE A 113 -17.38 14.51 -21.60
CA ILE A 113 -16.58 13.56 -22.36
C ILE A 113 -16.14 14.12 -23.71
N GLY A 114 -17.01 14.92 -24.32
CA GLY A 114 -16.75 15.44 -25.65
C GLY A 114 -17.89 15.08 -26.59
N ASP A 115 -17.89 15.69 -27.78
CA ASP A 115 -18.95 15.44 -28.74
C ASP A 115 -18.69 14.16 -29.52
N PHE A 116 -18.96 13.03 -28.90
CA PHE A 116 -18.80 11.73 -29.54
C PHE A 116 -20.16 11.03 -29.62
N GLU A 117 -20.37 10.29 -30.70
CA GLU A 117 -21.63 9.60 -30.92
C GLU A 117 -21.80 8.42 -29.97
N THR A 118 -20.77 7.58 -29.89
CA THR A 118 -20.82 6.36 -29.09
C THR A 118 -19.62 6.29 -28.15
N TYR A 119 -19.67 5.40 -27.17
CA TYR A 119 -18.53 5.20 -26.28
C TYR A 119 -17.32 4.69 -27.05
N TYR A 120 -17.57 3.84 -28.05
CA TYR A 120 -16.48 3.33 -28.87
C TYR A 120 -15.74 4.50 -29.50
N GLU A 121 -16.49 5.45 -30.07
CA GLU A 121 -15.85 6.57 -30.75
C GLU A 121 -15.03 7.38 -29.76
N TRP A 122 -15.62 7.64 -28.59
CA TRP A 122 -14.94 8.37 -27.53
C TRP A 122 -13.64 7.69 -27.12
N ILE A 123 -13.73 6.41 -26.78
CA ILE A 123 -12.59 5.69 -26.25
C ILE A 123 -11.50 5.49 -27.29
N GLU A 124 -11.90 5.26 -28.54
CA GLU A 124 -10.94 5.07 -29.62
C GLU A 124 -10.16 6.36 -29.91
N ASN A 125 -10.84 7.49 -29.82
CA ASN A 125 -10.24 8.77 -30.25
C ASN A 125 -9.74 9.67 -29.12
N THR A 126 -9.65 9.12 -27.91
CA THR A 126 -9.18 9.86 -26.76
C THR A 126 -7.92 9.20 -26.22
N THR A 127 -6.91 10.00 -25.86
CA THR A 127 -5.64 9.45 -25.39
C THR A 127 -5.85 8.79 -24.04
N THR A 128 -4.99 7.82 -23.73
CA THR A 128 -5.05 7.14 -22.44
C THR A 128 -5.04 8.18 -21.30
N ASP A 129 -4.20 9.20 -21.42
CA ASP A 129 -4.08 10.20 -20.35
C ASP A 129 -5.38 10.98 -20.15
N LYS A 130 -6.07 11.27 -21.24
CA LYS A 130 -7.35 11.96 -21.15
C LYS A 130 -8.44 11.06 -20.58
N LEU A 131 -8.37 9.76 -20.87
CA LEU A 131 -9.29 8.82 -20.25
C LEU A 131 -9.03 8.75 -18.75
N THR A 132 -7.75 8.77 -18.36
CA THR A 132 -7.40 8.82 -16.96
C THR A 132 -8.01 10.06 -16.29
N GLU A 133 -7.87 11.21 -16.94
CA GLU A 133 -8.43 12.45 -16.39
C GLU A 133 -9.92 12.31 -16.10
N PHE A 134 -10.64 11.70 -17.04
CA PHE A 134 -12.08 11.47 -16.88
C PHE A 134 -12.39 10.66 -15.63
N VAL A 135 -11.66 9.56 -15.44
CA VAL A 135 -11.88 8.70 -14.28
C VAL A 135 -11.49 9.42 -12.99
N VAL A 136 -10.36 10.11 -13.01
CA VAL A 136 -9.93 10.87 -11.84
C VAL A 136 -10.99 11.91 -11.44
N ASN A 137 -11.55 12.59 -12.42
CA ASN A 137 -12.55 13.61 -12.16
C ASN A 137 -13.83 13.03 -11.54
N GLU A 138 -14.18 11.80 -11.93
CA GLU A 138 -15.35 11.15 -11.33
C GLU A 138 -15.14 10.85 -9.84
N VAL A 139 -13.90 10.55 -9.47
CA VAL A 139 -13.55 10.23 -8.10
C VAL A 139 -13.37 11.50 -7.25
N GLU A 140 -12.75 12.51 -7.85
CA GLU A 140 -12.34 13.70 -7.10
C GLU A 140 -13.35 14.84 -7.12
N ASN A 141 -14.10 14.96 -8.21
CA ASN A 141 -15.06 16.06 -8.38
C ASN A 141 -16.51 15.60 -8.29
N GLY A 142 -16.84 14.53 -9.01
CA GLY A 142 -18.18 13.98 -8.97
C GLY A 142 -18.54 13.22 -10.23
N LEU A 143 -19.53 12.36 -10.12
CA LEU A 143 -20.01 11.58 -11.26
C LEU A 143 -20.96 12.39 -12.15
N GLU A 144 -20.66 12.43 -13.44
CA GLU A 144 -21.59 12.94 -14.45
C GLU A 144 -22.20 14.31 -14.15
N GLY A 145 -21.37 15.25 -13.75
CA GLY A 145 -21.82 16.61 -13.48
C GLY A 145 -22.51 16.82 -12.14
N THR A 146 -22.56 15.77 -11.32
CA THR A 146 -23.16 15.87 -9.99
C THR A 146 -22.06 16.02 -8.94
N PRO A 147 -22.43 16.35 -7.70
CA PRO A 147 -21.44 16.44 -6.63
C PRO A 147 -21.16 15.11 -5.94
N TYR A 148 -21.73 14.02 -6.45
CA TYR A 148 -21.56 12.73 -5.80
C TYR A 148 -20.37 11.98 -6.39
N LYS A 149 -19.31 11.84 -5.60
CA LYS A 149 -18.06 11.28 -6.08
C LYS A 149 -18.06 9.76 -6.02
N ALA A 150 -17.35 9.14 -6.94
CA ALA A 150 -17.14 7.69 -6.93
C ALA A 150 -16.10 7.30 -5.88
N GLY A 151 -16.23 6.08 -5.36
CA GLY A 151 -15.32 5.55 -4.37
C GLY A 151 -14.52 4.36 -4.84
N GLN A 152 -14.68 4.00 -6.11
CA GLN A 152 -13.80 3.00 -6.72
C GLN A 152 -13.72 3.23 -8.22
N VAL A 153 -12.70 2.67 -8.85
CA VAL A 153 -12.51 2.82 -10.29
C VAL A 153 -12.60 1.45 -10.94
N KCX A 154 -13.26 1.37 -12.09
CA KCX A 154 -13.53 0.07 -12.71
CB KCX A 154 -15.03 -0.23 -12.59
CG KCX A 154 -15.53 -1.55 -13.18
CD KCX A 154 -17.04 -1.69 -12.97
CE KCX A 154 -17.65 -2.99 -13.52
NZ KCX A 154 -19.10 -3.02 -13.36
C KCX A 154 -13.11 -0.05 -14.16
O KCX A 154 -13.10 0.93 -14.90
CX KCX A 154 -19.78 -4.18 -13.44
OQ1 KCX A 154 -21.08 -4.15 -13.39
OQ2 KCX A 154 -19.16 -5.31 -13.65
N PHE A 155 -12.72 -1.26 -14.56
CA PHE A 155 -12.52 -1.61 -15.96
C PHE A 155 -13.11 -3.00 -16.20
N GLY A 156 -13.26 -3.38 -17.46
CA GLY A 156 -13.82 -4.69 -17.76
C GLY A 156 -13.25 -5.27 -19.04
N THR A 157 -13.21 -6.59 -19.09
CA THR A 157 -12.66 -7.27 -20.28
C THR A 157 -13.69 -8.26 -20.84
N GLY A 158 -13.40 -8.83 -22.00
CA GLY A 158 -14.37 -9.66 -22.70
C GLY A 158 -14.23 -11.15 -22.45
N TYR A 159 -15.06 -11.93 -23.14
CA TYR A 159 -15.06 -13.37 -22.94
C TYR A 159 -13.79 -13.99 -23.54
N ASN A 160 -12.89 -14.43 -22.68
CA ASN A 160 -11.62 -15.01 -23.10
C ASN A 160 -10.81 -14.07 -24.00
N MET A 161 -10.99 -12.76 -23.80
N MET A 161 -10.94 -12.77 -23.77
CA MET A 161 -10.35 -11.74 -24.63
CA MET A 161 -10.13 -11.84 -24.55
C MET A 161 -9.97 -10.51 -23.79
C MET A 161 -9.96 -10.52 -23.82
N ILE A 162 -8.82 -9.90 -24.09
CA ILE A 162 -8.57 -8.53 -23.67
C ILE A 162 -8.21 -7.82 -24.98
N THR A 163 -9.14 -7.02 -25.49
CA THR A 163 -8.90 -6.32 -26.74
C THR A 163 -7.96 -5.14 -26.52
N PRO A 164 -7.37 -4.62 -27.61
CA PRO A 164 -6.55 -3.41 -27.48
C PRO A 164 -7.26 -2.27 -26.78
N LEU A 165 -8.52 -2.00 -27.10
CA LEU A 165 -9.23 -0.88 -26.48
C LEU A 165 -9.50 -1.17 -25.00
N GLU A 166 -9.82 -2.43 -24.70
CA GLU A 166 -10.05 -2.80 -23.31
C GLU A 166 -8.76 -2.59 -22.51
N GLU A 167 -7.64 -3.01 -23.09
CA GLU A 167 -6.35 -2.84 -22.45
C GLU A 167 -6.04 -1.37 -22.18
N LYS A 168 -6.34 -0.53 -23.16
CA LYS A 168 -6.22 0.91 -23.01
C LYS A 168 -6.98 1.40 -21.77
N THR A 169 -8.22 0.95 -21.60
CA THR A 169 -8.99 1.37 -20.42
C THR A 169 -8.39 0.81 -19.12
N ILE A 170 -7.82 -0.38 -19.15
CA ILE A 170 -7.18 -0.91 -17.95
C ILE A 170 -6.05 0.02 -17.52
N ARG A 171 -5.22 0.42 -18.49
CA ARG A 171 -4.09 1.29 -18.17
C ARG A 171 -4.58 2.66 -17.70
N ALA A 172 -5.64 3.18 -18.32
CA ALA A 172 -6.21 4.48 -17.91
C ALA A 172 -6.68 4.41 -16.46
N VAL A 173 -7.34 3.32 -16.10
CA VAL A 173 -7.86 3.14 -14.75
C VAL A 173 -6.74 2.91 -13.73
N ALA A 174 -5.73 2.13 -14.10
CA ALA A 174 -4.56 1.94 -13.24
C ALA A 174 -3.93 3.30 -12.91
N ARG A 175 -3.79 4.12 -13.93
CA ARG A 175 -3.18 5.43 -13.75
C ARG A 175 -4.07 6.36 -12.93
N ALA A 176 -5.38 6.20 -13.06
CA ALA A 176 -6.31 6.94 -12.22
C ALA A 176 -6.17 6.50 -10.76
N HIS A 177 -5.91 5.20 -10.55
CA HIS A 177 -5.62 4.77 -9.19
C HIS A 177 -4.37 5.45 -8.64
N HIS A 178 -3.32 5.52 -9.45
CA HIS A 178 -2.09 6.13 -8.95
C HIS A 178 -2.32 7.57 -8.49
N GLU A 179 -3.21 8.27 -9.20
CA GLU A 179 -3.51 9.68 -8.87
C GLU A 179 -4.43 9.85 -7.64
N THR A 180 -5.41 8.97 -7.49
CA THR A 180 -6.46 9.14 -6.48
C THR A 180 -6.35 8.21 -5.27
N LYS A 181 -5.67 7.07 -5.48
CA LYS A 181 -5.55 5.97 -4.53
C LYS A 181 -6.86 5.19 -4.29
N ALA A 182 -7.83 5.37 -5.18
CA ALA A 182 -9.11 4.66 -5.07
C ALA A 182 -8.94 3.16 -5.31
N PRO A 183 -9.76 2.35 -4.63
CA PRO A 183 -9.77 0.90 -4.86
C PRO A 183 -10.15 0.63 -6.30
N ILE A 184 -9.73 -0.53 -6.83
CA ILE A 184 -9.97 -0.88 -8.23
C ILE A 184 -10.86 -2.11 -8.28
N HIS A 185 -11.82 -2.11 -9.20
CA HIS A 185 -12.71 -3.26 -9.40
C HIS A 185 -12.64 -3.65 -10.86
N SER A 186 -12.71 -4.94 -11.15
CA SER A 186 -12.76 -5.35 -12.55
C SER A 186 -14.01 -6.20 -12.85
N HIS A 187 -14.50 -6.07 -14.08
CA HIS A 187 -15.46 -7.02 -14.60
C HIS A 187 -14.70 -8.09 -15.35
N THR A 188 -14.97 -9.36 -15.04
CA THR A 188 -14.51 -10.45 -15.90
C THR A 188 -15.75 -11.03 -16.56
N GLU A 189 -15.64 -11.31 -17.84
CA GLU A 189 -16.76 -11.89 -18.57
C GLU A 189 -16.74 -13.40 -18.33
N ALA A 190 -17.79 -13.91 -17.71
CA ALA A 190 -17.86 -15.34 -17.35
C ALA A 190 -16.65 -15.75 -16.52
N GLY A 191 -16.11 -14.81 -15.76
CA GLY A 191 -15.00 -15.15 -14.87
C GLY A 191 -13.68 -15.45 -15.56
N THR A 192 -13.54 -15.00 -16.81
CA THR A 192 -12.31 -15.23 -17.56
C THR A 192 -11.35 -14.03 -17.52
N MET A 193 -10.08 -14.33 -17.78
CA MET A 193 -9.04 -13.34 -18.04
C MET A 193 -8.47 -12.66 -16.79
N ALA A 194 -8.78 -13.19 -15.61
CA ALA A 194 -8.26 -12.57 -14.39
C ALA A 194 -6.74 -12.49 -14.38
N LEU A 195 -6.07 -13.58 -14.78
CA LEU A 195 -4.61 -13.59 -14.73
C LEU A 195 -3.99 -12.62 -15.73
N GLU A 196 -4.65 -12.45 -16.87
CA GLU A 196 -4.18 -11.48 -17.86
C GLU A 196 -4.44 -10.04 -17.42
N GLN A 197 -5.57 -9.79 -16.78
CA GLN A 197 -5.82 -8.49 -16.17
C GLN A 197 -4.69 -8.18 -15.20
N ILE A 198 -4.37 -9.16 -14.37
CA ILE A 198 -3.34 -9.00 -13.35
C ILE A 198 -1.98 -8.66 -13.97
N GLU A 199 -1.64 -9.28 -15.10
CA GLU A 199 -0.36 -8.99 -15.73
C GLU A 199 -0.29 -7.54 -16.19
N ILE A 200 -1.39 -7.02 -16.74
CA ILE A 200 -1.40 -5.62 -17.17
C ILE A 200 -1.26 -4.70 -15.96
N LEU A 201 -1.95 -5.02 -14.89
CA LEU A 201 -1.86 -4.21 -13.67
C LEU A 201 -0.44 -4.25 -13.10
N LYS A 202 0.22 -5.39 -13.20
CA LYS A 202 1.60 -5.48 -12.73
C LYS A 202 2.53 -4.60 -13.55
N GLN A 203 2.30 -4.54 -14.87
CA GLN A 203 3.07 -3.63 -15.72
C GLN A 203 2.84 -2.18 -15.30
N GLU A 204 1.64 -1.89 -14.80
CA GLU A 204 1.29 -0.54 -14.37
C GLU A 204 1.63 -0.29 -12.90
N ASN A 205 2.37 -1.22 -12.30
CA ASN A 205 2.84 -1.08 -10.93
C ASN A 205 1.74 -0.94 -9.89
N ILE A 206 0.67 -1.72 -10.07
CA ILE A 206 -0.46 -1.73 -9.16
C ILE A 206 -0.37 -2.91 -8.18
N PRO A 207 -0.29 -2.62 -6.87
CA PRO A 207 -0.38 -3.71 -5.90
C PRO A 207 -1.71 -4.46 -6.04
N LEU A 208 -1.65 -5.77 -6.17
CA LEU A 208 -2.84 -6.54 -6.53
C LEU A 208 -3.89 -6.62 -5.41
N GLU A 209 -3.46 -6.34 -4.17
CA GLU A 209 -4.42 -6.33 -3.09
C GLU A 209 -5.31 -5.07 -3.15
N TYR A 210 -5.04 -4.18 -4.10
CA TYR A 210 -5.88 -3.02 -4.33
C TYR A 210 -7.01 -3.30 -5.31
N LEU A 211 -7.08 -4.53 -5.78
CA LEU A 211 -8.05 -4.92 -6.81
C LEU A 211 -9.08 -5.90 -6.25
N SER A 212 -10.36 -5.70 -6.57
CA SER A 212 -11.34 -6.78 -6.40
C SER A 212 -11.79 -7.22 -7.79
N ILE A 213 -11.83 -8.53 -7.98
CA ILE A 213 -12.16 -9.06 -9.31
C ILE A 213 -13.59 -9.58 -9.29
N GLY A 214 -14.42 -8.98 -10.13
CA GLY A 214 -15.83 -9.34 -10.20
C GLY A 214 -16.08 -10.65 -10.93
N HIS A 215 -17.20 -11.29 -10.56
CA HIS A 215 -17.73 -12.47 -11.27
C HIS A 215 -16.85 -13.72 -11.19
N MET A 216 -16.10 -13.88 -10.11
CA MET A 216 -15.30 -15.08 -9.94
C MET A 216 -16.16 -16.35 -9.81
N ASP A 217 -17.41 -16.16 -9.40
CA ASP A 217 -18.37 -17.26 -9.29
C ASP A 217 -18.80 -17.83 -10.64
N ARG A 218 -18.40 -17.17 -11.73
CA ARG A 218 -18.79 -17.65 -13.07
C ARG A 218 -17.83 -18.72 -13.60
N ASN A 219 -16.67 -18.86 -12.95
CA ASN A 219 -15.65 -19.80 -13.41
C ASN A 219 -15.17 -20.57 -12.18
N LEU A 220 -15.93 -21.61 -11.82
CA LEU A 220 -15.75 -22.28 -10.53
C LEU A 220 -14.66 -23.34 -10.64
N ASP A 221 -13.42 -22.86 -10.59
CA ASP A 221 -12.25 -23.67 -10.88
C ASP A 221 -11.27 -23.46 -9.74
N PRO A 222 -11.08 -24.48 -8.89
CA PRO A 222 -10.23 -24.31 -7.68
C PRO A 222 -8.81 -23.87 -7.99
N TYR A 223 -8.20 -24.47 -9.01
CA TYR A 223 -6.82 -24.18 -9.37
C TYR A 223 -6.68 -22.73 -9.81
N TYR A 224 -7.57 -22.30 -10.71
CA TYR A 224 -7.63 -20.91 -11.16
C TYR A 224 -7.92 -19.96 -10.00
N HIS A 225 -8.91 -20.28 -9.16
CA HIS A 225 -9.21 -19.42 -8.02
C HIS A 225 -8.01 -19.25 -7.11
N LYS A 226 -7.27 -20.33 -6.86
CA LYS A 226 -6.08 -20.26 -6.02
C LYS A 226 -4.96 -19.44 -6.67
N GLN A 227 -4.81 -19.57 -7.99
CA GLN A 227 -3.85 -18.72 -8.73
C GLN A 227 -4.19 -17.24 -8.52
N VAL A 228 -5.46 -16.90 -8.64
CA VAL A 228 -5.87 -15.52 -8.45
C VAL A 228 -5.66 -15.09 -7.00
N ALA A 229 -6.11 -15.92 -6.08
CA ALA A 229 -6.05 -15.57 -4.66
C ALA A 229 -4.63 -15.35 -4.17
N LYS A 230 -3.68 -16.11 -4.71
CA LYS A 230 -2.28 -15.98 -4.29
C LYS A 230 -1.71 -14.59 -4.53
N THR A 231 -2.29 -13.83 -5.45
CA THR A 231 -1.81 -12.48 -5.75
C THR A 231 -2.21 -11.48 -4.67
N GLY A 232 -3.21 -11.84 -3.87
CA GLY A 232 -3.73 -10.95 -2.85
C GLY A 232 -4.99 -10.22 -3.24
N ALA A 233 -5.39 -10.32 -4.51
CA ALA A 233 -6.62 -9.70 -4.98
C ALA A 233 -7.85 -10.19 -4.22
N PHE A 234 -8.81 -9.28 -4.08
CA PHE A 234 -10.11 -9.63 -3.57
C PHE A 234 -10.88 -10.36 -4.68
N MET A 235 -11.71 -11.30 -4.28
CA MET A 235 -12.45 -12.13 -5.24
C MET A 235 -13.91 -12.04 -4.94
N SER A 236 -14.67 -11.51 -5.90
CA SER A 236 -16.07 -11.22 -5.70
C SER A 236 -16.93 -12.37 -6.22
N PHE A 237 -17.67 -13.00 -5.31
CA PHE A 237 -18.68 -13.98 -5.67
C PHE A 237 -20.01 -13.24 -5.69
N ASP A 238 -20.41 -12.77 -6.87
CA ASP A 238 -21.52 -11.82 -6.95
C ASP A 238 -22.68 -12.34 -7.78
N GLY A 239 -22.70 -13.65 -8.00
CA GLY A 239 -23.81 -14.28 -8.69
C GLY A 239 -24.67 -15.12 -7.77
N ILE A 240 -24.74 -14.77 -6.48
CA ILE A 240 -25.58 -15.48 -5.54
C ILE A 240 -27.00 -15.56 -6.06
N ALA A 241 -27.59 -16.76 -5.94
CA ALA A 241 -28.95 -17.05 -6.38
C ALA A 241 -29.11 -17.22 -7.89
N LYS A 242 -28.03 -17.06 -8.64
CA LYS A 242 -28.14 -17.18 -10.10
C LYS A 242 -28.06 -18.63 -10.54
N ILE A 243 -29.17 -19.35 -10.31
CA ILE A 243 -29.24 -20.78 -10.57
C ILE A 243 -28.98 -21.12 -12.03
N LYS A 244 -29.30 -20.18 -12.92
CA LYS A 244 -29.04 -20.40 -14.34
C LYS A 244 -27.54 -20.57 -14.64
N TYR A 245 -26.69 -20.07 -13.76
CA TYR A 245 -25.24 -20.23 -13.95
C TYR A 245 -24.71 -21.42 -13.15
N ALA A 246 -25.19 -21.58 -11.93
CA ALA A 246 -24.74 -22.68 -11.07
C ALA A 246 -25.69 -22.82 -9.89
N PRO A 247 -25.80 -24.03 -9.32
CA PRO A 247 -26.57 -24.17 -8.09
C PRO A 247 -25.84 -23.49 -6.95
N GLU A 248 -26.57 -23.05 -5.94
CA GLU A 248 -25.95 -22.33 -4.84
C GLU A 248 -24.86 -23.16 -4.17
N SER A 249 -25.09 -24.46 -4.04
CA SER A 249 -24.10 -25.36 -3.48
C SER A 249 -22.73 -25.26 -4.15
N ALA A 250 -22.72 -25.01 -5.46
CA ALA A 250 -21.47 -24.92 -6.20
C ALA A 250 -20.70 -23.64 -5.84
N ARG A 251 -21.42 -22.54 -5.73
CA ARG A 251 -20.79 -21.29 -5.30
C ARG A 251 -20.24 -21.46 -3.88
N ILE A 252 -21.04 -22.03 -3.01
CA ILE A 252 -20.65 -22.17 -1.61
C ILE A 252 -19.43 -23.09 -1.49
N ALA A 253 -19.41 -24.18 -2.26
CA ALA A 253 -18.26 -25.08 -2.26
C ALA A 253 -16.96 -24.35 -2.67
N ALA A 254 -17.07 -23.48 -3.66
CA ALA A 254 -15.91 -22.75 -4.19
C ALA A 254 -15.40 -21.78 -3.13
N ILE A 255 -16.33 -21.11 -2.46
CA ILE A 255 -15.97 -20.20 -1.37
C ILE A 255 -15.23 -20.97 -0.27
N LEU A 256 -15.80 -22.10 0.13
CA LEU A 256 -15.22 -22.88 1.22
C LEU A 256 -13.87 -23.50 0.85
N TYR A 257 -13.67 -23.80 -0.43
CA TYR A 257 -12.33 -24.22 -0.86
C TYR A 257 -11.31 -23.12 -0.61
N LEU A 258 -11.66 -21.89 -1.00
CA LEU A 258 -10.75 -20.78 -0.80
C LEU A 258 -10.51 -20.56 0.71
N VAL A 259 -11.57 -20.70 1.50
CA VAL A 259 -11.39 -20.59 2.96
C VAL A 259 -10.43 -21.66 3.45
N SER A 260 -10.61 -22.89 2.98
CA SER A 260 -9.74 -23.98 3.41
C SER A 260 -8.27 -23.75 3.02
N GLU A 261 -8.04 -22.98 1.95
CA GLU A 261 -6.68 -22.74 1.50
C GLU A 261 -6.07 -21.48 2.11
N GLY A 262 -6.82 -20.83 3.00
CA GLY A 262 -6.31 -19.71 3.76
C GLY A 262 -6.63 -18.32 3.22
N PHE A 263 -7.61 -18.24 2.31
CA PHE A 263 -7.90 -16.98 1.64
C PHE A 263 -9.21 -16.34 2.08
N GLU A 264 -9.70 -16.67 3.27
CA GLU A 264 -11.00 -16.17 3.70
C GLU A 264 -11.08 -14.64 3.74
N ASP A 265 -9.94 -13.97 3.93
CA ASP A 265 -9.93 -12.53 4.07
C ASP A 265 -10.06 -11.81 2.73
N GLN A 266 -10.12 -12.57 1.63
CA GLN A 266 -10.17 -11.97 0.30
C GLN A 266 -11.52 -12.14 -0.38
N ILE A 267 -12.45 -12.83 0.28
CA ILE A 267 -13.76 -13.13 -0.32
C ILE A 267 -14.80 -12.00 -0.11
N LEU A 268 -15.41 -11.58 -1.21
CA LEU A 268 -16.52 -10.63 -1.17
C LEU A 268 -17.74 -11.29 -1.77
N VAL A 269 -18.93 -10.83 -1.38
CA VAL A 269 -20.18 -11.46 -1.80
C VAL A 269 -21.23 -10.42 -2.18
N SER A 270 -21.96 -10.69 -3.26
CA SER A 270 -23.05 -9.81 -3.68
C SER A 270 -23.95 -10.55 -4.66
N GLY A 271 -24.95 -9.86 -5.19
CA GLY A 271 -25.93 -10.48 -6.07
C GLY A 271 -25.96 -9.93 -7.48
N ASP A 272 -25.20 -8.87 -7.72
CA ASP A 272 -25.15 -8.25 -9.03
C ASP A 272 -26.55 -8.14 -9.61
N THR A 273 -27.42 -7.47 -8.86
CA THR A 273 -28.85 -7.44 -9.13
C THR A 273 -29.16 -6.43 -10.23
N ALA A 274 -29.17 -6.90 -11.47
CA ALA A 274 -29.15 -5.99 -12.61
C ALA A 274 -30.42 -6.02 -13.44
N ARG A 275 -31.42 -6.78 -13.00
CA ARG A 275 -32.63 -6.99 -13.78
C ARG A 275 -33.90 -6.69 -12.99
N LYS A 276 -34.94 -6.23 -13.70
CA LYS A 276 -36.25 -6.06 -13.09
C LYS A 276 -36.70 -7.38 -12.45
N THR A 277 -36.46 -8.48 -13.16
CA THR A 277 -36.87 -9.80 -12.69
C THR A 277 -36.05 -10.28 -11.49
N TYR A 278 -35.00 -9.53 -11.14
CA TYR A 278 -34.19 -9.86 -9.97
C TYR A 278 -34.63 -9.05 -8.75
N TYR A 279 -35.20 -7.88 -8.99
CA TYR A 279 -35.69 -7.02 -7.91
C TYR A 279 -37.04 -7.51 -7.41
N LYS A 280 -37.20 -7.53 -6.10
CA LYS A 280 -38.45 -7.92 -5.48
C LYS A 280 -39.57 -6.98 -5.92
N HIS A 281 -39.28 -5.68 -5.91
CA HIS A 281 -40.33 -4.69 -6.12
C HIS A 281 -40.49 -4.21 -7.57
N TYR A 282 -39.76 -4.82 -8.49
CA TYR A 282 -40.07 -4.68 -9.90
C TYR A 282 -40.79 -5.96 -10.32
N GLY A 283 -40.02 -7.03 -10.54
CA GLY A 283 -40.57 -8.27 -11.07
C GLY A 283 -40.71 -9.43 -10.10
N HIS A 284 -40.73 -9.15 -8.81
CA HIS A 284 -40.95 -10.17 -7.79
C HIS A 284 -39.86 -11.24 -7.76
N GLY A 285 -38.62 -10.82 -8.04
CA GLY A 285 -37.48 -11.70 -7.94
C GLY A 285 -36.95 -11.72 -6.52
N PRO A 286 -35.78 -12.34 -6.32
CA PRO A 286 -35.25 -12.55 -4.97
C PRO A 286 -34.98 -11.23 -4.25
N GLY A 287 -34.60 -10.20 -5.00
CA GLY A 287 -34.45 -8.86 -4.46
C GLY A 287 -33.20 -8.64 -3.64
N LEU A 288 -32.99 -7.40 -3.22
CA LEU A 288 -31.87 -7.08 -2.34
C LEU A 288 -32.02 -7.69 -0.95
N GLU A 289 -33.21 -8.21 -0.64
CA GLU A 289 -33.40 -8.88 0.65
C GLU A 289 -32.74 -10.26 0.65
N TYR A 290 -32.60 -10.85 -0.53
CA TYR A 290 -32.27 -12.27 -0.61
C TYR A 290 -31.02 -12.69 0.17
N ILE A 291 -29.90 -12.02 -0.10
CA ILE A 291 -28.64 -12.48 0.49
C ILE A 291 -28.66 -12.39 2.02
N ALA A 292 -29.02 -11.24 2.55
CA ALA A 292 -29.11 -11.05 4.00
C ALA A 292 -30.15 -11.97 4.64
N LYS A 293 -31.29 -12.13 3.98
CA LYS A 293 -32.42 -12.83 4.58
C LYS A 293 -32.34 -14.35 4.48
N LYS A 294 -31.90 -14.84 3.33
CA LYS A 294 -31.95 -16.27 3.03
C LYS A 294 -30.58 -16.92 2.83
N TRP A 295 -29.68 -16.27 2.09
CA TRP A 295 -28.39 -16.89 1.82
C TRP A 295 -27.51 -17.00 3.06
N VAL A 296 -27.48 -15.94 3.85
CA VAL A 296 -26.65 -15.91 5.04
C VAL A 296 -26.96 -17.07 6.01
N PRO A 297 -28.24 -17.23 6.39
CA PRO A 297 -28.55 -18.35 7.29
C PRO A 297 -28.18 -19.71 6.69
N ARG A 298 -28.38 -19.88 5.40
CA ARG A 298 -28.02 -21.16 4.77
C ARG A 298 -26.52 -21.36 4.78
N PHE A 299 -25.77 -20.32 4.40
CA PHE A 299 -24.32 -20.43 4.39
C PHE A 299 -23.77 -20.75 5.78
N ILE A 300 -24.27 -20.05 6.79
CA ILE A 300 -23.82 -20.30 8.15
C ILE A 300 -24.06 -21.76 8.51
N ASP A 301 -25.27 -22.25 8.24
CA ASP A 301 -25.63 -23.62 8.58
C ASP A 301 -24.77 -24.63 7.84
N GLU A 302 -24.65 -24.45 6.52
CA GLU A 302 -23.88 -25.38 5.72
C GLU A 302 -22.39 -25.34 6.08
N ALA A 303 -21.83 -24.14 6.25
CA ALA A 303 -20.44 -24.03 6.66
C ALA A 303 -20.19 -24.69 8.00
N ASN A 304 -21.08 -24.43 8.96
CA ASN A 304 -21.01 -25.05 10.27
C ASN A 304 -21.03 -26.57 10.15
N GLU A 305 -21.94 -27.09 9.32
CA GLU A 305 -22.05 -28.53 9.12
C GLU A 305 -20.75 -29.10 8.56
N LYS A 306 -20.07 -28.34 7.71
CA LYS A 306 -18.84 -28.82 7.10
C LYS A 306 -17.59 -28.51 7.93
N GLY A 307 -17.78 -27.98 9.13
CA GLY A 307 -16.66 -27.81 10.05
C GLY A 307 -16.04 -26.42 10.08
N PHE A 308 -16.64 -25.47 9.38
CA PHE A 308 -16.12 -24.11 9.37
C PHE A 308 -16.80 -23.26 10.45
N ASP A 309 -16.31 -22.04 10.65
CA ASP A 309 -16.95 -21.09 11.55
C ASP A 309 -17.83 -20.18 10.72
N GLY A 310 -19.06 -20.61 10.48
CA GLY A 310 -19.95 -19.91 9.55
C GLY A 310 -20.21 -18.46 9.90
N GLU A 311 -20.45 -18.20 11.18
CA GLU A 311 -20.74 -16.84 11.61
C GLU A 311 -19.53 -15.92 11.41
N LYS A 312 -18.35 -16.43 11.73
CA LYS A 312 -17.12 -15.65 11.55
C LYS A 312 -16.90 -15.33 10.07
N LEU A 313 -17.14 -16.31 9.22
CA LEU A 313 -16.95 -16.13 7.78
C LEU A 313 -17.91 -15.10 7.23
N VAL A 314 -19.17 -15.14 7.66
CA VAL A 314 -20.14 -14.15 7.21
C VAL A 314 -19.70 -12.74 7.64
N LYS A 315 -19.17 -12.62 8.85
CA LYS A 315 -18.67 -11.33 9.29
C LYS A 315 -17.52 -10.84 8.40
N LYS A 316 -16.63 -11.75 8.00
CA LYS A 316 -15.57 -11.39 7.08
C LYS A 316 -16.10 -11.01 5.70
N PHE A 317 -16.97 -11.83 5.11
CA PHE A 317 -17.41 -11.57 3.75
C PHE A 317 -18.16 -10.24 3.60
N PHE A 318 -18.96 -9.89 4.60
CA PHE A 318 -19.83 -8.72 4.47
C PHE A 318 -19.42 -7.52 5.31
N VAL A 319 -18.48 -7.71 6.23
CA VAL A 319 -18.04 -6.59 7.06
C VAL A 319 -16.53 -6.35 6.98
N ASP A 320 -15.74 -7.29 7.48
CA ASP A 320 -14.28 -7.09 7.56
C ASP A 320 -13.63 -6.93 6.19
N ASN A 321 -13.97 -7.81 5.26
CA ASN A 321 -13.33 -7.79 3.94
C ASN A 321 -13.66 -6.54 3.11
N PRO A 322 -14.95 -6.17 3.02
CA PRO A 322 -15.27 -4.91 2.33
C PRO A 322 -14.60 -3.70 3.00
N ALA A 323 -14.49 -3.70 4.32
CA ALA A 323 -13.82 -2.58 5.01
C ALA A 323 -12.35 -2.48 4.62
N ARG A 324 -11.71 -3.62 4.36
CA ARG A 324 -10.33 -3.62 3.91
C ARG A 324 -10.22 -3.26 2.43
N CYS A 325 -11.13 -3.79 1.62
CA CYS A 325 -11.05 -3.63 0.17
C CYS A 325 -11.36 -2.19 -0.28
N PHE A 326 -12.42 -1.61 0.27
CA PHE A 326 -12.94 -0.36 -0.29
C PHE A 326 -12.34 0.93 0.30
N THR A 327 -11.37 0.79 1.19
CA THR A 327 -10.67 1.97 1.69
C THR A 327 -9.72 2.49 0.63
N PHE A 328 -9.61 3.81 0.52
CA PHE A 328 -8.60 4.43 -0.32
C PHE A 328 -7.21 4.05 0.17
N LYS A 329 -6.25 4.01 -0.74
CA LYS A 329 -4.93 3.47 -0.38
C LYS A 329 -3.95 4.58 -0.02
N LYS A 330 -4.25 5.28 1.07
CA LYS A 330 -3.39 6.37 1.54
C LYS A 330 -3.54 6.51 3.05
N SER B 2 61.88 23.48 -5.45
CA SER B 2 60.44 23.66 -5.23
C SER B 2 60.17 25.04 -4.65
N PHE B 3 58.89 25.38 -4.52
CA PHE B 3 58.53 26.74 -4.12
C PHE B 3 57.10 26.82 -3.60
N ILE B 4 56.80 27.94 -2.95
CA ILE B 4 55.43 28.31 -2.59
C ILE B 4 55.03 29.51 -3.43
N ARG B 5 53.85 29.44 -4.03
CA ARG B 5 53.38 30.51 -4.91
C ARG B 5 52.55 31.55 -4.17
N THR B 6 53.11 32.75 -4.03
CA THR B 6 52.41 33.85 -3.37
C THR B 6 51.95 34.88 -4.41
N PHE B 7 51.14 35.84 -3.99
CA PHE B 7 50.65 36.86 -4.91
C PHE B 7 51.79 37.61 -5.58
N TYR B 8 52.89 37.81 -4.86
CA TYR B 8 54.01 38.58 -5.42
C TYR B 8 55.24 37.75 -5.78
N GLY B 9 55.04 36.46 -6.01
CA GLY B 9 56.10 35.64 -6.56
C GLY B 9 56.23 34.27 -5.91
N ASP B 10 57.03 33.41 -6.54
CA ASP B 10 57.29 32.08 -5.99
C ASP B 10 58.48 32.20 -5.06
N ILE B 11 58.32 31.71 -3.83
CA ILE B 11 59.34 31.87 -2.81
C ILE B 11 59.86 30.52 -2.32
N ALA B 12 61.02 30.52 -1.68
CA ALA B 12 61.57 29.29 -1.11
C ALA B 12 60.76 28.94 0.12
N PRO B 13 60.64 27.64 0.43
CA PRO B 13 59.91 27.25 1.64
C PRO B 13 60.42 27.93 2.89
N GLU B 14 61.73 28.13 2.96
CA GLU B 14 62.37 28.77 4.10
C GLU B 14 61.91 30.23 4.28
N GLN B 15 61.37 30.83 3.21
CA GLN B 15 60.91 32.21 3.26
C GLN B 15 59.45 32.36 3.71
N LEU B 16 58.76 31.23 3.87
CA LEU B 16 57.33 31.29 4.22
C LEU B 16 57.13 31.86 5.63
N GLY B 17 57.97 31.42 6.58
CA GLY B 17 57.90 31.90 7.94
C GLY B 17 56.60 31.55 8.65
N PHE B 18 56.29 32.31 9.69
CA PHE B 18 55.12 32.07 10.53
C PHE B 18 53.84 32.27 9.71
N THR B 19 53.01 31.23 9.64
CA THR B 19 51.92 31.19 8.68
C THR B 19 50.58 30.80 9.33
N TYR B 20 49.54 31.56 9.02
CA TYR B 20 48.15 31.15 9.29
C TYR B 20 47.65 30.41 8.05
N SER B 21 47.23 29.15 8.22
CA SER B 21 46.96 28.25 7.09
C SER B 21 45.58 28.30 6.44
N HIS B 22 44.64 29.05 7.01
CA HIS B 22 43.31 29.15 6.42
C HIS B 22 42.61 30.40 6.92
N GLU B 23 42.59 31.44 6.10
CA GLU B 23 41.95 32.69 6.49
C GLU B 23 41.14 33.30 5.35
N HIS B 24 40.42 34.38 5.67
CA HIS B 24 39.78 35.22 4.67
C HIS B 24 40.11 36.66 5.05
N ILE B 25 40.25 37.52 4.04
CA ILE B 25 40.78 38.86 4.29
C ILE B 25 39.85 39.94 3.75
N VAL B 26 39.58 39.89 2.46
CA VAL B 26 38.58 40.77 1.86
C VAL B 26 37.73 39.93 0.92
N CYS B 27 36.44 39.85 1.20
CA CYS B 27 35.57 39.00 0.42
C CYS B 27 34.10 39.37 0.59
N VAL B 28 33.35 39.27 -0.50
CA VAL B 28 31.93 39.58 -0.53
C VAL B 28 31.14 38.45 -1.19
N PRO B 29 30.99 37.32 -0.47
CA PRO B 29 30.32 36.13 -1.01
C PRO B 29 28.94 36.45 -1.55
N ALA B 30 28.69 36.17 -2.83
CA ALA B 30 27.40 36.50 -3.44
C ALA B 30 26.22 35.92 -2.67
N TYR B 31 26.32 34.64 -2.34
CA TYR B 31 25.24 33.94 -1.63
C TYR B 31 24.81 34.68 -0.36
N TRP B 32 25.80 35.15 0.42
CA TRP B 32 25.50 35.86 1.65
C TRP B 32 25.08 37.31 1.40
N GLN B 33 25.72 37.94 0.42
CA GLN B 33 25.37 39.30 0.05
C GLN B 33 23.90 39.39 -0.36
N GLU B 34 23.45 38.39 -1.12
CA GLU B 34 22.07 38.36 -1.61
C GLU B 34 21.06 38.11 -0.49
N ARG B 35 21.55 37.64 0.66
CA ARG B 35 20.68 37.35 1.80
C ARG B 35 20.86 38.36 2.92
N ASP B 36 21.60 39.43 2.62
CA ASP B 36 21.80 40.51 3.58
C ASP B 36 22.50 40.04 4.85
N ALA B 37 23.26 38.95 4.73
CA ALA B 37 24.09 38.48 5.85
C ALA B 37 25.38 39.31 5.93
N ASP B 38 25.24 40.56 6.35
CA ASP B 38 26.34 41.53 6.32
C ASP B 38 27.58 41.12 7.12
N ASP B 39 27.39 40.36 8.19
CA ASP B 39 28.53 39.98 9.03
C ASP B 39 29.51 39.07 8.28
N LEU B 40 29.04 38.44 7.22
CA LEU B 40 29.89 37.54 6.44
C LEU B 40 30.54 38.24 5.25
N LEU B 41 30.41 39.56 5.20
CA LEU B 41 31.06 40.33 4.15
C LEU B 41 32.24 41.11 4.72
N LEU B 42 33.45 40.71 4.34
CA LEU B 42 34.63 41.46 4.73
C LEU B 42 34.87 42.47 3.62
N ASP B 43 34.19 43.61 3.72
CA ASP B 43 34.03 44.50 2.57
C ASP B 43 34.72 45.85 2.71
N ASP B 44 35.71 45.94 3.59
CA ASP B 44 36.46 47.18 3.79
C ASP B 44 37.96 46.93 3.80
N LYS B 45 38.61 47.19 2.67
CA LYS B 45 40.05 46.94 2.55
C LYS B 45 40.89 47.52 3.70
N GLU B 46 40.62 48.76 4.09
CA GLU B 46 41.46 49.38 5.13
C GLU B 46 41.26 48.74 6.50
N LYS B 47 40.03 48.31 6.79
CA LYS B 47 39.76 47.65 8.07
C LYS B 47 40.45 46.28 8.11
N SER B 48 40.30 45.53 7.02
CA SER B 48 40.97 44.24 6.90
C SER B 48 42.47 44.42 7.08
N GLN B 49 43.00 45.47 6.45
CA GLN B 49 44.44 45.72 6.52
C GLN B 49 44.94 45.97 7.94
N LEU B 50 44.14 46.65 8.76
CA LEU B 50 44.57 46.87 10.13
C LEU B 50 44.80 45.55 10.88
N ASP B 51 43.93 44.56 10.64
CA ASP B 51 44.12 43.25 11.25
C ASP B 51 45.37 42.55 10.71
N VAL B 52 45.57 42.59 9.41
CA VAL B 52 46.78 42.01 8.81
C VAL B 52 48.04 42.69 9.37
N GLN B 53 47.97 44.01 9.57
CA GLN B 53 49.10 44.71 10.16
C GLN B 53 49.37 44.26 11.59
N ASP B 54 48.32 43.95 12.35
CA ASP B 54 48.53 43.42 13.70
C ASP B 54 49.32 42.11 13.66
N PHE B 55 48.95 41.25 12.71
CA PHE B 55 49.63 39.97 12.49
C PHE B 55 51.10 40.23 12.17
N ALA B 56 51.36 41.14 11.23
CA ALA B 56 52.72 41.52 10.89
C ALA B 56 53.50 42.03 12.11
N ASP B 57 52.88 42.91 12.89
CA ASP B 57 53.52 43.47 14.08
C ASP B 57 53.89 42.40 15.10
N LEU B 58 53.18 41.27 15.09
CA LEU B 58 53.44 40.18 16.02
C LEU B 58 54.44 39.16 15.47
N GLY B 59 54.97 39.41 14.27
CA GLY B 59 55.95 38.51 13.70
C GLY B 59 55.39 37.54 12.68
N GLY B 60 54.11 37.70 12.33
CA GLY B 60 53.51 36.88 11.28
C GLY B 60 54.13 37.20 9.93
N LYS B 61 54.23 36.20 9.05
CA LYS B 61 54.86 36.39 7.73
C LYS B 61 53.95 36.09 6.55
N THR B 62 53.08 35.09 6.70
CA THR B 62 52.26 34.62 5.61
C THR B 62 50.83 34.29 6.05
N ILE B 63 49.87 34.63 5.21
CA ILE B 63 48.50 34.18 5.38
C ILE B 63 48.06 33.44 4.14
N VAL B 64 47.54 32.23 4.34
CA VAL B 64 46.90 31.48 3.26
C VAL B 64 45.45 31.93 3.20
N ASP B 65 45.09 32.60 2.11
CA ASP B 65 43.75 33.13 1.91
C ASP B 65 42.91 32.10 1.16
N ALA B 66 41.96 31.48 1.86
CA ALA B 66 41.22 30.35 1.33
C ALA B 66 39.99 30.75 0.53
N THR B 67 39.85 32.04 0.24
CA THR B 67 38.68 32.55 -0.49
C THR B 67 38.67 32.03 -1.94
N ALA B 68 37.66 31.25 -2.27
CA ALA B 68 37.54 30.61 -3.59
C ALA B 68 36.59 31.41 -4.50
N VAL B 69 36.41 30.95 -5.73
CA VAL B 69 35.66 31.74 -6.72
C VAL B 69 34.19 31.98 -6.34
N ASP B 70 33.62 31.04 -5.60
CA ASP B 70 32.23 31.15 -5.14
C ASP B 70 32.06 32.00 -3.87
N TYR B 71 33.16 32.56 -3.36
CA TYR B 71 33.10 33.30 -2.10
C TYR B 71 33.43 34.79 -2.28
N GLY B 72 33.24 35.30 -3.49
CA GLY B 72 33.29 36.74 -3.72
C GLY B 72 34.65 37.37 -3.50
N ARG B 73 35.66 36.88 -4.23
CA ARG B 73 37.01 37.39 -4.06
C ARG B 73 37.14 38.89 -4.34
N ARG B 74 38.07 39.51 -3.64
CA ARG B 74 38.48 40.88 -3.95
C ARG B 74 40.00 40.86 -4.06
N VAL B 75 40.48 40.22 -5.12
CA VAL B 75 41.91 39.93 -5.26
C VAL B 75 42.77 41.18 -5.26
N LEU B 76 42.31 42.23 -5.95
CA LEU B 76 43.10 43.45 -6.03
C LEU B 76 43.26 44.08 -4.65
N ASP B 77 42.22 44.03 -3.84
CA ASP B 77 42.29 44.57 -2.48
C ASP B 77 43.28 43.77 -1.64
N VAL B 78 43.22 42.45 -1.75
CA VAL B 78 44.12 41.61 -0.96
C VAL B 78 45.57 41.82 -1.41
N ALA B 79 45.80 41.94 -2.70
CA ALA B 79 47.13 42.21 -3.22
C ALA B 79 47.67 43.53 -2.66
N GLN B 80 46.81 44.55 -2.62
CA GLN B 80 47.23 45.85 -2.10
C GLN B 80 47.59 45.75 -0.61
N ILE B 81 46.80 45.00 0.14
CA ILE B 81 47.10 44.77 1.55
C ILE B 81 48.46 44.07 1.73
N SER B 82 48.71 43.07 0.90
CA SER B 82 50.00 42.37 0.93
C SER B 82 51.13 43.38 0.69
N LYS B 83 50.97 44.19 -0.34
CA LYS B 83 51.98 45.20 -0.70
C LYS B 83 52.26 46.16 0.45
N GLU B 84 51.21 46.67 1.10
CA GLU B 84 51.39 47.68 2.15
C GLU B 84 51.89 47.11 3.48
N THR B 85 51.48 45.88 3.81
CA THR B 85 51.84 45.30 5.10
C THR B 85 53.11 44.45 5.05
N GLY B 86 53.46 43.98 3.87
CA GLY B 86 54.59 43.08 3.73
C GLY B 86 54.26 41.62 3.99
N ILE B 87 53.01 41.34 4.34
CA ILE B 87 52.59 39.96 4.57
C ILE B 87 52.42 39.24 3.25
N GLN B 88 52.99 38.05 3.15
CA GLN B 88 52.87 37.22 1.96
C GLN B 88 51.50 36.55 1.94
N ILE B 89 50.87 36.53 0.78
CA ILE B 89 49.55 35.91 0.62
C ILE B 89 49.63 34.73 -0.34
N VAL B 90 49.14 33.58 0.10
CA VAL B 90 48.95 32.45 -0.80
C VAL B 90 47.47 32.41 -1.16
N GLY B 91 47.16 32.64 -2.42
CA GLY B 91 45.78 32.65 -2.88
C GLY B 91 45.26 31.27 -3.22
N THR B 92 43.95 31.14 -3.35
CA THR B 92 43.33 29.85 -3.53
C THR B 92 42.45 29.80 -4.77
N ALA B 93 42.72 28.82 -5.63
CA ALA B 93 41.92 28.58 -6.81
C ALA B 93 40.85 27.53 -6.51
N GLY B 94 39.76 27.53 -7.29
CA GLY B 94 38.78 26.46 -7.16
C GLY B 94 37.50 26.88 -6.45
N PHE B 95 36.96 25.97 -5.65
CA PHE B 95 35.59 26.08 -5.15
C PHE B 95 35.56 25.88 -3.63
N ASN B 96 34.59 26.50 -2.96
CA ASN B 96 34.50 26.43 -1.50
C ASN B 96 33.47 25.41 -0.98
N LYS B 97 32.23 25.54 -1.43
CA LYS B 97 31.14 24.66 -0.96
C LYS B 97 29.84 24.89 -1.77
N SER B 98 29.12 23.82 -2.03
CA SER B 98 28.03 23.84 -3.01
C SER B 98 26.84 24.73 -2.66
N PHE B 99 26.56 24.95 -1.38
CA PHE B 99 25.42 25.80 -1.05
C PHE B 99 25.60 27.23 -1.56
N LEU B 100 26.85 27.67 -1.64
CA LEU B 100 27.18 28.99 -2.17
C LEU B 100 26.82 29.16 -3.64
N TRP B 101 26.62 28.06 -4.35
CA TRP B 101 26.52 28.11 -5.82
C TRP B 101 25.21 28.68 -6.31
N ASP B 102 24.28 28.93 -5.40
CA ASP B 102 23.05 29.60 -5.75
C ASP B 102 23.33 31.06 -6.08
N GLY B 103 24.46 31.56 -5.59
CA GLY B 103 24.86 32.94 -5.77
C GLY B 103 25.01 33.31 -7.24
N LYS B 104 24.77 34.58 -7.53
CA LYS B 104 24.88 35.08 -8.90
C LYS B 104 26.33 35.35 -9.30
N ILE B 105 26.65 35.04 -10.55
CA ILE B 105 27.98 35.26 -11.08
C ILE B 105 28.19 36.73 -11.41
N LYS B 106 29.22 37.32 -10.85
CA LYS B 106 29.49 38.74 -11.07
C LYS B 106 29.93 38.98 -12.52
N PRO B 107 29.68 40.21 -13.02
CA PRO B 107 29.99 40.56 -14.40
C PRO B 107 31.45 40.29 -14.75
N GLU B 108 32.34 40.56 -13.82
CA GLU B 108 33.78 40.39 -14.04
C GLU B 108 34.18 38.95 -14.36
N LEU B 109 33.37 37.98 -13.93
CA LEU B 109 33.71 36.58 -14.15
C LEU B 109 33.24 36.05 -15.50
N LYS B 110 32.24 36.70 -16.07
CA LYS B 110 31.60 36.16 -17.27
C LYS B 110 32.55 35.98 -18.45
N PRO B 111 33.44 36.95 -18.67
CA PRO B 111 34.44 36.79 -19.73
C PRO B 111 35.34 35.58 -19.48
N ILE B 112 35.45 35.16 -18.22
CA ILE B 112 36.36 34.08 -17.86
C ILE B 112 35.70 32.69 -17.86
N ILE B 113 34.55 32.58 -17.20
CA ILE B 113 33.89 31.28 -17.08
C ILE B 113 32.74 31.08 -18.06
N GLY B 114 32.16 32.16 -18.54
CA GLY B 114 31.06 32.06 -19.48
C GLY B 114 29.83 32.82 -19.03
N ASP B 115 28.86 32.94 -19.92
CA ASP B 115 27.64 33.69 -19.59
C ASP B 115 26.64 32.82 -18.84
N PHE B 116 26.91 32.62 -17.55
CA PHE B 116 26.02 31.85 -16.69
C PHE B 116 25.45 32.75 -15.60
N GLU B 117 24.22 32.47 -15.19
CA GLU B 117 23.56 33.28 -14.17
C GLU B 117 24.13 33.03 -12.77
N THR B 118 24.24 31.75 -12.43
CA THR B 118 24.71 31.33 -11.11
C THR B 118 25.86 30.35 -11.22
N TYR B 119 26.57 30.11 -10.13
CA TYR B 119 27.62 29.11 -10.12
C TYR B 119 27.08 27.71 -10.42
N TYR B 120 25.89 27.41 -9.90
CA TYR B 120 25.27 26.11 -10.16
C TYR B 120 25.10 25.90 -11.67
N GLU B 121 24.65 26.93 -12.37
CA GLU B 121 24.42 26.79 -13.80
C GLU B 121 25.74 26.52 -14.50
N TRP B 122 26.77 27.29 -14.13
CA TRP B 122 28.10 27.14 -14.69
C TRP B 122 28.65 25.72 -14.50
N ILE B 123 28.68 25.28 -13.25
CA ILE B 123 29.27 23.99 -12.91
C ILE B 123 28.48 22.80 -13.49
N GLU B 124 27.16 22.92 -13.50
CA GLU B 124 26.31 21.87 -14.04
C GLU B 124 26.51 21.72 -15.56
N ASN B 125 26.73 22.83 -16.24
CA ASN B 125 26.76 22.83 -17.70
C ASN B 125 28.14 22.86 -18.32
N THR B 126 29.17 22.76 -17.48
CA THR B 126 30.55 22.80 -17.95
C THR B 126 31.22 21.44 -17.71
N THR B 127 31.97 20.96 -18.69
CA THR B 127 32.60 19.65 -18.57
C THR B 127 33.67 19.69 -17.49
N THR B 128 33.96 18.53 -16.91
CA THR B 128 35.00 18.43 -15.90
C THR B 128 36.32 18.99 -16.43
N ASP B 129 36.64 18.69 -17.69
CA ASP B 129 37.88 19.18 -18.28
C ASP B 129 37.95 20.70 -18.36
N LYS B 130 36.83 21.33 -18.67
CA LYS B 130 36.79 22.78 -18.73
C LYS B 130 36.83 23.40 -17.34
N LEU B 131 36.28 22.70 -16.35
CA LEU B 131 36.42 23.17 -14.97
C LEU B 131 37.88 23.11 -14.54
N THR B 132 38.55 22.01 -14.89
CA THR B 132 39.97 21.88 -14.65
C THR B 132 40.74 23.04 -15.29
N GLU B 133 40.41 23.35 -16.54
CA GLU B 133 41.07 24.45 -17.25
C GLU B 133 40.95 25.76 -16.46
N PHE B 134 39.76 26.02 -15.93
CA PHE B 134 39.52 27.21 -15.13
C PHE B 134 40.44 27.27 -13.91
N VAL B 135 40.54 26.16 -13.20
CA VAL B 135 41.38 26.10 -12.00
C VAL B 135 42.86 26.26 -12.37
N VAL B 136 43.29 25.55 -13.41
CA VAL B 136 44.67 25.66 -13.87
C VAL B 136 45.04 27.11 -14.21
N ASN B 137 44.14 27.79 -14.89
CA ASN B 137 44.39 29.18 -15.29
C ASN B 137 44.55 30.11 -14.09
N GLU B 138 43.79 29.87 -13.03
CA GLU B 138 43.90 30.67 -11.81
C GLU B 138 45.29 30.54 -11.19
N VAL B 139 45.87 29.34 -11.30
CA VAL B 139 47.17 29.02 -10.73
C VAL B 139 48.32 29.53 -11.61
N GLU B 140 48.17 29.33 -12.92
CA GLU B 140 49.24 29.60 -13.87
C GLU B 140 49.25 31.02 -14.44
N ASN B 141 48.07 31.62 -14.58
CA ASN B 141 47.95 32.93 -15.20
C ASN B 141 47.53 34.02 -14.23
N GLY B 142 46.56 33.72 -13.37
CA GLY B 142 46.10 34.69 -12.41
C GLY B 142 44.65 34.52 -12.01
N LEU B 143 44.32 35.01 -10.81
CA LEU B 143 42.95 34.94 -10.32
C LEU B 143 42.08 36.05 -10.93
N GLU B 144 40.94 35.65 -11.51
CA GLU B 144 39.90 36.60 -11.91
C GLU B 144 40.36 37.80 -12.75
N GLY B 145 41.15 37.53 -13.78
CA GLY B 145 41.61 38.59 -14.67
C GLY B 145 42.79 39.41 -14.16
N THR B 146 43.24 39.13 -12.94
CA THR B 146 44.41 39.82 -12.39
C THR B 146 45.67 39.02 -12.65
N PRO B 147 46.84 39.63 -12.40
CA PRO B 147 48.11 38.92 -12.54
C PRO B 147 48.50 38.18 -11.27
N TYR B 148 47.62 38.11 -10.28
CA TYR B 148 47.96 37.49 -9.01
C TYR B 148 47.54 36.04 -9.00
N LYS B 149 48.53 35.14 -9.02
CA LYS B 149 48.27 33.72 -9.18
C LYS B 149 47.97 33.03 -7.85
N ALA B 150 47.12 32.02 -7.91
CA ALA B 150 46.83 31.20 -6.74
C ALA B 150 47.96 30.21 -6.47
N GLY B 151 48.12 29.86 -5.19
CA GLY B 151 49.15 28.93 -4.78
C GLY B 151 48.63 27.63 -4.24
N GLN B 152 47.31 27.44 -4.25
CA GLN B 152 46.73 26.16 -3.91
C GLN B 152 45.38 26.00 -4.62
N VAL B 153 44.90 24.76 -4.71
CA VAL B 153 43.63 24.50 -5.37
C VAL B 153 42.69 23.87 -4.36
N KCX B 154 41.42 24.28 -4.41
CA KCX B 154 40.46 23.85 -3.38
CB KCX B 154 40.16 25.09 -2.50
CG KCX B 154 39.15 24.90 -1.37
CD KCX B 154 38.91 26.22 -0.65
CE KCX B 154 38.01 26.08 0.60
NZ KCX B 154 37.79 27.37 1.24
C KCX B 154 39.15 23.31 -3.90
O KCX B 154 38.68 23.70 -4.97
CX KCX B 154 37.27 27.49 2.49
OQ1 KCX B 154 36.92 28.67 2.91
OQ2 KCX B 154 36.99 26.43 3.19
N PHE B 155 38.57 22.39 -3.13
CA PHE B 155 37.20 21.92 -3.37
C PHE B 155 36.52 21.81 -2.00
N GLY B 156 35.20 21.62 -2.01
CA GLY B 156 34.46 21.49 -0.76
C GLY B 156 33.27 20.57 -0.87
N THR B 157 32.91 19.94 0.24
CA THR B 157 31.77 19.01 0.26
C THR B 157 30.78 19.41 1.36
N GLY B 158 29.62 18.77 1.38
CA GLY B 158 28.55 19.22 2.26
C GLY B 158 28.47 18.45 3.55
N TYR B 159 27.44 18.76 4.34
CA TYR B 159 27.29 18.11 5.62
C TYR B 159 26.88 16.64 5.46
N ASN B 160 27.81 15.74 5.76
CA ASN B 160 27.57 14.31 5.62
C ASN B 160 27.14 13.91 4.21
N MET B 161 27.59 14.65 3.21
CA MET B 161 27.29 14.27 1.83
C MET B 161 28.36 14.75 0.88
N ILE B 162 28.54 13.99 -0.19
CA ILE B 162 29.28 14.44 -1.35
C ILE B 162 28.29 14.28 -2.50
N THR B 163 27.78 15.38 -3.00
CA THR B 163 26.81 15.34 -4.08
C THR B 163 27.53 15.05 -5.40
N PRO B 164 26.78 14.65 -6.43
CA PRO B 164 27.42 14.43 -7.73
C PRO B 164 28.16 15.66 -8.24
N LEU B 165 27.59 16.84 -8.07
CA LEU B 165 28.23 18.06 -8.55
C LEU B 165 29.49 18.37 -7.73
N GLU B 166 29.42 18.13 -6.42
CA GLU B 166 30.60 18.31 -5.58
C GLU B 166 31.69 17.36 -6.04
N GLU B 167 31.33 16.10 -6.27
CA GLU B 167 32.27 15.11 -6.75
C GLU B 167 32.94 15.55 -8.06
N LYS B 168 32.15 16.08 -8.98
CA LYS B 168 32.68 16.64 -10.22
C LYS B 168 33.77 17.69 -9.95
N THR B 169 33.53 18.59 -9.01
CA THR B 169 34.55 19.60 -8.70
C THR B 169 35.79 18.98 -8.06
N ILE B 170 35.62 17.93 -7.27
CA ILE B 170 36.78 17.26 -6.68
C ILE B 170 37.68 16.69 -7.78
N ARG B 171 37.07 16.02 -8.75
CA ARG B 171 37.83 15.45 -9.85
C ARG B 171 38.46 16.54 -10.71
N ALA B 172 37.76 17.64 -10.92
CA ALA B 172 38.32 18.76 -11.68
C ALA B 172 39.56 19.33 -10.99
N VAL B 173 39.49 19.47 -9.67
CA VAL B 173 40.60 20.02 -8.90
C VAL B 173 41.78 19.05 -8.83
N ALA B 174 41.48 17.77 -8.65
CA ALA B 174 42.50 16.72 -8.68
C ALA B 174 43.28 16.81 -10.00
N ARG B 175 42.54 16.96 -11.09
CA ARG B 175 43.18 17.00 -12.39
C ARG B 175 43.97 18.30 -12.59
N ALA B 176 43.50 19.38 -11.97
CA ALA B 176 44.24 20.63 -12.00
C ALA B 176 45.54 20.48 -11.23
N HIS B 177 45.53 19.71 -10.14
CA HIS B 177 46.78 19.43 -9.44
C HIS B 177 47.74 18.69 -10.36
N HIS B 178 47.25 17.69 -11.08
CA HIS B 178 48.15 16.90 -11.93
C HIS B 178 48.87 17.80 -12.94
N GLU B 179 48.17 18.83 -13.40
CA GLU B 179 48.69 19.74 -14.41
C GLU B 179 49.67 20.78 -13.83
N THR B 180 49.39 21.25 -12.62
CA THR B 180 50.14 22.37 -12.03
C THR B 180 51.07 21.96 -10.89
N LYS B 181 50.75 20.82 -10.27
CA LYS B 181 51.42 20.34 -9.06
C LYS B 181 51.15 21.20 -7.82
N ALA B 182 50.13 22.05 -7.88
CA ALA B 182 49.78 22.90 -6.73
C ALA B 182 49.25 22.07 -5.57
N PRO B 183 49.52 22.50 -4.32
CA PRO B 183 48.95 21.82 -3.15
C PRO B 183 47.42 21.87 -3.19
N ILE B 184 46.76 20.92 -2.52
CA ILE B 184 45.31 20.83 -2.55
C ILE B 184 44.74 21.08 -1.16
N HIS B 185 43.65 21.84 -1.07
CA HIS B 185 42.97 22.09 0.21
C HIS B 185 41.51 21.68 0.07
N SER B 186 40.91 21.13 1.12
CA SER B 186 39.49 20.85 1.04
C SER B 186 38.72 21.50 2.18
N HIS B 187 37.49 21.88 1.87
CA HIS B 187 36.52 22.27 2.89
C HIS B 187 35.76 21.01 3.29
N THR B 188 35.71 20.72 4.59
CA THR B 188 34.75 19.73 5.07
C THR B 188 33.67 20.51 5.84
N GLU B 189 32.43 20.13 5.64
CA GLU B 189 31.34 20.80 6.35
C GLU B 189 31.20 20.14 7.71
N ALA B 190 31.43 20.92 8.76
CA ALA B 190 31.44 20.39 10.13
C ALA B 190 32.41 19.21 10.28
N GLY B 191 33.48 19.20 9.49
CA GLY B 191 34.49 18.18 9.67
C GLY B 191 34.08 16.80 9.18
N THR B 192 33.04 16.74 8.34
CA THR B 192 32.54 15.47 7.82
C THR B 192 33.09 15.16 6.43
N MET B 193 33.10 13.87 6.11
CA MET B 193 33.37 13.33 4.78
C MET B 193 34.84 13.29 4.34
N ALA B 194 35.77 13.49 5.28
CA ALA B 194 37.18 13.42 4.90
C ALA B 194 37.56 12.10 4.25
N LEU B 195 37.06 10.99 4.78
CA LEU B 195 37.46 9.69 4.28
C LEU B 195 36.89 9.44 2.88
N GLU B 196 35.70 9.96 2.64
CA GLU B 196 35.10 9.87 1.31
C GLU B 196 35.78 10.78 0.29
N GLN B 197 36.16 11.99 0.71
CA GLN B 197 36.99 12.86 -0.14
C GLN B 197 38.27 12.12 -0.53
N ILE B 198 38.91 11.53 0.48
CA ILE B 198 40.15 10.78 0.25
C ILE B 198 39.98 9.66 -0.77
N GLU B 199 38.84 8.95 -0.73
CA GLU B 199 38.62 7.86 -1.66
C GLU B 199 38.55 8.36 -3.10
N ILE B 200 37.89 9.50 -3.29
CA ILE B 200 37.82 10.10 -4.62
C ILE B 200 39.20 10.55 -5.10
N LEU B 201 39.98 11.12 -4.20
CA LEU B 201 41.34 11.54 -4.55
C LEU B 201 42.21 10.34 -4.91
N LYS B 202 42.01 9.23 -4.21
CA LYS B 202 42.74 8.00 -4.55
C LYS B 202 42.38 7.50 -5.95
N GLN B 203 41.10 7.59 -6.31
CA GLN B 203 40.70 7.21 -7.66
C GLN B 203 41.41 8.09 -8.69
N GLU B 204 41.65 9.35 -8.32
CA GLU B 204 42.30 10.31 -9.21
C GLU B 204 43.82 10.30 -9.08
N ASN B 205 44.34 9.27 -8.40
CA ASN B 205 45.78 9.08 -8.25
C ASN B 205 46.51 10.25 -7.60
N ILE B 206 45.90 10.80 -6.56
CA ILE B 206 46.48 11.92 -5.82
C ILE B 206 47.14 11.44 -4.53
N PRO B 207 48.45 11.66 -4.38
CA PRO B 207 49.10 11.33 -3.10
C PRO B 207 48.47 12.15 -1.99
N LEU B 208 48.05 11.51 -0.91
CA LEU B 208 47.24 12.19 0.11
C LEU B 208 48.04 13.19 0.92
N GLU B 209 49.36 13.07 0.92
CA GLU B 209 50.19 14.08 1.58
C GLU B 209 50.20 15.41 0.83
N TYR B 210 49.59 15.46 -0.35
CA TYR B 210 49.46 16.70 -1.11
C TYR B 210 48.20 17.48 -0.71
N LEU B 211 47.44 16.91 0.23
CA LEU B 211 46.15 17.50 0.64
C LEU B 211 46.20 18.04 2.07
N SER B 212 45.61 19.21 2.29
CA SER B 212 45.29 19.65 3.66
C SER B 212 43.77 19.70 3.77
N ILE B 213 43.26 19.16 4.87
CA ILE B 213 41.82 19.05 5.08
C ILE B 213 41.37 20.08 6.09
N GLY B 214 40.52 20.99 5.63
CA GLY B 214 40.04 22.07 6.47
C GLY B 214 38.98 21.62 7.47
N HIS B 215 38.89 22.37 8.57
CA HIS B 215 37.83 22.23 9.56
C HIS B 215 37.81 20.90 10.33
N MET B 216 38.99 20.28 10.51
CA MET B 216 39.06 19.04 11.27
C MET B 216 38.68 19.26 12.73
N ASP B 217 38.80 20.51 13.19
CA ASP B 217 38.43 20.89 14.55
C ASP B 217 36.91 20.85 14.78
N ARG B 218 36.11 20.70 13.73
CA ARG B 218 34.65 20.65 13.89
C ARG B 218 34.13 19.26 14.26
N ASN B 219 34.99 18.26 14.14
CA ASN B 219 34.61 16.87 14.38
C ASN B 219 35.70 16.26 15.25
N LEU B 220 35.63 16.51 16.55
CA LEU B 220 36.71 16.17 17.48
C LEU B 220 36.61 14.73 17.92
N ASP B 221 37.07 13.85 17.06
CA ASP B 221 36.89 12.41 17.22
C ASP B 221 38.24 11.77 17.00
N PRO B 222 38.87 11.26 18.07
CA PRO B 222 40.23 10.72 17.99
C PRO B 222 40.38 9.61 16.95
N TYR B 223 39.41 8.71 16.90
CA TYR B 223 39.48 7.57 16.01
C TYR B 223 39.45 8.04 14.55
N TYR B 224 38.49 8.90 14.24
CA TYR B 224 38.38 9.52 12.92
C TYR B 224 39.63 10.34 12.56
N HIS B 225 40.11 11.16 13.49
CA HIS B 225 41.31 11.95 13.24
C HIS B 225 42.49 11.05 12.90
N LYS B 226 42.63 9.95 13.63
CA LYS B 226 43.73 9.02 13.37
C LYS B 226 43.58 8.32 12.00
N GLN B 227 42.36 7.95 11.63
CA GLN B 227 42.11 7.40 10.30
C GLN B 227 42.57 8.36 9.21
N VAL B 228 42.22 9.64 9.38
CA VAL B 228 42.64 10.65 8.40
C VAL B 228 44.15 10.84 8.42
N ALA B 229 44.71 10.96 9.60
CA ALA B 229 46.13 11.23 9.76
C ALA B 229 47.00 10.12 9.15
N LYS B 230 46.55 8.87 9.27
CA LYS B 230 47.32 7.75 8.73
C LYS B 230 47.54 7.82 7.21
N THR B 231 46.69 8.56 6.50
CA THR B 231 46.85 8.72 5.06
C THR B 231 48.00 9.65 4.69
N GLY B 232 48.46 10.44 5.66
CA GLY B 232 49.49 11.44 5.42
C GLY B 232 48.97 12.84 5.12
N ALA B 233 47.65 12.99 5.01
CA ALA B 233 47.07 14.30 4.78
C ALA B 233 47.38 15.26 5.91
N PHE B 234 47.53 16.54 5.56
CA PHE B 234 47.59 17.59 6.56
C PHE B 234 46.19 17.82 7.12
N MET B 235 46.13 18.18 8.39
CA MET B 235 44.86 18.37 9.08
C MET B 235 44.81 19.76 9.67
N SER B 236 43.86 20.54 9.19
CA SER B 236 43.77 21.94 9.58
C SER B 236 42.82 22.14 10.75
N PHE B 237 43.37 22.62 11.86
CA PHE B 237 42.55 23.03 13.01
C PHE B 237 42.37 24.54 12.89
N ASP B 238 41.27 24.95 12.25
CA ASP B 238 41.15 26.36 11.85
C ASP B 238 39.96 27.07 12.49
N GLY B 239 39.45 26.49 13.57
CA GLY B 239 38.39 27.13 14.32
C GLY B 239 38.85 27.63 15.68
N ILE B 240 40.14 27.98 15.78
CA ILE B 240 40.66 28.53 17.03
C ILE B 240 39.78 29.68 17.51
N ALA B 241 39.48 29.68 18.81
CA ALA B 241 38.68 30.73 19.45
C ALA B 241 37.18 30.62 19.19
N LYS B 242 36.76 29.64 18.41
CA LYS B 242 35.35 29.52 18.09
C LYS B 242 34.60 28.72 19.16
N ILE B 243 34.37 29.40 20.29
CA ILE B 243 33.77 28.78 21.45
C ILE B 243 32.38 28.26 21.19
N LYS B 244 31.69 28.85 20.21
CA LYS B 244 30.36 28.41 19.85
C LYS B 244 30.39 26.98 19.32
N TYR B 245 31.55 26.56 18.83
CA TYR B 245 31.71 25.19 18.34
C TYR B 245 32.30 24.25 19.38
N ALA B 246 33.28 24.73 20.15
CA ALA B 246 33.95 23.94 21.18
C ALA B 246 34.80 24.85 22.04
N PRO B 247 35.02 24.47 23.32
CA PRO B 247 35.97 25.25 24.12
C PRO B 247 37.37 25.02 23.59
N GLU B 248 38.28 25.96 23.84
CA GLU B 248 39.64 25.84 23.30
C GLU B 248 40.33 24.57 23.80
N SER B 249 40.07 24.23 25.05
CA SER B 249 40.62 23.02 25.65
C SER B 249 40.35 21.77 24.81
N ALA B 250 39.19 21.73 24.16
CA ALA B 250 38.80 20.57 23.37
C ALA B 250 39.61 20.49 22.08
N ARG B 251 39.82 21.63 21.43
CA ARG B 251 40.67 21.67 20.23
C ARG B 251 42.10 21.28 20.61
N ILE B 252 42.59 21.83 21.72
CA ILE B 252 43.96 21.59 22.12
C ILE B 252 44.17 20.11 22.48
N ALA B 253 43.20 19.53 23.17
CA ALA B 253 43.23 18.10 23.48
C ALA B 253 43.32 17.23 22.23
N ALA B 254 42.57 17.59 21.20
CA ALA B 254 42.56 16.83 19.95
C ALA B 254 43.90 16.94 19.22
N ILE B 255 44.46 18.15 19.21
CA ILE B 255 45.80 18.36 18.66
C ILE B 255 46.82 17.51 19.38
N LEU B 256 46.81 17.57 20.71
CA LEU B 256 47.79 16.81 21.50
C LEU B 256 47.61 15.30 21.37
N TYR B 257 46.38 14.82 21.18
CA TYR B 257 46.19 13.41 20.87
C TYR B 257 46.92 13.03 19.59
N LEU B 258 46.76 13.84 18.55
CA LEU B 258 47.45 13.55 17.29
C LEU B 258 48.96 13.59 17.48
N VAL B 259 49.43 14.56 18.25
CA VAL B 259 50.86 14.62 18.56
C VAL B 259 51.29 13.33 19.25
N SER B 260 50.53 12.90 20.26
CA SER B 260 50.87 11.69 21.00
C SER B 260 50.90 10.45 20.11
N GLU B 261 50.16 10.46 19.01
CA GLU B 261 50.11 9.31 18.12
C GLU B 261 51.10 9.42 16.97
N GLY B 262 51.92 10.46 16.99
CA GLY B 262 53.01 10.59 16.05
C GLY B 262 52.76 11.45 14.82
N PHE B 263 51.69 12.24 14.83
CA PHE B 263 51.28 12.98 13.65
C PHE B 263 51.54 14.48 13.74
N GLU B 264 52.45 14.90 14.62
CA GLU B 264 52.69 16.33 14.81
C GLU B 264 53.07 17.08 13.54
N ASP B 265 53.69 16.39 12.58
CA ASP B 265 54.17 17.05 11.37
C ASP B 265 53.04 17.34 10.37
N GLN B 266 51.84 16.92 10.71
CA GLN B 266 50.70 17.08 9.79
C GLN B 266 49.68 18.12 10.27
N ILE B 267 49.94 18.72 11.43
CA ILE B 267 48.98 19.67 12.00
C ILE B 267 49.17 21.12 11.49
N LEU B 268 48.08 21.72 11.03
CA LEU B 268 48.07 23.13 10.65
C LEU B 268 47.05 23.85 11.52
N VAL B 269 47.25 25.16 11.70
CA VAL B 269 46.42 25.95 12.60
C VAL B 269 46.05 27.30 12.00
N SER B 270 44.81 27.71 12.20
CA SER B 270 44.36 29.01 11.73
C SER B 270 43.05 29.35 12.43
N GLY B 271 42.44 30.45 12.02
CA GLY B 271 41.25 30.96 12.68
C GLY B 271 40.04 31.07 11.78
N ASP B 272 40.24 30.87 10.48
CA ASP B 272 39.15 30.96 9.51
C ASP B 272 38.28 32.18 9.79
N THR B 273 38.93 33.34 9.78
CA THR B 273 38.35 34.59 10.26
C THR B 273 37.47 35.21 9.18
N ALA B 274 36.20 34.80 9.18
CA ALA B 274 35.34 35.06 8.03
C ALA B 274 34.27 36.11 8.29
N ARG B 275 34.27 36.69 9.48
CA ARG B 275 33.20 37.60 9.89
C ARG B 275 33.70 38.96 10.35
N LYS B 276 32.91 40.00 10.11
CA LYS B 276 33.20 41.32 10.67
C LYS B 276 33.38 41.19 12.18
N THR B 277 32.49 40.44 12.82
CA THR B 277 32.52 40.27 14.27
C THR B 277 33.73 39.46 14.75
N TYR B 278 34.46 38.86 13.81
CA TYR B 278 35.69 38.15 14.14
C TYR B 278 36.93 39.05 14.00
N TYR B 279 36.85 40.05 13.14
CA TYR B 279 37.96 40.98 12.94
C TYR B 279 38.02 42.02 14.06
N LYS B 280 39.23 42.32 14.51
CA LYS B 280 39.41 43.32 15.56
C LYS B 280 38.94 44.68 15.06
N HIS B 281 39.32 45.02 13.83
CA HIS B 281 39.11 46.38 13.33
C HIS B 281 37.85 46.56 12.50
N TYR B 282 37.00 45.53 12.48
CA TYR B 282 35.63 45.73 12.01
C TYR B 282 34.75 45.77 13.25
N GLY B 283 34.50 44.58 13.83
CA GLY B 283 33.56 44.47 14.94
C GLY B 283 34.15 44.17 16.31
N HIS B 284 35.44 44.41 16.48
CA HIS B 284 36.09 44.25 17.78
C HIS B 284 36.14 42.82 18.28
N GLY B 285 36.24 41.89 17.34
CA GLY B 285 36.43 40.48 17.64
C GLY B 285 37.89 40.17 17.93
N PRO B 286 38.22 38.88 18.08
CA PRO B 286 39.56 38.49 18.50
C PRO B 286 40.63 38.91 17.48
N GLY B 287 40.24 38.95 16.21
CA GLY B 287 41.12 39.48 15.17
C GLY B 287 42.22 38.55 14.72
N LEU B 288 42.94 38.94 13.68
CA LEU B 288 44.10 38.19 13.21
C LEU B 288 45.22 38.22 14.25
N GLU B 289 45.12 39.09 15.25
CA GLU B 289 46.12 39.11 16.31
C GLU B 289 45.97 37.92 17.24
N TYR B 290 44.75 37.37 17.34
CA TYR B 290 44.45 36.45 18.43
C TYR B 290 45.37 35.25 18.54
N ILE B 291 45.56 34.53 17.44
CA ILE B 291 46.30 33.27 17.53
C ILE B 291 47.75 33.49 17.95
N ALA B 292 48.45 34.39 17.25
CA ALA B 292 49.84 34.69 17.58
C ALA B 292 49.98 35.28 18.98
N LYS B 293 49.04 36.14 19.36
CA LYS B 293 49.18 36.91 20.60
C LYS B 293 48.72 36.15 21.85
N LYS B 294 47.63 35.40 21.74
CA LYS B 294 47.00 34.81 22.91
C LYS B 294 46.98 33.28 22.89
N TRP B 295 46.66 32.70 21.74
CA TRP B 295 46.57 31.24 21.68
C TRP B 295 47.93 30.57 21.83
N VAL B 296 48.93 31.08 21.10
CA VAL B 296 50.27 30.49 21.13
C VAL B 296 50.83 30.38 22.55
N PRO B 297 50.82 31.48 23.31
CA PRO B 297 51.33 31.38 24.70
C PRO B 297 50.54 30.37 25.54
N ARG B 298 49.22 30.33 25.40
CA ARG B 298 48.45 29.35 26.16
C ARG B 298 48.79 27.92 25.74
N PHE B 299 48.86 27.68 24.43
CA PHE B 299 49.15 26.32 23.97
C PHE B 299 50.50 25.82 24.46
N ILE B 300 51.51 26.68 24.36
CA ILE B 300 52.84 26.34 24.83
C ILE B 300 52.79 25.95 26.30
N ASP B 301 52.15 26.78 27.11
CA ASP B 301 52.05 26.56 28.54
C ASP B 301 51.30 25.25 28.84
N GLU B 302 50.14 25.08 28.21
CA GLU B 302 49.33 23.90 28.45
C GLU B 302 50.03 22.62 27.96
N ALA B 303 50.63 22.67 26.77
CA ALA B 303 51.35 21.52 26.24
C ALA B 303 52.55 21.17 27.14
N ASN B 304 53.30 22.20 27.55
CA ASN B 304 54.40 22.00 28.49
C ASN B 304 53.90 21.33 29.76
N GLU B 305 52.79 21.82 30.30
CA GLU B 305 52.24 21.24 31.53
C GLU B 305 51.92 19.76 31.33
N LYS B 306 51.43 19.41 30.15
CA LYS B 306 51.02 18.04 29.89
C LYS B 306 52.18 17.16 29.43
N GLY B 307 53.38 17.71 29.40
CA GLY B 307 54.57 16.93 29.11
C GLY B 307 55.06 16.94 27.67
N PHE B 308 54.51 17.84 26.87
CA PHE B 308 54.97 17.96 25.49
C PHE B 308 55.99 19.08 25.35
N ASP B 309 56.60 19.19 24.17
CA ASP B 309 57.50 20.30 23.89
C ASP B 309 56.71 21.41 23.19
N GLY B 310 56.10 22.30 23.99
CA GLY B 310 55.19 23.29 23.46
C GLY B 310 55.81 24.20 22.39
N GLU B 311 57.00 24.68 22.66
CA GLU B 311 57.68 25.58 21.74
C GLU B 311 57.99 24.89 20.40
N LYS B 312 58.45 23.65 20.47
CA LYS B 312 58.74 22.87 19.26
C LYS B 312 57.48 22.67 18.42
N LEU B 313 56.39 22.34 19.08
CA LEU B 313 55.14 22.07 18.39
C LEU B 313 54.62 23.33 17.69
N VAL B 314 54.71 24.47 18.37
CA VAL B 314 54.29 25.73 17.75
C VAL B 314 55.11 26.02 16.49
N LYS B 315 56.42 25.77 16.56
CA LYS B 315 57.26 25.95 15.39
C LYS B 315 56.81 25.04 14.23
N LYS B 316 56.43 23.80 14.55
CA LYS B 316 55.91 22.91 13.52
C LYS B 316 54.57 23.39 12.96
N PHE B 317 53.64 23.75 13.85
CA PHE B 317 52.29 24.07 13.37
C PHE B 317 52.29 25.30 12.46
N PHE B 318 53.11 26.29 12.80
CA PHE B 318 53.05 27.58 12.10
C PHE B 318 54.21 27.83 11.14
N VAL B 319 55.26 27.02 11.22
CA VAL B 319 56.41 27.21 10.34
C VAL B 319 56.76 25.96 9.53
N ASP B 320 57.26 24.92 10.18
CA ASP B 320 57.71 23.73 9.46
C ASP B 320 56.60 23.06 8.64
N ASN B 321 55.44 22.84 9.24
CA ASN B 321 54.36 22.14 8.56
C ASN B 321 53.78 22.91 7.36
N PRO B 322 53.47 24.20 7.53
CA PRO B 322 53.05 24.97 6.35
C PRO B 322 54.10 24.98 5.23
N ALA B 323 55.37 25.03 5.60
CA ALA B 323 56.43 25.04 4.59
C ALA B 323 56.44 23.72 3.82
N ARG B 324 56.08 22.63 4.47
CA ARG B 324 55.99 21.34 3.78
C ARG B 324 54.71 21.23 2.96
N CYS B 325 53.60 21.69 3.53
CA CYS B 325 52.29 21.56 2.89
C CYS B 325 52.13 22.43 1.64
N PHE B 326 52.54 23.70 1.73
CA PHE B 326 52.17 24.64 0.68
C PHE B 326 53.17 24.73 -0.49
N THR B 327 54.20 23.89 -0.48
CA THR B 327 55.13 23.84 -1.61
C THR B 327 54.48 23.12 -2.79
N PHE B 328 54.74 23.60 -4.00
CA PHE B 328 54.33 22.88 -5.21
C PHE B 328 55.05 21.54 -5.26
N LYS B 329 54.42 20.55 -5.87
CA LYS B 329 54.91 19.18 -5.78
C LYS B 329 55.76 18.85 -7.01
N LYS B 330 56.84 19.60 -7.17
CA LYS B 330 57.75 19.38 -8.30
C LYS B 330 59.18 19.73 -7.92
N SER C 2 3.69 -48.14 -42.37
CA SER C 2 2.50 -47.39 -41.95
C SER C 2 2.71 -45.90 -42.16
N PHE C 3 1.62 -45.16 -42.30
CA PHE C 3 1.74 -43.74 -42.59
C PHE C 3 0.57 -42.93 -42.09
N ILE C 4 0.79 -41.62 -42.06
CA ILE C 4 -0.26 -40.64 -41.77
C ILE C 4 -0.35 -39.76 -43.00
N ARG C 5 -1.58 -39.50 -43.46
CA ARG C 5 -1.77 -38.77 -44.71
C ARG C 5 -1.97 -37.28 -44.47
N THR C 6 -0.97 -36.48 -44.87
CA THR C 6 -1.03 -35.03 -44.71
C THR C 6 -1.24 -34.35 -46.06
N PHE C 7 -1.47 -33.04 -46.03
CA PHE C 7 -1.71 -32.29 -47.27
C PHE C 7 -0.55 -32.49 -48.24
N TYR C 8 0.67 -32.57 -47.71
CA TYR C 8 1.84 -32.63 -48.58
C TYR C 8 2.49 -34.01 -48.67
N GLY C 9 1.73 -35.04 -48.30
CA GLY C 9 2.19 -36.40 -48.53
C GLY C 9 2.03 -37.30 -47.33
N ASP C 10 2.28 -38.60 -47.57
CA ASP C 10 2.19 -39.59 -46.51
C ASP C 10 3.50 -39.62 -45.73
N ILE C 11 3.39 -39.51 -44.42
CA ILE C 11 4.57 -39.42 -43.56
C ILE C 11 4.63 -40.57 -42.56
N ALA C 12 5.85 -40.86 -42.09
CA ALA C 12 6.01 -41.85 -41.04
C ALA C 12 5.33 -41.33 -39.78
N PRO C 13 4.74 -42.24 -38.97
CA PRO C 13 4.08 -41.79 -37.74
C PRO C 13 5.04 -41.03 -36.82
N GLU C 14 6.31 -41.40 -36.80
CA GLU C 14 7.32 -40.73 -35.98
C GLU C 14 7.50 -39.26 -36.36
N GLN C 15 7.07 -38.90 -37.57
CA GLN C 15 7.22 -37.54 -38.07
C GLN C 15 6.05 -36.63 -37.69
N LEU C 16 4.99 -37.19 -37.13
CA LEU C 16 3.82 -36.37 -36.79
C LEU C 16 4.13 -35.32 -35.70
N GLY C 17 4.83 -35.74 -34.65
CA GLY C 17 5.21 -34.83 -33.59
C GLY C 17 4.05 -34.27 -32.79
N PHE C 18 4.27 -33.13 -32.14
CA PHE C 18 3.29 -32.50 -31.26
C PHE C 18 2.09 -32.03 -32.08
N THR C 19 0.90 -32.53 -31.73
CA THR C 19 -0.28 -32.42 -32.58
C THR C 19 -1.52 -31.94 -31.83
N TYR C 20 -2.22 -30.96 -32.42
CA TYR C 20 -3.58 -30.61 -31.97
C TYR C 20 -4.53 -31.46 -32.80
N SER C 21 -5.40 -32.21 -32.14
CA SER C 21 -6.17 -33.25 -32.81
C SER C 21 -7.54 -32.84 -33.40
N HIS C 22 -7.99 -31.61 -33.19
CA HIS C 22 -9.24 -31.17 -33.80
C HIS C 22 -9.30 -29.65 -33.84
N GLU C 23 -9.04 -29.08 -35.01
CA GLU C 23 -9.04 -27.63 -35.16
C GLU C 23 -9.72 -27.20 -36.46
N HIS C 24 -9.94 -25.90 -36.59
CA HIS C 24 -10.33 -25.30 -37.86
C HIS C 24 -9.38 -24.15 -38.10
N ILE C 25 -9.10 -23.87 -39.37
CA ILE C 25 -8.05 -22.92 -39.74
C ILE C 25 -8.57 -21.83 -40.68
N VAL C 26 -9.06 -22.22 -41.85
CA VAL C 26 -9.74 -21.28 -42.74
C VAL C 26 -11.01 -21.94 -43.25
N CYS C 27 -12.15 -21.33 -42.97
CA CYS C 27 -13.43 -21.94 -43.34
C CYS C 27 -14.56 -20.91 -43.29
N VAL C 28 -15.52 -21.09 -44.18
CA VAL C 28 -16.63 -20.18 -44.33
C VAL C 28 -17.92 -21.01 -44.43
N PRO C 29 -18.38 -21.54 -43.29
CA PRO C 29 -19.57 -22.40 -43.31
C PRO C 29 -20.80 -21.67 -43.82
N ALA C 30 -21.44 -22.21 -44.87
CA ALA C 30 -22.57 -21.55 -45.51
C ALA C 30 -23.72 -21.31 -44.53
N TYR C 31 -24.02 -22.29 -43.70
CA TYR C 31 -25.10 -22.15 -42.73
C TYR C 31 -24.94 -20.89 -41.89
N TRP C 32 -23.73 -20.65 -41.40
CA TRP C 32 -23.48 -19.48 -40.55
C TRP C 32 -23.37 -18.20 -41.35
N GLN C 33 -22.75 -18.28 -42.53
CA GLN C 33 -22.61 -17.09 -43.36
C GLN C 33 -23.98 -16.55 -43.73
N GLU C 34 -24.91 -17.46 -44.04
CA GLU C 34 -26.24 -17.08 -44.49
C GLU C 34 -27.05 -16.46 -43.35
N ARG C 35 -26.58 -16.66 -42.13
CA ARG C 35 -27.25 -16.12 -40.94
C ARG C 35 -26.48 -14.95 -40.34
N ASP C 36 -25.50 -14.45 -41.08
CA ASP C 36 -24.72 -13.29 -40.66
C ASP C 36 -23.95 -13.55 -39.36
N ALA C 37 -23.66 -14.82 -39.08
CA ALA C 37 -22.87 -15.16 -37.90
C ALA C 37 -21.38 -15.07 -38.24
N ASP C 38 -20.89 -13.84 -38.38
CA ASP C 38 -19.55 -13.57 -38.88
C ASP C 38 -18.45 -14.15 -37.99
N ASP C 39 -18.72 -14.30 -36.69
CA ASP C 39 -17.72 -14.83 -35.79
C ASP C 39 -17.33 -16.27 -36.16
N LEU C 40 -18.21 -16.98 -36.87
CA LEU C 40 -17.96 -18.39 -37.18
C LEU C 40 -17.31 -18.54 -38.56
N LEU C 41 -16.93 -17.42 -39.15
CA LEU C 41 -16.23 -17.45 -40.43
C LEU C 41 -14.75 -17.13 -40.21
N LEU C 42 -13.87 -18.12 -40.41
CA LEU C 42 -12.43 -17.89 -40.34
C LEU C 42 -12.02 -17.57 -41.76
N ASP C 43 -12.13 -16.30 -42.12
CA ASP C 43 -12.13 -15.92 -43.53
C ASP C 43 -10.96 -15.02 -43.93
N ASP C 44 -9.86 -15.09 -43.19
CA ASP C 44 -8.67 -14.31 -43.51
C ASP C 44 -7.43 -15.19 -43.38
N LYS C 45 -6.95 -15.69 -44.52
CA LYS C 45 -5.82 -16.59 -44.55
C LYS C 45 -4.63 -16.08 -43.76
N GLU C 46 -4.31 -14.80 -43.91
CA GLU C 46 -3.12 -14.27 -43.24
C GLU C 46 -3.29 -14.18 -41.73
N LYS C 47 -4.49 -13.85 -41.26
CA LYS C 47 -4.76 -13.84 -39.83
C LYS C 47 -4.71 -15.25 -39.22
N SER C 48 -5.33 -16.21 -39.90
CA SER C 48 -5.25 -17.60 -39.45
C SER C 48 -3.78 -18.01 -39.38
N GLN C 49 -3.01 -17.63 -40.38
CA GLN C 49 -1.62 -18.03 -40.47
C GLN C 49 -0.80 -17.55 -39.28
N LEU C 50 -1.11 -16.35 -38.78
CA LEU C 50 -0.39 -15.83 -37.61
C LEU C 50 -0.56 -16.74 -36.39
N ASP C 51 -1.77 -17.26 -36.17
CA ASP C 51 -1.99 -18.18 -35.05
C ASP C 51 -1.24 -19.49 -35.29
N VAL C 52 -1.31 -20.00 -36.52
CA VAL C 52 -0.60 -21.25 -36.80
C VAL C 52 0.91 -21.06 -36.60
N GLN C 53 1.41 -19.88 -36.98
CA GLN C 53 2.82 -19.55 -36.71
C GLN C 53 3.15 -19.54 -35.21
N ASP C 54 2.25 -19.01 -34.38
CA ASP C 54 2.45 -19.04 -32.93
C ASP C 54 2.63 -20.50 -32.47
N PHE C 55 1.79 -21.38 -32.99
CA PHE C 55 1.85 -22.79 -32.66
C PHE C 55 3.21 -23.37 -33.07
N ALA C 56 3.66 -23.03 -34.28
CA ALA C 56 4.95 -23.52 -34.77
C ALA C 56 6.08 -23.04 -33.84
N ASP C 57 5.96 -21.79 -33.41
CA ASP C 57 7.02 -21.17 -32.61
C ASP C 57 7.13 -21.82 -31.23
N LEU C 58 6.04 -22.42 -30.76
CA LEU C 58 6.00 -23.09 -29.47
C LEU C 58 6.43 -24.55 -29.57
N GLY C 59 6.71 -25.00 -30.79
CA GLY C 59 7.16 -26.37 -31.00
C GLY C 59 6.09 -27.30 -31.54
N GLY C 60 4.95 -26.74 -31.91
CA GLY C 60 3.90 -27.52 -32.55
C GLY C 60 4.36 -28.02 -33.90
N LYS C 61 3.85 -29.18 -34.31
CA LYS C 61 4.28 -29.80 -35.56
C LYS C 61 3.12 -30.09 -36.52
N THR C 62 1.97 -30.47 -35.97
CA THR C 62 0.85 -30.91 -36.81
C THR C 62 -0.48 -30.40 -36.25
N ILE C 63 -1.38 -30.02 -37.16
CA ILE C 63 -2.76 -29.71 -36.78
C ILE C 63 -3.69 -30.59 -37.59
N VAL C 64 -4.61 -31.27 -36.91
CA VAL C 64 -5.64 -32.00 -37.61
C VAL C 64 -6.81 -31.06 -37.86
N ASP C 65 -7.04 -30.73 -39.13
CA ASP C 65 -8.06 -29.78 -39.52
C ASP C 65 -9.37 -30.54 -39.79
N ALA C 66 -10.32 -30.40 -38.86
CA ALA C 66 -11.54 -31.21 -38.89
C ALA C 66 -12.65 -30.60 -39.76
N THR C 67 -12.30 -29.60 -40.57
CA THR C 67 -13.30 -28.94 -41.43
C THR C 67 -13.82 -29.86 -42.53
N ALA C 68 -15.10 -30.21 -42.46
CA ALA C 68 -15.70 -31.13 -43.43
C ALA C 68 -16.37 -30.37 -44.59
N VAL C 69 -16.91 -31.11 -45.54
CA VAL C 69 -17.37 -30.50 -46.81
C VAL C 69 -18.51 -29.50 -46.59
N ASP C 70 -19.34 -29.78 -45.59
CA ASP C 70 -20.49 -28.93 -45.29
C ASP C 70 -20.12 -27.68 -44.49
N TYR C 71 -18.84 -27.55 -44.13
CA TYR C 71 -18.39 -26.45 -43.29
C TYR C 71 -17.61 -25.39 -44.08
N GLY C 72 -17.68 -25.46 -45.41
CA GLY C 72 -17.11 -24.40 -46.22
C GLY C 72 -15.59 -24.35 -46.22
N ARG C 73 -14.96 -25.42 -46.68
CA ARG C 73 -13.51 -25.50 -46.66
C ARG C 73 -12.85 -24.41 -47.52
N ARG C 74 -11.61 -24.08 -47.15
CA ARG C 74 -10.76 -23.26 -48.00
C ARG C 74 -9.42 -23.98 -48.08
N VAL C 75 -9.45 -25.10 -48.79
CA VAL C 75 -8.33 -26.04 -48.82
C VAL C 75 -7.06 -25.37 -49.32
N LEU C 76 -7.18 -24.55 -50.36
CA LEU C 76 -5.98 -23.91 -50.91
C LEU C 76 -5.32 -22.94 -49.94
N ASP C 77 -6.12 -22.20 -49.16
CA ASP C 77 -5.58 -21.30 -48.14
C ASP C 77 -4.86 -22.11 -47.06
N VAL C 78 -5.47 -23.20 -46.62
CA VAL C 78 -4.85 -24.05 -45.59
C VAL C 78 -3.53 -24.64 -46.12
N ALA C 79 -3.53 -25.07 -47.38
CA ALA C 79 -2.31 -25.57 -48.02
C ALA C 79 -1.18 -24.53 -47.99
N GLN C 80 -1.50 -23.28 -48.30
CA GLN C 80 -0.46 -22.24 -48.28
C GLN C 80 0.01 -21.98 -46.86
N ILE C 81 -0.92 -21.98 -45.90
CA ILE C 81 -0.51 -21.83 -44.51
C ILE C 81 0.46 -22.92 -44.09
N SER C 82 0.17 -24.15 -44.50
CA SER C 82 1.04 -25.28 -44.19
C SER C 82 2.44 -25.06 -44.79
N LYS C 83 2.48 -24.68 -46.06
CA LYS C 83 3.75 -24.42 -46.73
C LYS C 83 4.55 -23.32 -46.03
N GLU C 84 3.90 -22.21 -45.69
CA GLU C 84 4.59 -21.05 -45.15
C GLU C 84 5.03 -21.21 -43.69
N THR C 85 4.26 -21.96 -42.89
CA THR C 85 4.58 -22.13 -41.48
C THR C 85 5.39 -23.41 -41.22
N GLY C 86 5.34 -24.34 -42.15
CA GLY C 86 5.93 -25.65 -41.97
C GLY C 86 5.12 -26.61 -41.11
N ILE C 87 3.96 -26.18 -40.63
CA ILE C 87 3.07 -27.04 -39.86
C ILE C 87 2.36 -28.05 -40.77
N GLN C 88 2.42 -29.32 -40.39
CA GLN C 88 1.78 -30.38 -41.16
C GLN C 88 0.29 -30.36 -40.90
N ILE C 89 -0.52 -30.57 -41.93
CA ILE C 89 -1.98 -30.57 -41.78
C ILE C 89 -2.57 -31.91 -42.21
N VAL C 90 -3.41 -32.47 -41.35
CA VAL C 90 -4.20 -33.64 -41.72
C VAL C 90 -5.61 -33.14 -42.03
N GLY C 91 -6.03 -33.30 -43.27
CA GLY C 91 -7.34 -32.84 -43.72
C GLY C 91 -8.41 -33.87 -43.44
N THR C 92 -9.67 -33.46 -43.49
CA THR C 92 -10.76 -34.33 -43.09
C THR C 92 -11.82 -34.43 -44.18
N ALA C 93 -12.08 -35.65 -44.65
CA ALA C 93 -13.10 -35.91 -45.65
C ALA C 93 -14.41 -36.16 -44.94
N GLY C 94 -15.53 -36.07 -45.66
CA GLY C 94 -16.80 -36.43 -45.07
C GLY C 94 -17.65 -35.26 -44.61
N PHE C 95 -18.38 -35.48 -43.51
CA PHE C 95 -19.51 -34.65 -43.16
C PHE C 95 -19.48 -34.22 -41.71
N ASN C 96 -20.13 -33.10 -41.43
CA ASN C 96 -20.35 -32.65 -40.08
C ASN C 96 -21.83 -32.90 -39.73
N LYS C 97 -22.31 -32.13 -38.78
CA LYS C 97 -23.65 -32.20 -38.27
C LYS C 97 -24.71 -31.83 -39.32
N SER C 98 -25.86 -32.50 -39.27
CA SER C 98 -26.89 -32.27 -40.29
C SER C 98 -27.51 -30.87 -40.23
N PHE C 99 -27.44 -30.17 -39.11
CA PHE C 99 -28.03 -28.83 -39.08
C PHE C 99 -27.35 -27.89 -40.08
N LEU C 100 -26.06 -28.13 -40.35
CA LEU C 100 -25.33 -27.33 -41.33
C LEU C 100 -25.85 -27.54 -42.75
N TRP C 101 -26.55 -28.64 -42.99
CA TRP C 101 -26.85 -29.03 -44.36
C TRP C 101 -27.90 -28.14 -45.02
N ASP C 102 -28.53 -27.28 -44.24
CA ASP C 102 -29.46 -26.31 -44.80
C ASP C 102 -28.70 -25.28 -45.65
N GLY C 103 -27.40 -25.19 -45.44
CA GLY C 103 -26.57 -24.24 -46.18
C GLY C 103 -26.48 -24.51 -47.67
N LYS C 104 -26.33 -23.44 -48.45
CA LYS C 104 -26.18 -23.54 -49.90
C LYS C 104 -24.82 -24.14 -50.26
N ILE C 105 -24.79 -24.98 -51.28
CA ILE C 105 -23.51 -25.52 -51.76
C ILE C 105 -22.75 -24.44 -52.52
N LYS C 106 -21.49 -24.19 -52.15
CA LYS C 106 -20.73 -23.14 -52.83
C LYS C 106 -20.58 -23.51 -54.31
N PRO C 107 -20.61 -22.50 -55.19
CA PRO C 107 -20.55 -22.72 -56.64
C PRO C 107 -19.38 -23.60 -57.03
N GLU C 108 -18.21 -23.40 -56.40
CA GLU C 108 -17.02 -24.15 -56.80
C GLU C 108 -17.06 -25.64 -56.42
N LEU C 109 -18.06 -26.05 -55.64
CA LEU C 109 -18.23 -27.46 -55.27
C LEU C 109 -19.22 -28.20 -56.19
N LYS C 110 -20.13 -27.46 -56.81
CA LYS C 110 -21.16 -28.07 -57.64
C LYS C 110 -20.62 -28.93 -58.79
N PRO C 111 -19.51 -28.52 -59.41
CA PRO C 111 -19.01 -29.42 -60.45
C PRO C 111 -18.59 -30.77 -59.88
N ILE C 112 -18.23 -30.81 -58.61
CA ILE C 112 -17.77 -32.05 -57.99
C ILE C 112 -18.92 -32.96 -57.55
N ILE C 113 -19.85 -32.42 -56.79
CA ILE C 113 -20.89 -33.24 -56.17
C ILE C 113 -22.25 -33.14 -56.84
N GLY C 114 -22.41 -32.17 -57.73
CA GLY C 114 -23.67 -31.98 -58.42
C GLY C 114 -24.30 -30.63 -58.15
N ASP C 115 -25.19 -30.22 -59.06
CA ASP C 115 -25.84 -28.92 -58.97
C ASP C 115 -27.00 -28.95 -57.98
N PHE C 116 -26.77 -29.51 -56.79
CA PHE C 116 -27.77 -29.44 -55.74
C PHE C 116 -27.74 -28.06 -55.10
N GLU C 117 -28.90 -27.59 -54.65
CA GLU C 117 -28.97 -26.25 -54.08
C GLU C 117 -28.34 -26.19 -52.68
N THR C 118 -28.61 -27.22 -51.88
CA THR C 118 -28.12 -27.29 -50.50
C THR C 118 -27.51 -28.66 -50.20
N TYR C 119 -26.70 -28.72 -49.15
CA TYR C 119 -26.13 -30.02 -48.76
C TYR C 119 -27.19 -31.05 -48.44
N TYR C 120 -28.30 -30.63 -47.84
CA TYR C 120 -29.42 -31.53 -47.50
C TYR C 120 -29.92 -32.25 -48.75
N GLU C 121 -30.16 -31.49 -49.82
CA GLU C 121 -30.71 -32.06 -51.04
C GLU C 121 -29.72 -33.06 -51.65
N TRP C 122 -28.44 -32.69 -51.65
CA TRP C 122 -27.40 -33.61 -52.10
C TRP C 122 -27.40 -34.92 -51.31
N ILE C 123 -27.33 -34.82 -49.98
CA ILE C 123 -27.21 -36.02 -49.17
C ILE C 123 -28.46 -36.90 -49.23
N GLU C 124 -29.63 -36.28 -49.21
CA GLU C 124 -30.90 -36.99 -49.31
C GLU C 124 -31.02 -37.78 -50.63
N ASN C 125 -30.57 -37.17 -51.71
CA ASN C 125 -30.82 -37.69 -53.05
C ASN C 125 -29.63 -38.36 -53.73
N THR C 126 -28.64 -38.73 -52.92
CA THR C 126 -27.47 -39.44 -53.38
C THR C 126 -27.41 -40.74 -52.59
N THR C 127 -27.21 -41.86 -53.28
CA THR C 127 -27.19 -43.15 -52.61
C THR C 127 -26.02 -43.26 -51.63
N THR C 128 -26.16 -44.17 -50.67
CA THR C 128 -25.10 -44.42 -49.70
C THR C 128 -23.79 -44.77 -50.42
N ASP C 129 -23.90 -45.59 -51.47
CA ASP C 129 -22.71 -45.95 -52.25
C ASP C 129 -22.04 -44.76 -52.91
N LYS C 130 -22.83 -43.84 -53.45
CA LYS C 130 -22.26 -42.67 -54.10
C LYS C 130 -21.67 -41.69 -53.08
N LEU C 131 -22.25 -41.63 -51.88
CA LEU C 131 -21.65 -40.81 -50.83
C LEU C 131 -20.33 -41.44 -50.39
N THR C 132 -20.29 -42.76 -50.30
CA THR C 132 -19.02 -43.45 -50.05
C THR C 132 -17.97 -43.06 -51.09
N GLU C 133 -18.35 -43.09 -52.37
CA GLU C 133 -17.44 -42.75 -53.45
C GLU C 133 -16.88 -41.34 -53.29
N PHE C 134 -17.74 -40.40 -52.92
CA PHE C 134 -17.32 -39.02 -52.65
C PHE C 134 -16.24 -38.98 -51.56
N VAL C 135 -16.48 -39.67 -50.45
CA VAL C 135 -15.53 -39.64 -49.33
C VAL C 135 -14.22 -40.33 -49.74
N VAL C 136 -14.32 -41.48 -50.37
CA VAL C 136 -13.12 -42.18 -50.85
C VAL C 136 -12.30 -41.27 -51.77
N ASN C 137 -12.96 -40.56 -52.67
CA ASN C 137 -12.25 -39.66 -53.58
C ASN C 137 -11.50 -38.55 -52.85
N GLU C 138 -12.05 -38.07 -51.74
CA GLU C 138 -11.37 -37.03 -50.98
C GLU C 138 -10.08 -37.56 -50.34
N VAL C 139 -10.10 -38.82 -49.94
CA VAL C 139 -8.95 -39.47 -49.32
C VAL C 139 -7.92 -39.89 -50.37
N GLU C 140 -8.38 -40.39 -51.52
CA GLU C 140 -7.46 -41.02 -52.49
C GLU C 140 -7.00 -40.08 -53.59
N ASN C 141 -7.83 -39.09 -53.92
CA ASN C 141 -7.51 -38.15 -54.99
C ASN C 141 -7.26 -36.74 -54.50
N GLY C 142 -8.13 -36.26 -53.60
CA GLY C 142 -7.96 -34.95 -53.01
C GLY C 142 -9.29 -34.31 -52.61
N LEU C 143 -9.25 -33.49 -51.58
CA LEU C 143 -10.42 -32.76 -51.11
C LEU C 143 -10.98 -31.86 -52.21
N GLU C 144 -12.27 -32.01 -52.51
CA GLU C 144 -12.97 -31.06 -53.39
C GLU C 144 -12.36 -30.87 -54.76
N GLY C 145 -11.78 -31.92 -55.33
CA GLY C 145 -11.17 -31.80 -56.65
C GLY C 145 -9.78 -31.21 -56.65
N THR C 146 -9.28 -30.81 -55.48
CA THR C 146 -7.89 -30.35 -55.33
C THR C 146 -6.98 -31.57 -55.21
N PRO C 147 -5.65 -31.36 -55.22
CA PRO C 147 -4.74 -32.49 -55.03
C PRO C 147 -4.36 -32.74 -53.57
N TYR C 148 -4.99 -32.03 -52.64
CA TYR C 148 -4.70 -32.20 -51.21
C TYR C 148 -5.59 -33.27 -50.60
N LYS C 149 -5.01 -34.44 -50.34
CA LYS C 149 -5.77 -35.60 -49.88
C LYS C 149 -6.09 -35.48 -48.40
N ALA C 150 -7.28 -35.94 -48.03
CA ALA C 150 -7.66 -36.06 -46.64
C ALA C 150 -6.98 -37.25 -45.97
N GLY C 151 -6.69 -37.09 -44.68
CA GLY C 151 -6.09 -38.17 -43.90
C GLY C 151 -7.00 -38.76 -42.84
N GLN C 152 -8.26 -38.33 -42.81
CA GLN C 152 -9.26 -39.02 -41.98
C GLN C 152 -10.64 -38.77 -42.57
N VAL C 153 -11.61 -39.58 -42.14
CA VAL C 153 -12.98 -39.47 -42.65
C VAL C 153 -13.92 -39.21 -41.48
N KCX C 154 -14.91 -38.35 -41.68
CA KCX C 154 -15.73 -37.85 -40.59
CB KCX C 154 -15.37 -36.38 -40.35
CG KCX C 154 -16.07 -35.67 -39.18
CD KCX C 154 -15.73 -34.17 -39.16
CE KCX C 154 -16.40 -33.46 -37.98
NZ KCX C 154 -15.98 -32.05 -37.95
C KCX C 154 -17.21 -37.94 -40.83
O KCX C 154 -17.69 -37.83 -41.96
CX KCX C 154 -16.10 -31.32 -36.81
OQ1 KCX C 154 -15.95 -30.03 -36.90
OQ2 KCX C 154 -16.57 -31.83 -35.72
N PHE C 155 -17.95 -38.15 -39.74
CA PHE C 155 -19.39 -38.02 -39.74
C PHE C 155 -19.79 -37.28 -38.46
N GLY C 156 -21.05 -36.85 -38.40
CA GLY C 156 -21.53 -36.12 -37.24
C GLY C 156 -22.99 -36.39 -36.97
N THR C 157 -23.37 -36.38 -35.70
CA THR C 157 -24.75 -36.55 -35.30
C THR C 157 -25.26 -35.36 -34.48
N GLY C 158 -26.57 -35.33 -34.24
CA GLY C 158 -27.22 -34.18 -33.62
C GLY C 158 -27.40 -34.29 -32.11
N TYR C 159 -28.01 -33.28 -31.51
CA TYR C 159 -28.17 -33.27 -30.06
C TYR C 159 -29.16 -34.35 -29.61
N ASN C 160 -28.64 -35.40 -28.98
CA ASN C 160 -29.46 -36.51 -28.52
C ASN C 160 -30.27 -37.16 -29.62
N MET C 161 -29.73 -37.13 -30.84
CA MET C 161 -30.38 -37.78 -31.96
C MET C 161 -29.38 -38.27 -32.99
N ILE C 162 -29.72 -39.38 -33.62
CA ILE C 162 -29.13 -39.75 -34.91
C ILE C 162 -30.30 -39.88 -35.87
N THR C 163 -30.42 -38.93 -36.78
CA THR C 163 -31.50 -38.94 -37.76
C THR C 163 -31.20 -39.99 -38.83
N PRO C 164 -32.22 -40.39 -39.60
CA PRO C 164 -31.96 -41.33 -40.69
C PRO C 164 -30.89 -40.83 -41.68
N LEU C 165 -30.90 -39.55 -42.02
CA LEU C 165 -29.88 -39.04 -42.97
C LEU C 165 -28.50 -39.05 -42.32
N GLU C 166 -28.43 -38.72 -41.04
CA GLU C 166 -27.16 -38.83 -40.33
C GLU C 166 -26.64 -40.27 -40.32
N GLU C 167 -27.52 -41.23 -40.02
CA GLU C 167 -27.14 -42.63 -40.08
C GLU C 167 -26.60 -43.02 -41.47
N LYS C 168 -27.28 -42.54 -42.52
CA LYS C 168 -26.81 -42.74 -43.90
C LYS C 168 -25.35 -42.31 -44.05
N THR C 169 -25.03 -41.10 -43.59
CA THR C 169 -23.64 -40.64 -43.68
C THR C 169 -22.68 -41.48 -42.84
N ILE C 170 -23.13 -41.97 -41.69
CA ILE C 170 -22.27 -42.82 -40.87
C ILE C 170 -21.91 -44.09 -41.62
N ARG C 171 -22.91 -44.73 -42.20
CA ARG C 171 -22.65 -45.94 -42.96
C ARG C 171 -21.80 -45.67 -44.22
N ALA C 172 -22.04 -44.54 -44.88
CA ALA C 172 -21.23 -44.17 -46.04
C ALA C 172 -19.75 -44.01 -45.66
N VAL C 173 -19.53 -43.36 -44.53
CA VAL C 173 -18.18 -43.15 -44.03
C VAL C 173 -17.52 -44.44 -43.56
N ALA C 174 -18.27 -45.32 -42.90
CA ALA C 174 -17.72 -46.61 -42.49
C ALA C 174 -17.23 -47.40 -43.68
N ARG C 175 -18.02 -47.39 -44.75
CA ARG C 175 -17.64 -48.11 -45.94
C ARG C 175 -16.44 -47.46 -46.64
N ALA C 176 -16.35 -46.12 -46.56
CA ALA C 176 -15.15 -45.44 -47.06
C ALA C 176 -13.92 -45.85 -46.26
N HIS C 177 -14.09 -46.03 -44.95
CA HIS C 177 -12.99 -46.54 -44.14
C HIS C 177 -12.56 -47.93 -44.60
N HIS C 178 -13.52 -48.81 -44.84
CA HIS C 178 -13.15 -50.16 -45.28
C HIS C 178 -12.38 -50.15 -46.60
N GLU C 179 -12.69 -49.19 -47.47
CA GLU C 179 -12.04 -49.10 -48.78
C GLU C 179 -10.65 -48.44 -48.72
N THR C 180 -10.48 -47.46 -47.82
CA THR C 180 -9.24 -46.67 -47.77
C THR C 180 -8.33 -46.96 -46.57
N LYS C 181 -8.93 -47.51 -45.51
CA LYS C 181 -8.30 -47.72 -44.21
C LYS C 181 -7.98 -46.42 -43.44
N ALA C 182 -8.60 -45.33 -43.85
CA ALA C 182 -8.37 -44.05 -43.17
C ALA C 182 -8.96 -44.05 -41.75
N PRO C 183 -8.29 -43.36 -40.82
CA PRO C 183 -8.88 -43.15 -39.49
C PRO C 183 -10.23 -42.45 -39.59
N ILE C 184 -11.10 -42.73 -38.64
CA ILE C 184 -12.44 -42.13 -38.60
C ILE C 184 -12.56 -41.15 -37.42
N HIS C 185 -13.24 -40.05 -37.65
CA HIS C 185 -13.52 -39.07 -36.60
C HIS C 185 -15.01 -38.78 -36.56
N SER C 186 -15.56 -38.58 -35.38
CA SER C 186 -16.97 -38.23 -35.28
C SER C 186 -17.19 -36.93 -34.53
N HIS C 187 -18.23 -36.22 -34.94
CA HIS C 187 -18.73 -35.10 -34.17
C HIS C 187 -19.86 -35.62 -33.30
N THR C 188 -19.77 -35.40 -31.99
CA THR C 188 -20.93 -35.56 -31.12
C THR C 188 -21.43 -34.18 -30.75
N GLU C 189 -22.75 -33.99 -30.82
CA GLU C 189 -23.32 -32.71 -30.43
C GLU C 189 -23.51 -32.68 -28.92
N ALA C 190 -22.81 -31.77 -28.25
CA ALA C 190 -22.79 -31.68 -26.79
C ALA C 190 -22.37 -33.01 -26.16
N GLY C 191 -21.51 -33.75 -26.87
CA GLY C 191 -21.00 -35.00 -26.37
C GLY C 191 -22.04 -36.10 -26.23
N THR C 192 -23.14 -35.97 -26.97
CA THR C 192 -24.19 -36.99 -26.95
C THR C 192 -24.07 -38.02 -28.08
N MET C 193 -24.66 -39.19 -27.84
CA MET C 193 -24.86 -40.25 -28.83
C MET C 193 -23.64 -41.11 -29.14
N ALA C 194 -22.57 -41.03 -28.34
CA ALA C 194 -21.40 -41.84 -28.67
C ALA C 194 -21.72 -43.34 -28.72
N LEU C 195 -22.52 -43.83 -27.78
CA LEU C 195 -22.77 -45.28 -27.74
C LEU C 195 -23.56 -45.73 -28.96
N GLU C 196 -24.46 -44.88 -29.42
CA GLU C 196 -25.27 -45.18 -30.59
C GLU C 196 -24.46 -45.10 -31.88
N GLN C 197 -23.51 -44.16 -31.95
CA GLN C 197 -22.57 -44.12 -33.07
C GLN C 197 -21.77 -45.42 -33.09
N ILE C 198 -21.26 -45.79 -31.91
CA ILE C 198 -20.49 -47.02 -31.78
C ILE C 198 -21.29 -48.26 -32.23
N GLU C 199 -22.58 -48.30 -31.92
CA GLU C 199 -23.40 -49.44 -32.30
C GLU C 199 -23.51 -49.56 -33.83
N ILE C 200 -23.67 -48.43 -34.52
CA ILE C 200 -23.71 -48.46 -35.98
C ILE C 200 -22.36 -48.90 -36.55
N LEU C 201 -21.27 -48.39 -35.97
CA LEU C 201 -19.94 -48.82 -36.43
C LEU C 201 -19.71 -50.32 -36.19
N LYS C 202 -20.20 -50.84 -35.07
CA LYS C 202 -20.05 -52.29 -34.81
C LYS C 202 -20.84 -53.09 -35.85
N GLN C 203 -22.02 -52.62 -36.21
CA GLN C 203 -22.79 -53.26 -37.27
C GLN C 203 -22.01 -53.28 -38.58
N GLU C 204 -21.28 -52.20 -38.83
CA GLU C 204 -20.47 -52.06 -40.03
C GLU C 204 -19.08 -52.69 -39.89
N ASN C 205 -18.86 -53.41 -38.79
CA ASN C 205 -17.61 -54.16 -38.58
C ASN C 205 -16.34 -53.31 -38.55
N ILE C 206 -16.45 -52.15 -37.90
CA ILE C 206 -15.34 -51.23 -37.72
C ILE C 206 -14.81 -51.34 -36.29
N PRO C 207 -13.57 -51.81 -36.11
CA PRO C 207 -12.97 -51.75 -34.76
C PRO C 207 -12.97 -50.32 -34.22
N LEU C 208 -13.38 -50.14 -32.96
CA LEU C 208 -13.53 -48.78 -32.45
C LEU C 208 -12.19 -48.09 -32.19
N GLU C 209 -11.11 -48.87 -32.15
CA GLU C 209 -9.76 -48.32 -32.08
C GLU C 209 -9.47 -47.45 -33.30
N TYR C 210 -10.29 -47.60 -34.35
CA TYR C 210 -10.10 -46.84 -35.59
C TYR C 210 -10.88 -45.54 -35.58
N LEU C 211 -11.51 -45.22 -34.44
CA LEU C 211 -12.36 -44.04 -34.35
C LEU C 211 -11.85 -43.08 -33.28
N SER C 212 -11.89 -41.78 -33.56
CA SER C 212 -11.76 -40.81 -32.49
C SER C 212 -13.07 -40.06 -32.40
N ILE C 213 -13.52 -39.86 -31.17
CA ILE C 213 -14.83 -39.27 -30.90
C ILE C 213 -14.66 -37.84 -30.40
N GLY C 214 -15.17 -36.92 -31.20
CA GLY C 214 -15.04 -35.50 -30.91
C GLY C 214 -15.95 -35.05 -29.79
N HIS C 215 -15.50 -34.02 -29.09
CA HIS C 215 -16.32 -33.31 -28.11
C HIS C 215 -16.73 -34.10 -26.86
N MET C 216 -15.90 -35.06 -26.45
CA MET C 216 -16.19 -35.83 -25.24
C MET C 216 -16.19 -34.94 -23.99
N ASP C 217 -15.51 -33.80 -24.07
CA ASP C 217 -15.49 -32.82 -22.99
C ASP C 217 -16.82 -32.11 -22.76
N ARG C 218 -17.77 -32.25 -23.69
CA ARG C 218 -19.07 -31.59 -23.53
C ARG C 218 -20.05 -32.36 -22.63
N ASN C 219 -19.73 -33.62 -22.35
CA ASN C 219 -20.60 -34.46 -21.54
C ASN C 219 -19.74 -35.15 -20.49
N LEU C 220 -19.49 -34.43 -19.40
CA LEU C 220 -18.49 -34.86 -18.41
C LEU C 220 -19.10 -35.83 -17.42
N ASP C 221 -19.20 -37.08 -17.86
CA ASP C 221 -19.92 -38.12 -17.14
C ASP C 221 -18.99 -39.32 -17.08
N PRO C 222 -18.42 -39.62 -15.90
CA PRO C 222 -17.42 -40.68 -15.77
C PRO C 222 -17.91 -42.05 -16.24
N TYR C 223 -19.15 -42.41 -15.90
CA TYR C 223 -19.71 -43.72 -16.28
C TYR C 223 -19.80 -43.83 -17.81
N TYR C 224 -20.33 -42.78 -18.45
CA TYR C 224 -20.42 -42.71 -19.90
C TYR C 224 -19.07 -42.73 -20.56
N HIS C 225 -18.14 -41.94 -20.04
CA HIS C 225 -16.80 -41.91 -20.61
C HIS C 225 -16.16 -43.28 -20.53
N LYS C 226 -16.37 -43.98 -19.43
CA LYS C 226 -15.79 -45.31 -19.30
C LYS C 226 -16.44 -46.31 -20.26
N GLN C 227 -17.75 -46.22 -20.46
CA GLN C 227 -18.40 -47.11 -21.42
C GLN C 227 -17.78 -46.92 -22.79
N VAL C 228 -17.56 -45.66 -23.16
CA VAL C 228 -16.98 -45.36 -24.46
C VAL C 228 -15.55 -45.87 -24.53
N ALA C 229 -14.77 -45.59 -23.49
CA ALA C 229 -13.36 -45.91 -23.48
C ALA C 229 -13.12 -47.43 -23.60
N LYS C 230 -14.00 -48.23 -22.98
CA LYS C 230 -13.83 -49.68 -23.03
C LYS C 230 -13.82 -50.25 -24.44
N THR C 231 -14.41 -49.54 -25.40
CA THR C 231 -14.45 -50.01 -26.78
C THR C 231 -13.10 -49.88 -27.48
N GLY C 232 -12.19 -49.06 -26.91
CA GLY C 232 -10.91 -48.79 -27.53
C GLY C 232 -10.90 -47.49 -28.34
N ALA C 233 -12.06 -46.84 -28.47
CA ALA C 233 -12.13 -45.55 -29.16
C ALA C 233 -11.20 -44.49 -28.57
N PHE C 234 -10.63 -43.66 -29.44
CA PHE C 234 -9.94 -42.46 -28.99
C PHE C 234 -10.99 -41.44 -28.57
N MET C 235 -10.69 -40.68 -27.54
CA MET C 235 -11.63 -39.70 -27.00
C MET C 235 -11.01 -38.32 -27.00
N SER C 236 -11.65 -37.42 -27.74
CA SER C 236 -11.10 -36.09 -27.95
C SER C 236 -11.67 -35.09 -26.97
N PHE C 237 -10.80 -34.50 -26.16
CA PHE C 237 -11.17 -33.42 -25.27
C PHE C 237 -10.74 -32.15 -25.99
N ASP C 238 -11.66 -31.58 -26.76
CA ASP C 238 -11.27 -30.54 -27.72
C ASP C 238 -11.96 -29.22 -27.42
N GLY C 239 -12.51 -29.09 -26.21
CA GLY C 239 -13.06 -27.83 -25.76
C GLY C 239 -12.20 -27.13 -24.71
N ILE C 240 -10.88 -27.32 -24.78
CA ILE C 240 -9.98 -26.65 -23.84
C ILE C 240 -10.22 -25.15 -23.87
N ALA C 241 -10.28 -24.55 -22.68
CA ALA C 241 -10.49 -23.10 -22.51
C ALA C 241 -11.93 -22.65 -22.74
N LYS C 242 -12.84 -23.56 -23.09
CA LYS C 242 -14.23 -23.15 -23.30
C LYS C 242 -15.02 -23.07 -21.99
N ILE C 243 -14.76 -21.99 -21.24
CA ILE C 243 -15.34 -21.77 -19.94
C ILE C 243 -16.86 -21.70 -20.01
N LYS C 244 -17.38 -21.26 -21.15
CA LYS C 244 -18.83 -21.18 -21.31
C LYS C 244 -19.48 -22.57 -21.19
N TYR C 245 -18.71 -23.61 -21.45
CA TYR C 245 -19.20 -24.99 -21.36
C TYR C 245 -18.86 -25.65 -20.02
N ALA C 246 -17.67 -25.36 -19.51
CA ALA C 246 -17.25 -25.92 -18.22
C ALA C 246 -15.96 -25.27 -17.79
N PRO C 247 -15.70 -25.26 -16.47
CA PRO C 247 -14.40 -24.75 -16.01
C PRO C 247 -13.31 -25.73 -16.41
N GLU C 248 -12.09 -25.24 -16.56
CA GLU C 248 -10.99 -26.09 -17.00
C GLU C 248 -10.77 -27.25 -16.04
N SER C 249 -10.94 -26.97 -14.74
CA SER C 249 -10.79 -27.99 -13.71
C SER C 249 -11.66 -29.23 -13.98
N ALA C 250 -12.86 -29.02 -14.52
CA ALA C 250 -13.80 -30.10 -14.80
C ALA C 250 -13.28 -30.96 -15.96
N ARG C 251 -12.74 -30.32 -16.99
CA ARG C 251 -12.19 -31.07 -18.12
C ARG C 251 -10.99 -31.88 -17.65
N ILE C 252 -10.13 -31.24 -16.87
CA ILE C 252 -8.94 -31.90 -16.36
C ILE C 252 -9.31 -33.06 -15.44
N ALA C 253 -10.33 -32.88 -14.61
CA ALA C 253 -10.80 -33.97 -13.74
C ALA C 253 -11.28 -35.17 -14.55
N ALA C 254 -11.98 -34.92 -15.65
CA ALA C 254 -12.50 -36.03 -16.45
C ALA C 254 -11.36 -36.77 -17.16
N ILE C 255 -10.36 -36.03 -17.62
CA ILE C 255 -9.18 -36.64 -18.24
C ILE C 255 -8.45 -37.53 -17.22
N LEU C 256 -8.23 -36.99 -16.02
CA LEU C 256 -7.53 -37.75 -14.99
C LEU C 256 -8.32 -38.96 -14.52
N TYR C 257 -9.65 -38.85 -14.48
CA TYR C 257 -10.46 -40.04 -14.22
C TYR C 257 -10.14 -41.15 -15.23
N LEU C 258 -10.21 -40.84 -16.52
CA LEU C 258 -9.89 -41.82 -17.57
C LEU C 258 -8.48 -42.39 -17.44
N VAL C 259 -7.51 -41.54 -17.09
CA VAL C 259 -6.15 -42.01 -16.86
C VAL C 259 -6.13 -43.00 -15.70
N SER C 260 -6.83 -42.65 -14.61
CA SER C 260 -6.85 -43.51 -13.42
C SER C 260 -7.48 -44.86 -13.72
N GLU C 261 -8.38 -44.90 -14.69
CA GLU C 261 -9.04 -46.14 -15.07
C GLU C 261 -8.30 -46.93 -16.15
N GLY C 262 -7.16 -46.41 -16.60
CA GLY C 262 -6.26 -47.13 -17.49
C GLY C 262 -6.37 -46.77 -18.96
N PHE C 263 -6.99 -45.63 -19.25
CA PHE C 263 -7.25 -45.26 -20.64
C PHE C 263 -6.39 -44.12 -21.19
N GLU C 264 -5.24 -43.88 -20.57
CA GLU C 264 -4.42 -42.74 -20.98
C GLU C 264 -3.99 -42.78 -22.45
N ASP C 265 -3.88 -43.97 -23.04
CA ASP C 265 -3.43 -44.10 -24.43
C ASP C 265 -4.51 -43.77 -25.46
N GLN C 266 -5.70 -43.39 -24.98
CA GLN C 266 -6.82 -43.10 -25.86
C GLN C 266 -7.23 -41.63 -25.88
N ILE C 267 -6.55 -40.80 -25.07
CA ILE C 267 -6.93 -39.40 -24.91
C ILE C 267 -6.26 -38.49 -25.96
N LEU C 268 -7.07 -37.64 -26.59
CA LEU C 268 -6.57 -36.64 -27.54
C LEU C 268 -7.04 -35.28 -27.03
N VAL C 269 -6.28 -34.23 -27.35
CA VAL C 269 -6.60 -32.90 -26.84
C VAL C 269 -6.53 -31.86 -27.95
N SER C 270 -7.41 -30.87 -27.89
CA SER C 270 -7.38 -29.80 -28.87
C SER C 270 -8.28 -28.67 -28.38
N GLY C 271 -8.39 -27.61 -29.18
CA GLY C 271 -9.22 -26.46 -28.81
C GLY C 271 -10.43 -26.19 -29.68
N ASP C 272 -10.58 -26.94 -30.78
CA ASP C 272 -11.69 -26.74 -31.70
C ASP C 272 -11.93 -25.24 -31.92
N THR C 273 -10.90 -24.58 -32.40
CA THR C 273 -10.83 -23.11 -32.45
C THR C 273 -11.57 -22.63 -33.69
N ALA C 274 -12.88 -22.44 -33.55
CA ALA C 274 -13.74 -22.27 -34.72
C ALA C 274 -14.21 -20.84 -34.94
N ARG C 275 -13.85 -19.93 -34.02
CA ARG C 275 -14.35 -18.56 -34.06
C ARG C 275 -13.26 -17.51 -34.18
N LYS C 276 -13.59 -16.38 -34.81
CA LYS C 276 -12.69 -15.24 -34.82
C LYS C 276 -12.33 -14.85 -33.40
N THR C 277 -13.32 -14.88 -32.51
CA THR C 277 -13.09 -14.50 -31.11
C THR C 277 -12.26 -15.52 -30.34
N TYR C 278 -12.00 -16.67 -30.95
CA TYR C 278 -11.10 -17.64 -30.35
C TYR C 278 -9.65 -17.49 -30.84
N TYR C 279 -9.48 -16.97 -32.06
CA TYR C 279 -8.14 -16.76 -32.62
C TYR C 279 -7.49 -15.52 -32.02
N LYS C 280 -6.19 -15.62 -31.77
CA LYS C 280 -5.45 -14.49 -31.22
C LYS C 280 -5.40 -13.35 -32.22
N HIS C 281 -5.16 -13.70 -33.49
CA HIS C 281 -4.89 -12.69 -34.50
C HIS C 281 -6.12 -12.28 -35.32
N TYR C 282 -7.29 -12.78 -34.96
CA TYR C 282 -8.53 -12.17 -35.43
C TYR C 282 -9.08 -11.31 -34.28
N GLY C 283 -9.65 -11.95 -33.27
CA GLY C 283 -10.39 -11.25 -32.23
C GLY C 283 -9.77 -11.21 -30.84
N HIS C 284 -8.48 -11.51 -30.75
CA HIS C 284 -7.73 -11.41 -29.50
C HIS C 284 -8.14 -12.47 -28.48
N GLY C 285 -8.57 -13.61 -28.98
CA GLY C 285 -8.90 -14.73 -28.10
C GLY C 285 -7.66 -15.52 -27.72
N PRO C 286 -7.86 -16.66 -27.06
CA PRO C 286 -6.76 -17.46 -26.51
C PRO C 286 -5.78 -17.91 -27.60
N GLY C 287 -6.31 -18.24 -28.78
CA GLY C 287 -5.49 -18.52 -29.94
C GLY C 287 -4.95 -19.94 -29.98
N LEU C 288 -4.33 -20.30 -31.09
CA LEU C 288 -3.70 -21.62 -31.21
C LEU C 288 -2.50 -21.74 -30.28
N GLU C 289 -2.05 -20.63 -29.71
CA GLU C 289 -0.92 -20.68 -28.77
C GLU C 289 -1.37 -21.25 -27.43
N TYR C 290 -2.66 -21.14 -27.12
CA TYR C 290 -3.12 -21.31 -25.74
C TYR C 290 -2.82 -22.68 -25.13
N ILE C 291 -3.12 -23.75 -25.87
CA ILE C 291 -2.98 -25.07 -25.27
C ILE C 291 -1.51 -25.38 -24.97
N ALA C 292 -0.65 -25.19 -25.98
CA ALA C 292 0.77 -25.45 -25.80
C ALA C 292 1.42 -24.52 -24.77
N LYS C 293 1.02 -23.26 -24.76
CA LYS C 293 1.68 -22.26 -23.92
C LYS C 293 1.20 -22.25 -22.46
N LYS C 294 -0.11 -22.36 -22.26
CA LYS C 294 -0.72 -22.16 -20.96
C LYS C 294 -1.38 -23.42 -20.36
N TRP C 295 -2.11 -24.17 -21.18
CA TRP C 295 -2.81 -25.34 -20.64
C TRP C 295 -1.84 -26.44 -20.24
N VAL C 296 -0.87 -26.73 -21.11
CA VAL C 296 0.07 -27.81 -20.85
C VAL C 296 0.75 -27.63 -19.47
N PRO C 297 1.31 -26.44 -19.20
CA PRO C 297 1.96 -26.25 -17.89
C PRO C 297 0.99 -26.42 -16.74
N ARG C 298 -0.25 -25.94 -16.90
CA ARG C 298 -1.22 -26.13 -15.82
C ARG C 298 -1.54 -27.59 -15.63
N PHE C 299 -1.81 -28.31 -16.72
CA PHE C 299 -2.12 -29.72 -16.63
C PHE C 299 -1.01 -30.52 -15.97
N ILE C 300 0.23 -30.28 -16.38
CA ILE C 300 1.37 -30.98 -15.81
C ILE C 300 1.42 -30.73 -14.29
N ASP C 301 1.22 -29.47 -13.89
CA ASP C 301 1.28 -29.11 -12.47
C ASP C 301 0.16 -29.80 -11.71
N GLU C 302 -1.07 -29.66 -12.21
CA GLU C 302 -2.21 -30.25 -11.55
C GLU C 302 -2.13 -31.77 -11.50
N ALA C 303 -1.73 -32.39 -12.61
CA ALA C 303 -1.58 -33.85 -12.66
C ALA C 303 -0.50 -34.33 -11.69
N ASN C 304 0.64 -33.65 -11.66
CA ASN C 304 1.70 -33.97 -10.72
C ASN C 304 1.22 -33.91 -9.28
N GLU C 305 0.49 -32.85 -8.96
CA GLU C 305 -0.01 -32.63 -7.60
C GLU C 305 -0.94 -33.76 -7.17
N LYS C 306 -1.66 -34.32 -8.13
CA LYS C 306 -2.61 -35.38 -7.85
C LYS C 306 -1.99 -36.77 -7.99
N GLY C 307 -0.67 -36.80 -8.18
CA GLY C 307 0.06 -38.06 -8.15
C GLY C 307 0.31 -38.75 -9.48
N PHE C 308 -0.08 -38.09 -10.58
CA PHE C 308 0.16 -38.63 -11.92
C PHE C 308 1.51 -38.18 -12.46
N ASP C 309 1.93 -38.79 -13.56
CA ASP C 309 3.12 -38.35 -14.28
C ASP C 309 2.69 -37.37 -15.38
N GLY C 310 2.58 -36.10 -15.01
CA GLY C 310 2.03 -35.08 -15.88
C GLY C 310 2.78 -34.97 -17.20
N GLU C 311 4.10 -35.00 -17.12
CA GLU C 311 4.91 -34.87 -18.32
C GLU C 311 4.69 -36.03 -19.29
N LYS C 312 4.64 -37.24 -18.75
CA LYS C 312 4.43 -38.44 -19.56
C LYS C 312 3.05 -38.39 -20.23
N LEU C 313 2.05 -37.92 -19.49
CA LEU C 313 0.69 -37.85 -20.02
C LEU C 313 0.60 -36.84 -21.16
N VAL C 314 1.27 -35.69 -21.00
CA VAL C 314 1.28 -34.69 -22.07
C VAL C 314 1.91 -35.26 -23.33
N LYS C 315 3.01 -36.00 -23.16
CA LYS C 315 3.64 -36.66 -24.30
C LYS C 315 2.66 -37.61 -25.01
N LYS C 316 1.88 -38.35 -24.23
CA LYS C 316 0.90 -39.24 -24.83
C LYS C 316 -0.22 -38.48 -25.55
N PHE C 317 -0.77 -37.45 -24.90
CA PHE C 317 -1.94 -36.79 -25.46
C PHE C 317 -1.62 -36.10 -26.79
N PHE C 318 -0.44 -35.51 -26.87
CA PHE C 318 -0.09 -34.68 -28.03
C PHE C 318 0.87 -35.32 -29.00
N VAL C 319 1.54 -36.41 -28.59
CA VAL C 319 2.50 -37.07 -29.47
C VAL C 319 2.18 -38.53 -29.72
N ASP C 320 2.25 -39.37 -28.69
CA ASP C 320 2.09 -40.82 -28.90
C ASP C 320 0.68 -41.22 -29.37
N ASN C 321 -0.36 -40.66 -28.73
CA ASN C 321 -1.73 -41.04 -29.08
C ASN C 321 -2.13 -40.56 -30.47
N PRO C 322 -1.84 -39.29 -30.82
CA PRO C 322 -2.17 -38.91 -32.20
C PRO C 322 -1.40 -39.74 -33.22
N ALA C 323 -0.15 -40.10 -32.90
CA ALA C 323 0.62 -40.89 -33.84
C ALA C 323 -0.08 -42.23 -34.13
N ARG C 324 -0.66 -42.84 -33.11
CA ARG C 324 -1.39 -44.08 -33.28
C ARG C 324 -2.74 -43.84 -33.98
N CYS C 325 -3.48 -42.84 -33.52
CA CYS C 325 -4.84 -42.62 -34.03
C CYS C 325 -4.85 -42.30 -35.53
N PHE C 326 -3.93 -41.45 -35.97
CA PHE C 326 -4.00 -40.92 -37.34
C PHE C 326 -3.25 -41.76 -38.39
N THR C 327 -2.66 -42.86 -37.94
CA THR C 327 -2.02 -43.81 -38.87
C THR C 327 -3.11 -44.60 -39.60
N PHE C 328 -2.96 -44.77 -40.91
CA PHE C 328 -3.90 -45.61 -41.67
C PHE C 328 -3.85 -47.06 -41.16
N LYS C 329 -4.96 -47.77 -41.21
CA LYS C 329 -5.07 -49.09 -40.56
C LYS C 329 -4.68 -50.27 -41.45
N SER D 2 28.62 44.63 58.35
CA SER D 2 28.54 44.33 56.92
C SER D 2 27.12 43.97 56.54
N PHE D 3 26.76 44.17 55.28
CA PHE D 3 25.38 43.96 54.88
C PHE D 3 25.26 43.57 53.42
N ILE D 4 24.12 42.98 53.09
CA ILE D 4 23.70 42.72 51.71
C ILE D 4 22.46 43.55 51.47
N ARG D 5 22.39 44.21 50.32
CA ARG D 5 21.30 45.14 50.04
C ARG D 5 20.21 44.44 49.26
N THR D 6 19.07 44.20 49.92
CA THR D 6 17.89 43.58 49.30
C THR D 6 16.80 44.62 49.03
N PHE D 7 15.77 44.21 48.29
CA PHE D 7 14.66 45.10 47.98
C PHE D 7 14.09 45.72 49.24
N TYR D 8 14.00 44.92 50.30
CA TYR D 8 13.34 45.37 51.52
C TYR D 8 14.29 45.74 52.64
N GLY D 9 15.54 46.01 52.28
CA GLY D 9 16.48 46.52 53.26
C GLY D 9 17.84 45.85 53.27
N ASP D 10 18.74 46.45 54.04
CA ASP D 10 20.08 45.91 54.21
C ASP D 10 20.05 44.87 55.31
N ILE D 11 20.46 43.65 54.98
CA ILE D 11 20.40 42.52 55.92
C ILE D 11 21.81 42.02 56.26
N ALA D 12 21.94 41.35 57.39
CA ALA D 12 23.23 40.78 57.77
C ALA D 12 23.51 39.60 56.86
N PRO D 13 24.80 39.31 56.61
CA PRO D 13 25.11 38.16 55.76
C PRO D 13 24.50 36.85 56.26
N GLU D 14 24.37 36.70 57.58
CA GLU D 14 23.76 35.51 58.18
C GLU D 14 22.30 35.31 57.79
N GLN D 15 21.64 36.39 57.37
CA GLN D 15 20.25 36.33 56.94
C GLN D 15 20.07 35.92 55.49
N LEU D 16 21.15 35.92 54.71
CA LEU D 16 21.00 35.66 53.27
C LEU D 16 20.51 34.23 53.01
N GLY D 17 21.12 33.27 53.68
CA GLY D 17 20.74 31.88 53.56
C GLY D 17 20.90 31.32 52.15
N PHE D 18 20.16 30.25 51.87
CA PHE D 18 20.30 29.52 50.61
C PHE D 18 19.89 30.40 49.44
N THR D 19 20.82 30.60 48.51
CA THR D 19 20.71 31.64 47.49
C THR D 19 20.97 31.14 46.07
N TYR D 20 20.08 31.48 45.13
CA TYR D 20 20.36 31.34 43.70
C TYR D 20 21.01 32.63 43.25
N SER D 21 22.19 32.54 42.66
CA SER D 21 23.01 33.74 42.43
C SER D 21 22.80 34.48 41.11
N HIS D 22 21.96 33.97 40.21
CA HIS D 22 21.68 34.67 38.96
C HIS D 22 20.37 34.19 38.35
N GLU D 23 19.32 34.99 38.51
CA GLU D 23 18.01 34.62 38.00
C GLU D 23 17.30 35.79 37.38
N HIS D 24 16.19 35.51 36.71
CA HIS D 24 15.24 36.55 36.31
C HIS D 24 13.87 36.10 36.81
N ILE D 25 13.03 37.06 37.13
CA ILE D 25 11.76 36.76 37.78
C ILE D 25 10.54 37.31 37.01
N VAL D 26 10.48 38.63 36.86
CA VAL D 26 9.45 39.25 36.02
C VAL D 26 10.16 40.32 35.20
N CYS D 27 10.10 40.21 33.87
CA CYS D 27 10.82 41.14 33.01
C CYS D 27 10.30 41.06 31.59
N VAL D 28 10.32 42.19 30.89
CA VAL D 28 9.80 42.27 29.53
C VAL D 28 10.81 43.04 28.69
N PRO D 29 11.93 42.40 28.35
CA PRO D 29 13.01 43.09 27.63
C PRO D 29 12.54 43.65 26.28
N ALA D 30 12.77 44.93 26.08
CA ALA D 30 12.29 45.62 24.88
C ALA D 30 12.80 44.95 23.61
N TYR D 31 14.09 44.66 23.58
CA TYR D 31 14.70 44.04 22.42
C TYR D 31 13.91 42.79 21.97
N TRP D 32 13.57 41.93 22.91
CA TRP D 32 12.85 40.70 22.58
C TRP D 32 11.36 40.95 22.33
N GLN D 33 10.75 41.83 23.12
CA GLN D 33 9.34 42.12 22.91
C GLN D 33 9.10 42.68 21.50
N GLU D 34 10.02 43.52 21.03
CA GLU D 34 9.88 44.13 19.70
C GLU D 34 10.03 43.11 18.58
N ARG D 35 10.71 42.00 18.87
CA ARG D 35 10.89 40.94 17.89
C ARG D 35 9.93 39.78 18.09
N ASP D 36 8.94 39.99 18.95
CA ASP D 36 7.89 39.00 19.20
C ASP D 36 8.44 37.69 19.75
N ALA D 37 9.56 37.76 20.46
CA ALA D 37 10.17 36.57 21.06
C ALA D 37 9.51 36.33 22.42
N ASP D 38 8.28 35.85 22.37
CA ASP D 38 7.44 35.76 23.57
C ASP D 38 8.03 34.91 24.69
N ASP D 39 8.82 33.91 24.34
CA ASP D 39 9.36 32.99 25.35
C ASP D 39 10.33 33.71 26.29
N LEU D 40 10.88 34.84 25.84
CA LEU D 40 11.84 35.57 26.65
C LEU D 40 11.18 36.69 27.49
N LEU D 41 9.85 36.70 27.51
CA LEU D 41 9.10 37.65 28.33
C LEU D 41 8.51 36.93 29.54
N LEU D 42 9.04 37.21 30.73
CA LEU D 42 8.42 36.70 31.94
C LEU D 42 7.40 37.74 32.38
N ASP D 43 6.19 37.62 31.83
CA ASP D 43 5.22 38.73 31.87
C ASP D 43 3.97 38.42 32.66
N ASP D 44 4.06 37.47 33.58
CA ASP D 44 2.92 37.14 34.42
C ASP D 44 3.39 36.98 35.88
N LYS D 45 3.14 38.03 36.68
CA LYS D 45 3.57 38.05 38.08
C LYS D 45 3.13 36.82 38.85
N GLU D 46 1.87 36.42 38.69
CA GLU D 46 1.34 35.29 39.45
C GLU D 46 2.00 33.96 39.06
N LYS D 47 2.28 33.77 37.77
CA LYS D 47 2.99 32.56 37.33
C LYS D 47 4.42 32.53 37.85
N SER D 48 5.12 33.67 37.74
CA SER D 48 6.46 33.79 38.30
C SER D 48 6.45 33.48 39.79
N GLN D 49 5.46 34.01 40.49
CA GLN D 49 5.36 33.79 41.93
C GLN D 49 5.23 32.32 42.31
N LEU D 50 4.51 31.55 41.51
CA LEU D 50 4.36 30.12 41.82
C LEU D 50 5.72 29.40 41.84
N ASP D 51 6.59 29.72 40.88
CA ASP D 51 7.96 29.18 40.93
C ASP D 51 8.74 29.66 42.14
N VAL D 52 8.64 30.95 42.45
CA VAL D 52 9.33 31.45 43.63
C VAL D 52 8.83 30.77 44.90
N GLN D 53 7.52 30.51 44.96
CA GLN D 53 6.96 29.79 46.12
C GLN D 53 7.51 28.37 46.22
N ASP D 54 7.68 27.69 45.08
CA ASP D 54 8.31 26.37 45.07
C ASP D 54 9.70 26.43 45.71
N PHE D 55 10.46 27.46 45.35
CA PHE D 55 11.82 27.67 45.88
C PHE D 55 11.74 27.85 47.39
N ALA D 56 10.80 28.69 47.85
CA ALA D 56 10.60 28.91 49.28
C ALA D 56 10.25 27.60 50.00
N ASP D 57 9.37 26.83 49.40
CA ASP D 57 8.88 25.59 50.01
C ASP D 57 10.00 24.56 50.18
N LEU D 58 11.02 24.67 49.34
CA LEU D 58 12.18 23.79 49.41
C LEU D 58 13.27 24.30 50.35
N GLY D 59 13.06 25.48 50.94
CA GLY D 59 14.02 26.04 51.87
C GLY D 59 14.90 27.14 51.29
N GLY D 60 14.61 27.56 50.07
CA GLY D 60 15.34 28.69 49.49
C GLY D 60 15.03 29.96 50.27
N LYS D 61 16.00 30.87 50.33
N LYS D 61 16.00 30.89 50.33
CA LYS D 61 15.83 32.11 51.08
CA LYS D 61 15.82 32.12 51.10
C LYS D 61 15.94 33.36 50.21
C LYS D 61 16.05 33.41 50.31
N THR D 62 16.88 33.35 49.26
CA THR D 62 17.21 34.54 48.48
C THR D 62 17.40 34.23 47.01
N ILE D 63 16.93 35.15 46.17
CA ILE D 63 17.21 35.08 44.75
C ILE D 63 17.87 36.39 44.32
N VAL D 64 19.00 36.27 43.65
CA VAL D 64 19.66 37.43 43.06
C VAL D 64 19.05 37.61 41.66
N ASP D 65 18.36 38.72 41.48
CA ASP D 65 17.67 39.02 40.23
C ASP D 65 18.60 39.86 39.36
N ALA D 66 19.15 39.25 38.32
CA ALA D 66 20.15 39.92 37.49
C ALA D 66 19.57 40.85 36.40
N THR D 67 18.28 41.18 36.51
CA THR D 67 17.62 41.97 35.46
C THR D 67 18.06 43.44 35.50
N ALA D 68 18.77 43.87 34.46
CA ALA D 68 19.27 45.23 34.40
C ALA D 68 18.34 46.15 33.61
N VAL D 69 18.74 47.42 33.47
CA VAL D 69 17.80 48.42 33.00
C VAL D 69 17.43 48.20 31.54
N ASP D 70 18.35 47.61 30.78
CA ASP D 70 18.08 47.28 29.38
C ASP D 70 17.23 46.01 29.17
N TYR D 71 16.79 45.40 30.27
CA TYR D 71 16.09 44.12 30.14
C TYR D 71 14.65 44.20 30.63
N GLY D 72 14.09 45.40 30.64
CA GLY D 72 12.67 45.60 30.86
C GLY D 72 12.20 45.18 32.23
N ARG D 73 12.76 45.81 33.26
CA ARG D 73 12.43 45.44 34.62
C ARG D 73 10.94 45.60 34.93
N ARG D 74 10.48 44.78 35.87
CA ARG D 74 9.16 44.94 36.47
C ARG D 74 9.36 44.95 37.97
N VAL D 75 9.98 46.03 38.45
CA VAL D 75 10.45 46.11 39.83
C VAL D 75 9.33 45.90 40.84
N LEU D 76 8.17 46.52 40.59
CA LEU D 76 7.10 46.43 41.58
C LEU D 76 6.49 45.03 41.65
N ASP D 77 6.44 44.33 40.51
CA ASP D 77 5.99 42.94 40.51
C ASP D 77 6.96 42.06 41.30
N VAL D 78 8.25 42.28 41.10
CA VAL D 78 9.24 41.52 41.84
C VAL D 78 9.14 41.83 43.35
N ALA D 79 8.98 43.10 43.69
CA ALA D 79 8.79 43.49 45.08
C ALA D 79 7.56 42.81 45.68
N GLN D 80 6.45 42.77 44.94
CA GLN D 80 5.23 42.21 45.47
C GLN D 80 5.42 40.70 45.71
N ILE D 81 6.15 40.06 44.81
CA ILE D 81 6.45 38.64 44.97
C ILE D 81 7.27 38.41 46.22
N SER D 82 8.28 39.25 46.43
CA SER D 82 9.12 39.15 47.62
C SER D 82 8.27 39.31 48.89
N LYS D 83 7.40 40.31 48.90
CA LYS D 83 6.50 40.53 50.03
C LYS D 83 5.59 39.34 50.32
N GLU D 84 4.98 38.77 49.28
CA GLU D 84 4.03 37.69 49.45
C GLU D 84 4.67 36.36 49.83
N THR D 85 5.86 36.09 49.29
CA THR D 85 6.49 34.78 49.46
C THR D 85 7.51 34.76 50.60
N GLY D 86 7.99 35.95 50.97
CA GLY D 86 9.04 36.07 51.98
C GLY D 86 10.44 35.84 51.44
N ILE D 87 10.56 35.53 50.16
CA ILE D 87 11.88 35.34 49.55
C ILE D 87 12.56 36.72 49.37
N GLN D 88 13.80 36.80 49.84
CA GLN D 88 14.60 38.02 49.74
C GLN D 88 15.14 38.16 48.32
N ILE D 89 15.09 39.37 47.78
CA ILE D 89 15.58 39.64 46.43
C ILE D 89 16.72 40.67 46.45
N VAL D 90 17.82 40.30 45.80
CA VAL D 90 18.89 41.25 45.54
C VAL D 90 18.74 41.71 44.09
N GLY D 91 18.46 43.00 43.91
CA GLY D 91 18.32 43.58 42.59
C GLY D 91 19.63 44.04 41.98
N THR D 92 19.60 44.33 40.69
CA THR D 92 20.82 44.57 39.93
C THR D 92 20.72 45.90 39.17
N ALA D 93 21.69 46.77 39.40
CA ALA D 93 21.79 48.02 38.68
C ALA D 93 22.75 47.82 37.52
N GLY D 94 22.72 48.73 36.56
CA GLY D 94 23.69 48.66 35.48
C GLY D 94 23.13 48.16 34.18
N PHE D 95 23.95 47.40 33.47
CA PHE D 95 23.72 47.14 32.07
C PHE D 95 23.96 45.67 31.76
N ASN D 96 23.39 45.25 30.64
CA ASN D 96 23.67 43.93 30.10
C ASN D 96 24.40 44.08 28.77
N LYS D 97 24.38 43.00 28.00
CA LYS D 97 24.97 42.92 26.67
C LYS D 97 24.47 44.04 25.76
N SER D 98 25.37 44.58 24.96
CA SER D 98 25.02 45.70 24.08
C SER D 98 24.01 45.36 22.97
N PHE D 99 23.87 44.09 22.61
CA PHE D 99 22.88 43.78 21.57
C PHE D 99 21.46 44.17 22.00
N LEU D 100 21.21 44.19 23.31
CA LEU D 100 19.90 44.57 23.83
C LEU D 100 19.64 46.07 23.65
N TRP D 101 20.70 46.83 23.40
CA TRP D 101 20.60 48.29 23.45
C TRP D 101 19.85 48.88 22.26
N ASP D 102 19.50 48.04 21.30
CA ASP D 102 18.69 48.49 20.18
C ASP D 102 17.22 48.70 20.60
N GLY D 103 16.86 48.15 21.76
CA GLY D 103 15.51 48.28 22.26
C GLY D 103 15.14 49.72 22.58
N LYS D 104 13.86 50.04 22.40
CA LYS D 104 13.34 51.35 22.76
C LYS D 104 13.28 51.53 24.27
N ILE D 105 13.58 52.74 24.74
CA ILE D 105 13.50 53.04 26.16
C ILE D 105 12.04 53.31 26.55
N LYS D 106 11.62 52.74 27.68
N LYS D 106 11.58 52.71 27.64
CA LYS D 106 10.31 53.02 28.26
CA LYS D 106 10.22 52.95 28.09
C LYS D 106 10.08 54.53 28.26
C LYS D 106 10.02 54.44 28.29
N PRO D 107 8.91 54.99 27.78
CA PRO D 107 8.59 56.40 27.98
C PRO D 107 8.67 56.74 29.48
N GLU D 108 8.28 55.79 30.32
CA GLU D 108 8.27 56.00 31.77
C GLU D 108 9.65 56.23 32.38
N LEU D 109 10.70 55.80 31.67
CA LEU D 109 12.06 55.94 32.17
C LEU D 109 12.77 57.19 31.67
N LYS D 110 12.18 57.86 30.68
CA LYS D 110 12.82 59.03 30.10
C LYS D 110 13.09 60.18 31.11
N PRO D 111 12.15 60.38 32.06
CA PRO D 111 12.43 61.41 33.07
C PRO D 111 13.67 61.11 33.92
N ILE D 112 14.11 59.86 33.94
CA ILE D 112 15.31 59.48 34.68
C ILE D 112 16.56 59.39 33.80
N ILE D 113 16.41 58.69 32.68
CA ILE D 113 17.52 58.39 31.79
C ILE D 113 17.82 59.56 30.85
N GLY D 114 16.78 60.29 30.47
CA GLY D 114 16.91 61.34 29.49
C GLY D 114 16.07 61.04 28.26
N ASP D 115 15.94 62.01 27.37
CA ASP D 115 15.09 61.87 26.20
C ASP D 115 15.84 61.18 25.06
N PHE D 116 15.91 59.85 25.15
CA PHE D 116 16.58 59.05 24.12
C PHE D 116 15.64 57.96 23.62
N GLU D 117 15.77 57.66 22.33
CA GLU D 117 14.90 56.68 21.71
C GLU D 117 15.25 55.24 22.10
N THR D 118 16.54 54.95 22.16
CA THR D 118 17.00 53.59 22.45
C THR D 118 18.10 53.64 23.49
N TYR D 119 18.37 52.51 24.12
CA TYR D 119 19.48 52.46 25.07
C TYR D 119 20.81 52.79 24.40
N TYR D 120 20.98 52.39 23.14
CA TYR D 120 22.20 52.68 22.39
C TYR D 120 22.44 54.18 22.35
N GLU D 121 21.41 54.91 21.94
CA GLU D 121 21.49 56.36 21.84
C GLU D 121 21.85 56.97 23.19
N TRP D 122 21.21 56.47 24.26
CA TRP D 122 21.49 56.96 25.60
C TRP D 122 22.96 56.77 25.96
N ILE D 123 23.45 55.55 25.80
CA ILE D 123 24.78 55.22 26.25
C ILE D 123 25.86 55.89 25.39
N GLU D 124 25.60 56.02 24.10
CA GLU D 124 26.55 56.67 23.20
C GLU D 124 26.70 58.15 23.53
N ASN D 125 25.59 58.77 23.92
CA ASN D 125 25.55 60.23 24.09
C ASN D 125 25.62 60.74 25.52
N THR D 126 25.98 59.86 26.45
CA THR D 126 26.08 60.23 27.86
C THR D 126 27.51 59.95 28.33
N THR D 127 28.09 60.89 29.07
CA THR D 127 29.46 60.72 29.56
C THR D 127 29.55 59.52 30.52
N THR D 128 30.75 58.97 30.65
CA THR D 128 30.97 57.87 31.59
C THR D 128 30.57 58.27 33.01
N ASP D 129 30.83 59.52 33.37
CA ASP D 129 30.52 60.01 34.71
C ASP D 129 29.01 60.04 34.97
N LYS D 130 28.24 60.44 33.96
CA LYS D 130 26.79 60.47 34.12
C LYS D 130 26.18 59.06 34.10
N LEU D 131 26.81 58.15 33.38
CA LEU D 131 26.40 56.75 33.45
C LEU D 131 26.67 56.20 34.87
N THR D 132 27.85 56.50 35.41
CA THR D 132 28.13 56.13 36.80
C THR D 132 27.05 56.67 37.73
N GLU D 133 26.71 57.95 37.57
CA GLU D 133 25.68 58.56 38.41
C GLU D 133 24.37 57.77 38.37
N PHE D 134 23.95 57.39 37.16
CA PHE D 134 22.73 56.60 37.00
C PHE D 134 22.81 55.27 37.79
N VAL D 135 23.93 54.57 37.67
CA VAL D 135 24.12 53.30 38.37
C VAL D 135 24.14 53.51 39.89
N VAL D 136 24.90 54.51 40.33
CA VAL D 136 24.96 54.83 41.75
C VAL D 136 23.55 55.12 42.30
N ASN D 137 22.75 55.86 41.55
N ASN D 137 22.75 55.86 41.55
CA ASN D 137 21.39 56.19 41.99
CA ASN D 137 21.40 56.18 42.01
C ASN D 137 20.52 54.96 42.20
C ASN D 137 20.52 54.95 42.20
N GLU D 138 20.69 53.95 41.35
CA GLU D 138 19.92 52.72 41.48
C GLU D 138 20.27 51.96 42.76
N VAL D 139 21.54 52.06 43.17
CA VAL D 139 22.04 51.38 44.36
C VAL D 139 21.69 52.15 45.63
N GLU D 140 21.79 53.48 45.57
CA GLU D 140 21.65 54.30 46.78
C GLU D 140 20.24 54.81 47.02
N ASN D 141 19.46 54.98 45.95
CA ASN D 141 18.12 55.54 46.08
C ASN D 141 16.99 54.60 45.66
N GLY D 142 17.18 53.86 44.57
CA GLY D 142 16.18 52.91 44.16
C GLY D 142 16.20 52.64 42.66
N LEU D 143 15.78 51.42 42.30
CA LEU D 143 15.67 51.04 40.90
C LEU D 143 14.53 51.80 40.24
N GLU D 144 14.85 52.49 39.14
CA GLU D 144 13.82 53.13 38.30
C GLU D 144 12.80 54.00 39.02
N GLY D 145 13.26 54.75 40.01
CA GLY D 145 12.38 55.69 40.71
C GLY D 145 11.57 55.09 41.84
N THR D 146 11.63 53.78 41.99
CA THR D 146 11.04 53.10 43.15
C THR D 146 11.99 53.20 44.35
N PRO D 147 11.50 52.83 45.54
CA PRO D 147 12.36 52.79 46.74
C PRO D 147 13.09 51.47 46.93
N TYR D 148 13.04 50.60 45.92
CA TYR D 148 13.70 49.29 46.01
C TYR D 148 15.10 49.38 45.41
N LYS D 149 16.10 49.36 46.27
CA LYS D 149 17.48 49.62 45.87
C LYS D 149 18.14 48.35 45.32
N ALA D 150 19.07 48.54 44.39
CA ALA D 150 19.85 47.42 43.88
C ALA D 150 21.00 47.08 44.85
N GLY D 151 21.40 45.82 44.85
CA GLY D 151 22.45 45.36 45.73
C GLY D 151 23.68 44.84 45.01
N GLN D 152 23.70 44.98 43.69
CA GLN D 152 24.92 44.73 42.93
C GLN D 152 24.88 45.57 41.66
N VAL D 153 26.04 45.73 41.02
CA VAL D 153 26.12 46.51 39.80
C VAL D 153 26.64 45.61 38.69
N KCX D 154 26.09 45.75 37.49
CA KCX D 154 26.42 44.81 36.40
CB KCX D 154 25.17 43.94 36.14
CG KCX D 154 25.24 42.87 35.04
CD KCX D 154 23.83 42.32 34.77
CE KCX D 154 23.83 41.19 33.72
NZ KCX D 154 22.50 40.56 33.63
C KCX D 154 26.80 45.46 35.09
O KCX D 154 26.38 46.57 34.77
CX KCX D 154 22.43 39.31 33.11
OQ1 KCX D 154 21.26 38.79 32.89
OQ2 KCX D 154 23.53 38.69 32.77
N PHE D 155 27.64 44.74 34.34
CA PHE D 155 27.96 45.14 32.97
C PHE D 155 28.00 43.86 32.17
N GLY D 156 28.05 43.99 30.85
CA GLY D 156 28.09 42.81 30.01
C GLY D 156 28.82 43.03 28.71
N THR D 157 29.38 41.96 28.17
CA THR D 157 30.13 42.05 26.91
C THR D 157 29.60 41.03 25.90
N GLY D 158 30.05 41.13 24.66
CA GLY D 158 29.50 40.32 23.59
C GLY D 158 30.28 39.05 23.27
N TYR D 159 29.85 38.35 22.23
CA TYR D 159 30.49 37.09 21.88
C TYR D 159 31.90 37.32 21.33
N ASN D 160 32.90 36.99 22.13
CA ASN D 160 34.30 37.16 21.73
C ASN D 160 34.61 38.61 21.37
N MET D 161 33.92 39.54 22.02
CA MET D 161 34.22 40.94 21.78
C MET D 161 33.88 41.81 22.98
N ILE D 162 34.67 42.86 23.13
CA ILE D 162 34.29 43.97 23.98
C ILE D 162 34.35 45.20 23.11
N THR D 163 33.19 45.77 22.83
CA THR D 163 33.11 46.95 21.98
C THR D 163 33.49 48.18 22.79
N PRO D 164 33.81 49.29 22.12
CA PRO D 164 34.13 50.51 22.85
C PRO D 164 33.00 50.96 23.78
N LEU D 165 31.75 50.83 23.35
CA LEU D 165 30.64 51.23 24.22
C LEU D 165 30.47 50.28 25.40
N GLU D 166 30.71 48.99 25.18
CA GLU D 166 30.69 48.06 26.31
C GLU D 166 31.80 48.42 27.30
N GLU D 167 32.99 48.73 26.78
CA GLU D 167 34.10 49.12 27.63
C GLU D 167 33.73 50.35 28.46
N LYS D 168 33.07 51.30 27.81
CA LYS D 168 32.58 52.49 28.51
C LYS D 168 31.70 52.09 29.70
N THR D 169 30.77 51.17 29.48
CA THR D 169 29.90 50.74 30.57
C THR D 169 30.66 50.00 31.68
N ILE D 170 31.70 49.24 31.31
CA ILE D 170 32.51 48.57 32.33
C ILE D 170 33.16 49.60 33.25
N ARG D 171 33.74 50.64 32.66
CA ARG D 171 34.36 51.68 33.46
C ARG D 171 33.34 52.42 34.31
N ALA D 172 32.17 52.69 33.74
CA ALA D 172 31.12 53.39 34.49
C ALA D 172 30.70 52.57 35.71
N VAL D 173 30.59 51.26 35.52
CA VAL D 173 30.18 50.37 36.61
C VAL D 173 31.28 50.20 37.65
N ALA D 174 32.53 50.10 37.19
CA ALA D 174 33.65 50.05 38.12
C ALA D 174 33.65 51.29 39.00
N ARG D 175 33.38 52.43 38.40
CA ARG D 175 33.39 53.68 39.14
C ARG D 175 32.20 53.76 40.10
N ALA D 176 31.08 53.19 39.69
CA ALA D 176 29.94 53.07 40.58
C ALA D 176 30.26 52.19 41.79
N HIS D 177 31.02 51.10 41.57
CA HIS D 177 31.53 50.33 42.69
C HIS D 177 32.38 51.17 43.66
N HIS D 178 33.34 51.93 43.15
CA HIS D 178 34.17 52.72 44.04
C HIS D 178 33.34 53.66 44.91
N GLU D 179 32.27 54.19 44.35
CA GLU D 179 31.39 55.11 45.08
C GLU D 179 30.50 54.40 46.12
N THR D 180 29.98 53.23 45.79
CA THR D 180 28.97 52.58 46.64
C THR D 180 29.48 51.38 47.43
N LYS D 181 30.57 50.79 46.95
CA LYS D 181 31.13 49.53 47.46
C LYS D 181 30.25 48.32 47.15
N ALA D 182 29.33 48.46 46.18
CA ALA D 182 28.47 47.34 45.82
C ALA D 182 29.25 46.23 45.12
N PRO D 183 28.85 44.96 45.32
CA PRO D 183 29.41 43.85 44.52
C PRO D 183 29.19 44.07 43.03
N ILE D 184 30.10 43.57 42.20
CA ILE D 184 30.00 43.70 40.75
C ILE D 184 29.72 42.35 40.11
N HIS D 185 28.85 42.32 39.09
CA HIS D 185 28.55 41.10 38.37
C HIS D 185 28.77 41.35 36.89
N SER D 186 29.26 40.35 36.16
CA SER D 186 29.38 40.52 34.72
C SER D 186 28.63 39.45 33.94
N HIS D 187 28.10 39.86 32.80
CA HIS D 187 27.62 38.93 31.79
C HIS D 187 28.76 38.64 30.83
N THR D 188 29.09 37.37 30.65
CA THR D 188 29.95 36.96 29.55
C THR D 188 29.08 36.25 28.53
N GLU D 189 29.24 36.61 27.26
CA GLU D 189 28.47 35.95 26.21
C GLU D 189 29.13 34.62 25.87
N ALA D 190 28.41 33.53 26.08
CA ALA D 190 28.94 32.18 25.89
C ALA D 190 30.24 31.97 26.67
N GLY D 191 30.35 32.67 27.81
CA GLY D 191 31.50 32.49 28.67
C GLY D 191 32.80 33.04 28.11
N THR D 192 32.70 33.95 27.15
CA THR D 192 33.89 34.58 26.55
C THR D 192 34.29 35.93 27.19
N MET D 193 35.56 36.26 27.05
CA MET D 193 36.09 37.60 27.36
C MET D 193 36.29 37.90 28.85
N ALA D 194 36.26 36.88 29.71
CA ALA D 194 36.45 37.10 31.15
C ALA D 194 37.81 37.74 31.44
N LEU D 195 38.87 37.27 30.78
CA LEU D 195 40.20 37.80 31.07
C LEU D 195 40.33 39.26 30.60
N GLU D 196 39.65 39.60 29.50
CA GLU D 196 39.69 40.97 28.98
C GLU D 196 38.84 41.92 29.87
N GLN D 197 37.71 41.42 30.37
CA GLN D 197 36.94 42.20 31.36
C GLN D 197 37.82 42.47 32.57
N ILE D 198 38.54 41.45 33.02
CA ILE D 198 39.36 41.56 34.19
C ILE D 198 40.46 42.62 34.01
N GLU D 199 41.07 42.61 32.83
CA GLU D 199 42.10 43.60 32.49
C GLU D 199 41.56 45.03 32.64
N ILE D 200 40.36 45.27 32.14
CA ILE D 200 39.76 46.60 32.26
C ILE D 200 39.48 46.94 33.72
N LEU D 201 38.97 45.98 34.48
CA LEU D 201 38.71 46.19 35.90
C LEU D 201 40.00 46.47 36.66
N LYS D 202 41.09 45.82 36.28
CA LYS D 202 42.39 46.09 36.90
C LYS D 202 42.83 47.51 36.62
N GLN D 203 42.57 48.01 35.42
CA GLN D 203 42.87 49.40 35.09
C GLN D 203 42.10 50.39 35.96
N GLU D 204 40.90 49.97 36.37
CA GLU D 204 40.04 50.79 37.22
C GLU D 204 40.28 50.51 38.71
N ASN D 205 41.31 49.75 39.02
CA ASN D 205 41.70 49.48 40.41
C ASN D 205 40.63 48.76 41.22
N ILE D 206 39.99 47.77 40.59
CA ILE D 206 38.98 46.96 41.25
C ILE D 206 39.58 45.64 41.70
N PRO D 207 39.52 45.37 43.02
CA PRO D 207 39.95 44.04 43.50
C PRO D 207 39.05 42.96 42.89
N LEU D 208 39.64 41.96 42.24
CA LEU D 208 38.84 41.02 41.49
C LEU D 208 37.95 40.12 42.35
N GLU D 209 38.25 40.02 43.64
CA GLU D 209 37.37 39.25 44.53
C GLU D 209 36.03 39.97 44.75
N TYR D 210 35.91 41.19 44.21
CA TYR D 210 34.66 41.94 44.30
C TYR D 210 33.79 41.68 43.08
N LEU D 211 34.23 40.79 42.20
CA LEU D 211 33.50 40.51 40.97
C LEU D 211 32.99 39.07 40.94
N SER D 212 31.75 38.89 40.46
CA SER D 212 31.31 37.56 40.08
C SER D 212 31.08 37.56 38.58
N ILE D 213 31.57 36.51 37.92
CA ILE D 213 31.54 36.41 36.46
C ILE D 213 30.47 35.41 36.06
N GLY D 214 29.44 35.91 35.39
CA GLY D 214 28.32 35.10 34.96
C GLY D 214 28.66 34.19 33.78
N HIS D 215 27.92 33.09 33.70
CA HIS D 215 27.91 32.19 32.54
C HIS D 215 29.24 31.47 32.29
N MET D 216 30.00 31.19 33.35
CA MET D 216 31.25 30.47 33.17
C MET D 216 31.04 29.04 32.68
N ASP D 217 29.85 28.51 32.93
CA ASP D 217 29.46 27.17 32.49
C ASP D 217 29.26 27.08 30.97
N ARG D 218 29.29 28.21 30.27
CA ARG D 218 29.12 28.20 28.82
C ARG D 218 30.43 27.92 28.09
N ASN D 219 31.54 27.96 28.84
CA ASN D 219 32.86 27.80 28.25
C ASN D 219 33.65 26.85 29.15
N LEU D 220 33.41 25.55 28.99
CA LEU D 220 33.90 24.55 29.94
C LEU D 220 35.34 24.14 29.61
N ASP D 221 36.25 25.01 30.02
CA ASP D 221 37.66 24.91 29.64
C ASP D 221 38.47 25.00 30.94
N PRO D 222 39.07 23.88 31.35
CA PRO D 222 39.75 23.84 32.65
C PRO D 222 40.85 24.91 32.77
N TYR D 223 41.62 25.07 31.70
CA TYR D 223 42.75 26.01 31.71
C TYR D 223 42.25 27.45 31.88
N TYR D 224 41.25 27.82 31.08
CA TYR D 224 40.62 29.13 31.14
C TYR D 224 39.99 29.36 32.51
N HIS D 225 39.24 28.37 32.99
CA HIS D 225 38.60 28.49 34.30
C HIS D 225 39.63 28.73 35.40
N LYS D 226 40.76 28.03 35.34
CA LYS D 226 41.79 28.23 36.35
C LYS D 226 42.40 29.64 36.24
N GLN D 227 42.65 30.12 35.02
CA GLN D 227 43.16 31.48 34.84
C GLN D 227 42.23 32.48 35.51
N VAL D 228 40.93 32.33 35.28
CA VAL D 228 39.95 33.22 35.88
C VAL D 228 39.96 33.08 37.40
N ALA D 229 39.91 31.84 37.89
CA ALA D 229 39.83 31.58 39.33
C ALA D 229 41.03 32.15 40.08
N LYS D 230 42.20 32.14 39.45
CA LYS D 230 43.42 32.62 40.11
C LYS D 230 43.35 34.09 40.48
N THR D 231 42.49 34.85 39.81
CA THR D 231 42.34 36.28 40.11
C THR D 231 41.57 36.52 41.41
N GLY D 232 40.85 35.50 41.89
CA GLY D 232 40.02 35.65 43.08
C GLY D 232 38.54 35.93 42.78
N ALA D 233 38.22 36.12 41.51
CA ALA D 233 36.84 36.39 41.11
C ALA D 233 35.92 35.23 41.46
N PHE D 234 34.67 35.53 41.80
CA PHE D 234 33.67 34.50 41.90
C PHE D 234 33.28 34.07 40.49
N MET D 235 32.96 32.78 40.37
CA MET D 235 32.61 32.19 39.08
C MET D 235 31.23 31.59 39.16
N SER D 236 30.33 32.10 38.34
CA SER D 236 28.94 31.70 38.38
C SER D 236 28.67 30.60 37.36
N PHE D 237 28.28 29.43 37.85
CA PHE D 237 27.79 28.35 37.00
C PHE D 237 26.29 28.45 37.00
N ASP D 238 25.75 29.19 36.04
CA ASP D 238 24.35 29.59 36.13
C ASP D 238 23.50 29.05 35.00
N GLY D 239 24.00 28.01 34.33
CA GLY D 239 23.22 27.33 33.31
C GLY D 239 22.90 25.90 33.69
N ILE D 240 22.68 25.64 34.98
CA ILE D 240 22.27 24.33 35.42
C ILE D 240 21.02 23.88 34.63
N ALA D 241 21.05 22.62 34.20
CA ALA D 241 19.95 22.00 33.44
C ALA D 241 19.89 22.39 31.98
N LYS D 242 20.77 23.29 31.54
CA LYS D 242 20.72 23.68 30.12
C LYS D 242 21.44 22.68 29.21
N ILE D 243 20.76 21.57 28.97
CA ILE D 243 21.31 20.46 28.19
C ILE D 243 21.66 20.89 26.78
N LYS D 244 20.95 21.90 26.28
CA LYS D 244 21.22 22.39 24.94
C LYS D 244 22.64 22.94 24.83
N TYR D 245 23.22 23.32 25.97
CA TYR D 245 24.59 23.84 25.99
C TYR D 245 25.62 22.79 26.40
N ALA D 246 25.24 21.90 27.32
CA ALA D 246 26.14 20.85 27.81
C ALA D 246 25.38 19.88 28.70
N PRO D 247 25.83 18.61 28.75
CA PRO D 247 25.21 17.70 29.71
C PRO D 247 25.56 18.10 31.13
N GLU D 248 24.67 17.76 32.07
CA GLU D 248 24.90 18.14 33.45
C GLU D 248 26.23 17.61 33.97
N SER D 249 26.62 16.41 33.54
CA SER D 249 27.90 15.84 33.93
C SER D 249 29.08 16.74 33.59
N ALA D 250 28.99 17.47 32.46
CA ALA D 250 30.06 18.38 32.06
C ALA D 250 30.17 19.59 32.99
N ARG D 251 29.04 20.15 33.39
CA ARG D 251 29.06 21.26 34.33
C ARG D 251 29.61 20.80 35.67
N ILE D 252 29.16 19.64 36.14
CA ILE D 252 29.60 19.12 37.43
C ILE D 252 31.11 18.80 37.42
N ALA D 253 31.57 18.20 36.33
CA ALA D 253 33.00 17.92 36.19
C ALA D 253 33.83 19.21 36.27
N ALA D 254 33.32 20.28 35.66
CA ALA D 254 34.04 21.55 35.63
C ALA D 254 34.09 22.18 37.02
N ILE D 255 32.98 22.07 37.75
CA ILE D 255 32.93 22.55 39.13
C ILE D 255 33.91 21.76 39.99
N LEU D 256 33.87 20.45 39.89
CA LEU D 256 34.78 19.63 40.69
C LEU D 256 36.25 19.84 40.35
N TYR D 257 36.54 20.16 39.09
CA TYR D 257 37.92 20.52 38.73
C TYR D 257 38.37 21.74 39.51
N LEU D 258 37.56 22.78 39.49
CA LEU D 258 37.86 23.98 40.25
C LEU D 258 38.01 23.69 41.75
N VAL D 259 37.13 22.85 42.30
CA VAL D 259 37.25 22.42 43.69
C VAL D 259 38.60 21.73 43.93
N SER D 260 38.93 20.79 43.06
CA SER D 260 40.18 20.04 43.22
C SER D 260 41.40 20.96 43.20
N GLU D 261 41.28 22.09 42.51
CA GLU D 261 42.39 23.02 42.38
C GLU D 261 42.38 24.11 43.46
N GLY D 262 41.44 23.99 44.40
CA GLY D 262 41.43 24.83 45.59
C GLY D 262 40.54 26.05 45.53
N PHE D 263 39.59 26.08 44.59
CA PHE D 263 38.78 27.27 44.40
C PHE D 263 37.32 27.14 44.82
N GLU D 264 37.02 26.17 45.69
CA GLU D 264 35.64 25.92 46.10
C GLU D 264 34.94 27.16 46.67
N ASP D 265 35.71 28.07 47.27
CA ASP D 265 35.12 29.23 47.92
C ASP D 265 34.68 30.33 46.95
N GLN D 266 34.92 30.11 45.65
CA GLN D 266 34.63 31.11 44.63
C GLN D 266 33.46 30.68 43.72
N ILE D 267 32.93 29.50 43.93
CA ILE D 267 31.89 28.97 43.05
C ILE D 267 30.47 29.42 43.45
N LEU D 268 29.71 29.92 42.48
CA LEU D 268 28.30 30.23 42.69
C LEU D 268 27.46 29.44 41.70
N VAL D 269 26.20 29.18 42.06
CA VAL D 269 25.34 28.34 41.23
C VAL D 269 23.94 28.94 41.03
N SER D 270 23.40 28.79 39.83
CA SER D 270 22.05 29.27 39.55
C SER D 270 21.56 28.66 38.23
N GLY D 271 20.37 29.07 37.81
CA GLY D 271 19.78 28.52 36.60
C GLY D 271 19.52 29.53 35.50
N ASP D 272 19.67 30.82 35.81
CA ASP D 272 19.47 31.88 34.83
C ASP D 272 18.18 31.61 34.06
N THR D 273 17.10 31.49 34.82
CA THR D 273 15.81 31.06 34.33
C THR D 273 15.11 32.21 33.60
N ALA D 274 15.47 32.39 32.33
CA ALA D 274 15.06 33.58 31.58
C ALA D 274 13.87 33.38 30.64
N ARG D 275 13.33 32.17 30.59
CA ARG D 275 12.29 31.86 29.60
C ARG D 275 11.02 31.29 30.20
N LYS D 276 9.89 31.54 29.55
CA LYS D 276 8.63 30.89 29.96
C LYS D 276 8.81 29.37 29.97
N THR D 277 9.51 28.86 28.96
CA THR D 277 9.73 27.41 28.85
C THR D 277 10.69 26.85 29.90
N TYR D 278 11.33 27.74 30.65
CA TYR D 278 12.16 27.31 31.77
C TYR D 278 11.41 27.34 33.10
N TYR D 279 10.36 28.15 33.21
CA TYR D 279 9.57 28.23 34.43
C TYR D 279 8.60 27.07 34.50
N LYS D 280 8.44 26.49 35.69
CA LYS D 280 7.49 25.40 35.86
C LYS D 280 6.05 25.88 35.62
N HIS D 281 5.75 27.08 36.09
CA HIS D 281 4.35 27.52 36.09
C HIS D 281 3.97 28.44 34.93
N TYR D 282 4.89 28.65 34.00
CA TYR D 282 4.51 29.17 32.69
C TYR D 282 4.47 28.00 31.72
N GLY D 283 5.63 27.53 31.28
CA GLY D 283 5.73 26.54 30.22
C GLY D 283 6.06 25.11 30.61
N HIS D 284 6.01 24.82 31.92
CA HIS D 284 6.20 23.46 32.43
C HIS D 284 7.64 22.97 32.34
N GLY D 285 8.57 23.93 32.42
CA GLY D 285 10.00 23.64 32.41
C GLY D 285 10.48 23.25 33.81
N PRO D 286 11.81 23.11 33.96
CA PRO D 286 12.37 22.61 35.23
C PRO D 286 12.06 23.54 36.41
N GLY D 287 11.99 24.85 36.14
CA GLY D 287 11.53 25.80 37.14
C GLY D 287 12.54 26.16 38.21
N LEU D 288 12.16 27.10 39.06
CA LEU D 288 13.00 27.47 40.19
C LEU D 288 13.14 26.34 41.22
N GLU D 289 12.28 25.31 41.14
CA GLU D 289 12.40 24.16 42.02
C GLU D 289 13.62 23.31 41.65
N TYR D 290 14.02 23.33 40.38
CA TYR D 290 14.93 22.29 39.89
C TYR D 290 16.25 22.16 40.66
N ILE D 291 16.94 23.27 40.86
CA ILE D 291 18.28 23.18 41.42
C ILE D 291 18.21 22.65 42.85
N ALA D 292 17.34 23.24 43.66
CA ALA D 292 17.25 22.80 45.05
C ALA D 292 16.70 21.38 45.17
N LYS D 293 15.75 21.01 44.31
CA LYS D 293 15.04 19.74 44.46
C LYS D 293 15.76 18.56 43.84
N LYS D 294 16.34 18.78 42.66
CA LYS D 294 16.92 17.70 41.85
C LYS D 294 18.43 17.79 41.67
N TRP D 295 18.94 18.98 41.39
CA TRP D 295 20.38 19.08 41.11
C TRP D 295 21.20 18.84 42.38
N VAL D 296 20.78 19.46 43.48
CA VAL D 296 21.55 19.38 44.72
C VAL D 296 21.79 17.92 45.16
N PRO D 297 20.72 17.11 45.22
CA PRO D 297 20.94 15.70 45.59
C PRO D 297 21.85 14.97 44.60
N ARG D 298 21.72 15.23 43.31
CA ARG D 298 22.63 14.58 42.38
C ARG D 298 24.06 15.02 42.60
N PHE D 299 24.27 16.34 42.73
CA PHE D 299 25.62 16.83 42.89
C PHE D 299 26.27 16.24 44.14
N ILE D 300 25.53 16.18 45.24
CA ILE D 300 26.07 15.64 46.48
C ILE D 300 26.50 14.19 46.29
N ASP D 301 25.61 13.41 45.68
CA ASP D 301 25.90 12.01 45.41
C ASP D 301 27.12 11.85 44.51
N GLU D 302 27.13 12.56 43.38
CA GLU D 302 28.23 12.44 42.43
C GLU D 302 29.56 12.93 43.01
N ALA D 303 29.51 14.04 43.75
CA ALA D 303 30.69 14.57 44.41
C ALA D 303 31.24 13.59 45.45
N ASN D 304 30.35 13.02 46.25
CA ASN D 304 30.74 12.04 47.27
C ASN D 304 31.42 10.84 46.62
N GLU D 305 30.80 10.35 45.54
CA GLU D 305 31.30 9.16 44.83
C GLU D 305 32.70 9.42 44.29
N LYS D 306 32.96 10.67 43.91
CA LYS D 306 34.26 11.05 43.36
C LYS D 306 35.26 11.48 44.44
N GLY D 307 34.87 11.34 45.71
CA GLY D 307 35.78 11.61 46.81
C GLY D 307 35.70 12.96 47.49
N PHE D 308 34.78 13.81 47.04
CA PHE D 308 34.64 15.14 47.61
C PHE D 308 33.62 15.14 48.76
N ASP D 309 33.57 16.22 49.52
CA ASP D 309 32.53 16.38 50.55
C ASP D 309 31.35 17.13 49.92
N GLY D 310 30.44 16.38 49.31
CA GLY D 310 29.33 16.95 48.56
C GLY D 310 28.48 17.91 49.37
N GLU D 311 28.13 17.50 50.60
CA GLU D 311 27.30 18.32 51.47
C GLU D 311 27.95 19.67 51.82
N LYS D 312 29.24 19.63 52.16
CA LYS D 312 29.99 20.86 52.47
C LYS D 312 30.05 21.77 51.26
N LEU D 313 30.28 21.19 50.09
CA LEU D 313 30.39 21.99 48.87
C LEU D 313 29.06 22.69 48.55
N VAL D 314 27.94 22.00 48.70
CA VAL D 314 26.64 22.63 48.48
C VAL D 314 26.43 23.79 49.44
N LYS D 315 26.84 23.60 50.69
CA LYS D 315 26.74 24.68 51.67
C LYS D 315 27.52 25.91 51.22
N LYS D 316 28.73 25.69 50.70
CA LYS D 316 29.52 26.80 50.17
C LYS D 316 28.86 27.45 48.95
N PHE D 317 28.41 26.63 47.99
CA PHE D 317 27.91 27.19 46.74
C PHE D 317 26.68 28.06 46.96
N PHE D 318 25.83 27.66 47.90
CA PHE D 318 24.51 28.27 48.04
C PHE D 318 24.37 29.15 49.27
N VAL D 319 25.28 29.00 50.22
CA VAL D 319 25.20 29.78 51.44
C VAL D 319 26.46 30.61 51.68
N ASP D 320 27.59 29.95 51.94
CA ASP D 320 28.80 30.69 52.31
C ASP D 320 29.30 31.61 51.21
N ASN D 321 29.36 31.10 49.98
CA ASN D 321 29.92 31.90 48.90
C ASN D 321 29.05 33.10 48.54
N PRO D 322 27.73 32.89 48.38
CA PRO D 322 26.88 34.07 48.14
C PRO D 322 26.96 35.08 49.29
N ALA D 323 27.04 34.61 50.53
CA ALA D 323 27.14 35.54 51.66
C ALA D 323 28.37 36.42 51.53
N ARG D 324 29.50 35.84 51.13
CA ARG D 324 30.71 36.64 50.93
C ARG D 324 30.59 37.55 49.70
N CYS D 325 30.11 36.99 48.60
CA CYS D 325 30.08 37.73 47.35
C CYS D 325 29.16 38.95 47.41
N PHE D 326 27.98 38.78 47.99
CA PHE D 326 26.97 39.83 47.89
C PHE D 326 27.01 40.85 49.03
N THR D 327 27.95 40.67 49.95
CA THR D 327 28.16 41.67 51.01
C THR D 327 28.84 42.90 50.42
N PHE D 328 28.36 44.08 50.77
CA PHE D 328 29.01 45.31 50.32
C PHE D 328 30.44 45.37 50.88
N LYS D 329 31.33 46.03 50.16
CA LYS D 329 32.73 45.97 50.50
C LYS D 329 33.13 47.10 51.45
N SER E 2 5.33 -16.20 22.20
CA SER E 2 5.67 -14.77 22.16
C SER E 2 5.81 -14.33 20.72
N PHE E 3 5.59 -13.05 20.47
CA PHE E 3 5.64 -12.57 19.09
C PHE E 3 6.01 -11.11 18.99
N ILE E 4 6.41 -10.71 17.79
CA ILE E 4 6.64 -9.32 17.45
C ILE E 4 5.68 -8.97 16.33
N ARG E 5 5.01 -7.83 16.44
CA ARG E 5 3.96 -7.50 15.49
C ARG E 5 4.49 -6.62 14.35
N THR E 6 4.54 -7.20 13.16
CA THR E 6 5.03 -6.48 12.00
C THR E 6 3.87 -6.17 11.06
N PHE E 7 4.13 -5.36 10.03
CA PHE E 7 3.11 -4.96 9.07
C PHE E 7 2.42 -6.17 8.48
N TYR E 8 3.19 -7.24 8.24
CA TYR E 8 2.63 -8.41 7.56
C TYR E 8 2.36 -9.61 8.47
N GLY E 9 2.28 -9.37 9.78
CA GLY E 9 1.87 -10.42 10.69
C GLY E 9 2.73 -10.52 11.94
N ASP E 10 2.27 -11.34 12.87
CA ASP E 10 3.02 -11.56 14.09
C ASP E 10 4.08 -12.64 13.85
N ILE E 11 5.33 -12.34 14.16
CA ILE E 11 6.43 -13.27 13.92
C ILE E 11 7.13 -13.72 15.20
N ALA E 12 7.76 -14.89 15.15
CA ALA E 12 8.57 -15.31 16.29
C ALA E 12 9.72 -14.33 16.47
N PRO E 13 10.14 -14.13 17.73
CA PRO E 13 11.25 -13.21 18.00
C PRO E 13 12.52 -13.62 17.28
N GLU E 14 12.74 -14.92 17.11
CA GLU E 14 13.91 -15.42 16.39
C GLU E 14 13.94 -14.97 14.92
N GLN E 15 12.78 -14.57 14.40
CA GLN E 15 12.68 -14.13 13.01
C GLN E 15 12.96 -12.65 12.79
N LEU E 16 13.11 -11.88 13.86
CA LEU E 16 13.35 -10.44 13.73
C LEU E 16 14.68 -10.13 13.04
N GLY E 17 15.75 -10.84 13.43
CA GLY E 17 17.06 -10.62 12.83
C GLY E 17 17.65 -9.23 13.06
N PHE E 18 18.57 -8.84 12.18
CA PHE E 18 19.32 -7.61 12.31
C PHE E 18 18.39 -6.42 12.14
N THR E 19 18.30 -5.59 13.17
CA THR E 19 17.24 -4.59 13.28
C THR E 19 17.78 -3.17 13.55
N TYR E 20 17.31 -2.19 12.77
CA TYR E 20 17.45 -0.79 13.15
C TYR E 20 16.23 -0.42 14.01
N SER E 21 16.47 0.07 15.22
CA SER E 21 15.40 0.23 16.21
C SER E 21 14.61 1.55 16.21
N HIS E 22 15.01 2.54 15.40
CA HIS E 22 14.25 3.80 15.31
C HIS E 22 14.55 4.53 14.01
N GLU E 23 13.64 4.43 13.05
CA GLU E 23 13.84 5.06 11.74
C GLU E 23 12.55 5.70 11.25
N HIS E 24 12.68 6.43 10.14
CA HIS E 24 11.51 6.90 9.38
C HIS E 24 11.78 6.53 7.95
N ILE E 25 10.72 6.27 7.19
CA ILE E 25 10.86 5.72 5.85
C ILE E 25 10.12 6.54 4.80
N VAL E 26 8.81 6.69 4.97
CA VAL E 26 8.05 7.62 4.14
C VAL E 26 7.10 8.39 5.04
N CYS E 27 7.24 9.71 5.06
CA CYS E 27 6.42 10.52 5.95
C CYS E 27 6.43 11.97 5.52
N VAL E 28 5.32 12.65 5.76
CA VAL E 28 5.13 14.03 5.37
C VAL E 28 4.55 14.80 6.55
N PRO E 29 5.39 15.11 7.56
CA PRO E 29 4.86 15.75 8.76
C PRO E 29 4.26 17.12 8.47
N ALA E 30 3.00 17.32 8.86
CA ALA E 30 2.27 18.55 8.56
C ALA E 30 2.98 19.79 9.08
N TYR E 31 3.48 19.72 10.31
CA TYR E 31 4.15 20.86 10.91
C TYR E 31 5.26 21.38 10.01
N TRP E 32 6.07 20.47 9.50
CA TRP E 32 7.20 20.84 8.65
C TRP E 32 6.78 21.21 7.23
N GLN E 33 5.78 20.51 6.69
CA GLN E 33 5.33 20.83 5.34
C GLN E 33 4.75 22.24 5.31
N GLU E 34 4.05 22.62 6.37
CA GLU E 34 3.42 23.93 6.44
C GLU E 34 4.44 25.06 6.57
N ARG E 35 5.67 24.70 6.94
CA ARG E 35 6.74 25.68 7.11
C ARG E 35 7.78 25.60 6.00
N ASP E 36 7.43 24.88 4.94
CA ASP E 36 8.31 24.73 3.77
C ASP E 36 9.64 24.08 4.11
N ALA E 37 9.68 23.28 5.16
CA ALA E 37 10.92 22.57 5.49
C ALA E 37 10.96 21.25 4.72
N ASP E 38 11.24 21.34 3.43
CA ASP E 38 11.14 20.21 2.51
C ASP E 38 12.09 19.07 2.88
N ASP E 39 13.19 19.39 3.54
CA ASP E 39 14.18 18.35 3.87
C ASP E 39 13.60 17.32 4.85
N LEU E 40 12.57 17.72 5.60
CA LEU E 40 11.97 16.84 6.60
C LEU E 40 10.78 16.04 6.05
N LEU E 41 10.58 16.11 4.74
CA LEU E 41 9.54 15.33 4.09
C LEU E 41 10.18 14.20 3.31
N LEU E 42 9.99 12.97 3.76
CA LEU E 42 10.44 11.81 3.02
C LEU E 42 9.28 11.40 2.14
N ASP E 43 9.22 12.01 0.96
CA ASP E 43 7.98 12.02 0.18
C ASP E 43 8.09 11.34 -1.17
N ASP E 44 9.00 10.38 -1.30
CA ASP E 44 9.16 9.66 -2.55
C ASP E 44 9.40 8.19 -2.24
N LYS E 45 8.34 7.40 -2.38
CA LYS E 45 8.35 5.99 -2.02
C LYS E 45 9.51 5.25 -2.68
N GLU E 46 9.74 5.51 -3.96
CA GLU E 46 10.78 4.79 -4.67
C GLU E 46 12.20 5.15 -4.19
N LYS E 47 12.44 6.42 -3.88
CA LYS E 47 13.73 6.82 -3.33
C LYS E 47 13.97 6.23 -1.94
N SER E 48 12.95 6.30 -1.09
CA SER E 48 13.06 5.65 0.22
C SER E 48 13.38 4.18 0.06
N GLN E 49 12.71 3.52 -0.89
CA GLN E 49 12.90 2.11 -1.10
C GLN E 49 14.32 1.74 -1.48
N LEU E 50 15.00 2.61 -2.24
CA LEU E 50 16.37 2.33 -2.63
C LEU E 50 17.29 2.22 -1.40
N ASP E 51 17.07 3.07 -0.40
CA ASP E 51 17.85 3.00 0.82
C ASP E 51 17.51 1.73 1.60
N VAL E 52 16.23 1.40 1.67
CA VAL E 52 15.82 0.20 2.38
C VAL E 52 16.42 -1.03 1.70
N GLN E 53 16.47 -1.01 0.36
CA GLN E 53 17.11 -2.09 -0.40
C GLN E 53 18.61 -2.21 -0.06
N ASP E 54 19.29 -1.06 0.12
CA ASP E 54 20.69 -1.09 0.52
C ASP E 54 20.83 -1.83 1.85
N PHE E 55 19.92 -1.53 2.77
CA PHE E 55 19.89 -2.20 4.07
C PHE E 55 19.72 -3.71 3.90
N ALA E 56 18.75 -4.12 3.08
CA ALA E 56 18.53 -5.54 2.82
C ALA E 56 19.78 -6.22 2.24
N ASP E 57 20.45 -5.53 1.32
CA ASP E 57 21.62 -6.09 0.63
C ASP E 57 22.79 -6.31 1.59
N LEU E 58 22.82 -5.52 2.66
CA LEU E 58 23.86 -5.63 3.69
C LEU E 58 23.50 -6.67 4.74
N GLY E 59 22.31 -7.24 4.64
CA GLY E 59 21.90 -8.28 5.56
C GLY E 59 20.94 -7.82 6.65
N GLY E 60 20.44 -6.59 6.51
CA GLY E 60 19.44 -6.10 7.43
C GLY E 60 18.15 -6.87 7.24
N LYS E 61 17.38 -6.99 8.32
CA LYS E 61 16.16 -7.78 8.25
C LYS E 61 14.90 -7.00 8.65
N THR E 62 15.04 -6.10 9.61
CA THR E 62 13.87 -5.38 10.16
C THR E 62 14.19 -3.91 10.42
N ILE E 63 13.22 -3.05 10.14
CA ILE E 63 13.32 -1.64 10.53
C ILE E 63 12.12 -1.31 11.42
N VAL E 64 12.37 -0.71 12.57
CA VAL E 64 11.30 -0.21 13.41
C VAL E 64 11.01 1.23 12.97
N ASP E 65 9.83 1.44 12.39
CA ASP E 65 9.46 2.74 11.83
C ASP E 65 8.72 3.50 12.92
N ALA E 66 9.39 4.53 13.45
CA ALA E 66 8.90 5.25 14.63
C ALA E 66 7.93 6.37 14.26
N THR E 67 7.50 6.41 13.00
CA THR E 67 6.61 7.48 12.56
C THR E 67 5.23 7.41 13.20
N ALA E 68 4.91 8.41 14.03
CA ALA E 68 3.65 8.43 14.76
C ALA E 68 2.58 9.23 14.01
N VAL E 69 1.37 9.31 14.57
CA VAL E 69 0.22 9.83 13.82
C VAL E 69 0.39 11.31 13.47
N ASP E 70 1.08 12.03 14.33
CA ASP E 70 1.27 13.46 14.15
C ASP E 70 2.40 13.77 13.18
N TYR E 71 3.07 12.73 12.68
CA TYR E 71 4.21 12.92 11.80
C TYR E 71 3.90 12.60 10.34
N GLY E 72 2.60 12.46 10.02
CA GLY E 72 2.20 12.36 8.62
C GLY E 72 2.60 11.05 7.96
N ARG E 73 2.09 9.96 8.51
CA ARG E 73 2.47 8.64 8.02
C ARG E 73 2.08 8.44 6.56
N ARG E 74 2.78 7.52 5.91
CA ARG E 74 2.35 7.03 4.60
C ARG E 74 2.42 5.51 4.66
N VAL E 75 1.47 4.94 5.40
CA VAL E 75 1.51 3.54 5.77
C VAL E 75 1.52 2.64 4.53
N LEU E 76 0.71 2.98 3.54
CA LEU E 76 0.60 2.12 2.36
C LEU E 76 1.91 2.09 1.57
N ASP E 77 2.61 3.22 1.51
CA ASP E 77 3.92 3.27 0.84
C ASP E 77 4.94 2.42 1.59
N VAL E 78 4.95 2.52 2.91
CA VAL E 78 5.86 1.71 3.70
C VAL E 78 5.55 0.22 3.54
N ALA E 79 4.25 -0.12 3.52
CA ALA E 79 3.83 -1.50 3.28
C ALA E 79 4.37 -2.03 1.94
N GLN E 80 4.28 -1.23 0.88
CA GLN E 80 4.79 -1.69 -0.42
C GLN E 80 6.30 -1.82 -0.40
N ILE E 81 6.99 -0.89 0.27
CA ILE E 81 8.44 -1.02 0.42
C ILE E 81 8.82 -2.32 1.13
N SER E 82 8.09 -2.65 2.19
CA SER E 82 8.32 -3.90 2.90
C SER E 82 8.13 -5.12 1.99
N LYS E 83 7.03 -5.12 1.24
CA LYS E 83 6.76 -6.23 0.31
C LYS E 83 7.87 -6.39 -0.73
N GLU E 84 8.31 -5.27 -1.30
CA GLU E 84 9.24 -5.32 -2.43
C GLU E 84 10.68 -5.60 -2.03
N THR E 85 11.07 -5.17 -0.82
CA THR E 85 12.44 -5.36 -0.36
C THR E 85 12.59 -6.60 0.52
N GLY E 86 11.47 -7.06 1.09
CA GLY E 86 11.51 -8.17 2.02
C GLY E 86 11.88 -7.76 3.44
N ILE E 87 12.13 -6.48 3.65
CA ILE E 87 12.44 -5.99 4.99
C ILE E 87 11.17 -5.92 5.86
N GLN E 88 11.25 -6.47 7.06
CA GLN E 88 10.11 -6.50 7.97
C GLN E 88 10.01 -5.13 8.64
N ILE E 89 8.80 -4.62 8.81
CA ILE E 89 8.61 -3.31 9.42
C ILE E 89 7.75 -3.44 10.67
N VAL E 90 8.22 -2.86 11.78
CA VAL E 90 7.40 -2.73 12.98
C VAL E 90 6.90 -1.29 13.00
N GLY E 91 5.59 -1.12 12.92
CA GLY E 91 4.98 0.21 12.89
C GLY E 91 4.74 0.72 14.30
N THR E 92 4.46 2.02 14.41
CA THR E 92 4.38 2.66 15.73
C THR E 92 3.07 3.41 15.87
N ALA E 93 2.30 3.04 16.89
CA ALA E 93 1.06 3.74 17.20
C ALA E 93 1.36 4.88 18.16
N GLY E 94 0.47 5.85 18.24
CA GLY E 94 0.60 6.87 19.25
C GLY E 94 1.10 8.20 18.73
N PHE E 95 1.91 8.87 19.55
CA PHE E 95 2.19 10.30 19.41
C PHE E 95 3.70 10.60 19.46
N ASN E 96 4.14 11.64 18.75
CA ASN E 96 5.58 11.92 18.61
C ASN E 96 6.14 12.99 19.56
N LYS E 97 5.58 14.20 19.53
CA LYS E 97 6.07 15.32 20.34
C LYS E 97 5.11 16.51 20.13
N SER E 98 4.79 17.24 21.20
CA SER E 98 3.68 18.21 21.12
C SER E 98 3.88 19.40 20.18
N PHE E 99 5.13 19.77 19.87
CA PHE E 99 5.33 20.89 18.95
C PHE E 99 4.75 20.59 17.58
N LEU E 100 4.76 19.32 17.19
CA LEU E 100 4.19 18.92 15.91
C LEU E 100 2.67 19.10 15.86
N TRP E 101 2.03 19.21 17.01
CA TRP E 101 0.57 19.17 17.05
C TRP E 101 -0.10 20.43 16.48
N ASP E 102 0.70 21.45 16.20
CA ASP E 102 0.20 22.64 15.54
C ASP E 102 -0.19 22.33 14.10
N GLY E 103 0.31 21.22 13.58
CA GLY E 103 0.03 20.84 12.20
C GLY E 103 -1.42 20.47 11.93
N LYS E 104 -1.85 20.73 10.71
CA LYS E 104 -3.20 20.37 10.28
C LYS E 104 -3.34 18.85 10.13
N ILE E 105 -4.50 18.35 10.51
CA ILE E 105 -4.78 16.92 10.35
C ILE E 105 -5.06 16.64 8.87
N LYS E 106 -4.35 15.68 8.28
CA LYS E 106 -4.59 15.38 6.86
C LYS E 106 -6.03 14.91 6.66
N PRO E 107 -6.63 15.26 5.52
CA PRO E 107 -8.03 14.95 5.24
C PRO E 107 -8.34 13.47 5.41
N GLU E 108 -7.42 12.61 4.99
CA GLU E 108 -7.66 11.17 5.02
C GLU E 108 -7.67 10.59 6.44
N LEU E 109 -7.30 11.40 7.43
CA LEU E 109 -7.30 10.95 8.83
C LEU E 109 -8.55 11.41 9.57
N LYS E 110 -9.20 12.46 9.09
CA LYS E 110 -10.34 13.01 9.80
C LYS E 110 -11.51 12.03 9.96
N PRO E 111 -11.75 11.16 8.96
CA PRO E 111 -12.80 10.19 9.21
C PRO E 111 -12.47 9.27 10.39
N ILE E 112 -11.19 9.10 10.68
CA ILE E 112 -10.77 8.21 11.76
C ILE E 112 -10.84 8.86 13.14
N ILE E 113 -10.22 10.03 13.28
CA ILE E 113 -10.08 10.63 14.61
C ILE E 113 -11.03 11.79 14.85
N GLY E 114 -11.69 12.27 13.79
CA GLY E 114 -12.59 13.40 13.91
C GLY E 114 -12.19 14.60 13.08
N ASP E 115 -13.16 15.47 12.78
CA ASP E 115 -12.92 16.62 11.94
C ASP E 115 -12.26 17.76 12.72
N PHE E 116 -11.22 17.44 13.48
CA PHE E 116 -10.44 18.48 14.14
C PHE E 116 -9.51 19.15 13.14
N GLU E 117 -9.27 20.44 13.31
CA GLU E 117 -8.42 21.15 12.35
C GLU E 117 -6.95 20.78 12.51
N THR E 118 -6.50 20.66 13.76
CA THR E 118 -5.11 20.35 14.07
C THR E 118 -5.00 19.25 15.12
N TYR E 119 -3.82 18.62 15.20
CA TYR E 119 -3.61 17.58 16.20
C TYR E 119 -3.81 18.10 17.64
N TYR E 120 -3.42 19.35 17.89
CA TYR E 120 -3.56 19.97 19.22
C TYR E 120 -5.02 19.94 19.64
N GLU E 121 -5.89 20.37 18.74
CA GLU E 121 -7.32 20.45 19.06
C GLU E 121 -7.89 19.08 19.34
N TRP E 122 -7.50 18.09 18.53
CA TRP E 122 -7.89 16.72 18.77
C TRP E 122 -7.48 16.23 20.15
N ILE E 123 -6.19 16.35 20.47
CA ILE E 123 -5.67 15.79 21.71
C ILE E 123 -6.25 16.52 22.94
N GLU E 124 -6.33 17.84 22.85
CA GLU E 124 -6.90 18.65 23.92
C GLU E 124 -8.36 18.26 24.22
N ASN E 125 -9.12 18.00 23.16
CA ASN E 125 -10.57 17.83 23.29
C ASN E 125 -11.07 16.39 23.18
N THR E 126 -10.17 15.44 23.39
CA THR E 126 -10.52 14.02 23.43
C THR E 126 -10.06 13.48 24.77
N THR E 127 -10.94 12.76 25.46
CA THR E 127 -10.61 12.24 26.78
C THR E 127 -9.43 11.27 26.73
N THR E 128 -8.76 11.10 27.87
CA THR E 128 -7.67 10.16 27.96
C THR E 128 -8.12 8.77 27.52
N ASP E 129 -9.30 8.33 27.97
CA ASP E 129 -9.83 7.03 27.57
C ASP E 129 -10.02 6.88 26.08
N LYS E 130 -10.51 7.93 25.42
CA LYS E 130 -10.73 7.86 23.98
C LYS E 130 -9.40 7.91 23.23
N LEU E 131 -8.40 8.58 23.78
CA LEU E 131 -7.07 8.56 23.16
C LEU E 131 -6.49 7.16 23.30
N THR E 132 -6.68 6.54 24.45
CA THR E 132 -6.28 5.14 24.64
C THR E 132 -6.92 4.25 23.57
N GLU E 133 -8.22 4.44 23.35
CA GLU E 133 -8.94 3.65 22.36
C GLU E 133 -8.34 3.80 20.97
N PHE E 134 -7.98 5.02 20.61
CA PHE E 134 -7.31 5.30 19.34
C PHE E 134 -6.01 4.50 19.21
N VAL E 135 -5.17 4.53 20.25
CA VAL E 135 -3.90 3.83 20.21
C VAL E 135 -4.13 2.31 20.16
N VAL E 136 -5.02 1.81 21.01
CA VAL E 136 -5.34 0.38 20.97
C VAL E 136 -5.81 -0.05 19.57
N ASN E 137 -6.64 0.76 18.94
CA ASN E 137 -7.12 0.42 17.60
C ASN E 137 -5.98 0.34 16.59
N GLU E 138 -4.98 1.20 16.74
CA GLU E 138 -3.84 1.13 15.82
C GLU E 138 -3.08 -0.18 15.95
N VAL E 139 -3.00 -0.68 17.17
CA VAL E 139 -2.30 -1.93 17.46
C VAL E 139 -3.13 -3.16 17.10
N GLU E 140 -4.43 -3.11 17.36
CA GLU E 140 -5.27 -4.31 17.22
C GLU E 140 -5.97 -4.43 15.87
N ASN E 141 -6.25 -3.31 15.24
CA ASN E 141 -6.93 -3.29 13.96
C ASN E 141 -6.06 -2.81 12.81
N GLY E 142 -5.32 -1.73 13.02
CA GLY E 142 -4.41 -1.23 12.01
C GLY E 142 -4.20 0.27 12.11
N LEU E 143 -3.04 0.71 11.68
CA LEU E 143 -2.71 2.14 11.66
C LEU E 143 -3.69 2.91 10.78
N GLU E 144 -4.31 3.95 11.34
CA GLU E 144 -5.11 4.89 10.53
C GLU E 144 -6.21 4.27 9.70
N GLY E 145 -6.81 3.21 10.21
CA GLY E 145 -7.89 2.56 9.48
C GLY E 145 -7.43 1.60 8.39
N THR E 146 -6.11 1.51 8.18
CA THR E 146 -5.53 0.51 7.27
C THR E 146 -5.48 -0.83 7.99
N PRO E 147 -5.09 -1.91 7.29
CA PRO E 147 -4.98 -3.20 7.98
C PRO E 147 -3.58 -3.49 8.53
N TYR E 148 -2.69 -2.51 8.45
CA TYR E 148 -1.33 -2.70 8.94
C TYR E 148 -1.23 -2.32 10.40
N LYS E 149 -1.11 -3.32 11.26
CA LYS E 149 -1.11 -3.10 12.70
C LYS E 149 0.23 -2.62 13.21
N ALA E 150 0.17 -1.74 14.20
CA ALA E 150 1.36 -1.27 14.88
C ALA E 150 1.89 -2.33 15.85
N GLY E 151 3.21 -2.35 16.04
CA GLY E 151 3.84 -3.28 16.95
C GLY E 151 4.49 -2.62 18.15
N GLN E 152 4.33 -1.30 18.27
CA GLN E 152 4.71 -0.62 19.50
C GLN E 152 3.87 0.64 19.64
N VAL E 153 3.85 1.18 20.86
CA VAL E 153 3.08 2.39 21.15
C VAL E 153 4.03 3.47 21.66
N KCX E 154 3.79 4.71 21.24
CA KCX E 154 4.73 5.79 21.50
CB KCX E 154 5.37 6.17 20.16
CG KCX E 154 6.46 7.27 20.21
CD KCX E 154 6.90 7.62 18.78
CE KCX E 154 8.05 8.63 18.76
NZ KCX E 154 8.54 8.83 17.38
C KCX E 154 4.14 7.05 22.09
O KCX E 154 2.99 7.40 21.82
CX KCX E 154 9.74 9.44 17.19
OQ1 KCX E 154 10.07 9.75 15.98
OQ2 KCX E 154 10.42 9.87 18.19
N PHE E 155 4.93 7.72 22.93
CA PHE E 155 4.61 9.08 23.36
C PHE E 155 5.89 9.90 23.28
N GLY E 156 5.77 11.22 23.42
CA GLY E 156 6.94 12.08 23.34
C GLY E 156 6.77 13.30 24.21
N THR E 157 7.88 13.78 24.75
CA THR E 157 7.87 14.97 25.59
C THR E 157 8.80 16.05 25.02
N GLY E 158 8.70 17.26 25.56
CA GLY E 158 9.42 18.39 25.00
C GLY E 158 10.75 18.69 25.66
N TYR E 159 11.39 19.78 25.23
CA TYR E 159 12.72 20.09 25.73
C TYR E 159 12.66 20.52 27.17
N ASN E 160 13.15 19.67 28.08
CA ASN E 160 13.13 19.96 29.52
C ASN E 160 11.73 20.24 30.06
N MET E 161 10.72 19.65 29.41
CA MET E 161 9.36 19.81 29.91
C MET E 161 8.50 18.59 29.61
N ILE E 162 7.56 18.32 30.51
CA ILE E 162 6.42 17.47 30.20
C ILE E 162 5.18 18.33 30.44
N THR E 163 4.54 18.76 29.36
CA THR E 163 3.34 19.59 29.50
C THR E 163 2.15 18.73 29.96
N PRO E 164 1.09 19.38 30.45
CA PRO E 164 -0.11 18.62 30.82
C PRO E 164 -0.65 17.78 29.66
N LEU E 165 -0.69 18.31 28.45
CA LEU E 165 -1.19 17.52 27.32
C LEU E 165 -0.25 16.36 26.98
N GLU E 166 1.06 16.58 27.06
CA GLU E 166 2.00 15.48 26.87
C GLU E 166 1.79 14.40 27.92
N GLU E 167 1.65 14.81 29.18
CA GLU E 167 1.34 13.85 30.23
C GLU E 167 0.07 13.06 29.95
N LYS E 168 -0.98 13.74 29.47
CA LYS E 168 -2.19 13.07 29.02
C LYS E 168 -1.88 11.95 28.03
N THR E 169 -1.08 12.25 27.01
CA THR E 169 -0.74 11.23 26.02
C THR E 169 0.10 10.08 26.61
N ILE E 170 0.97 10.38 27.59
CA ILE E 170 1.74 9.33 28.23
C ILE E 170 0.81 8.37 28.95
N ARG E 171 -0.12 8.92 29.72
CA ARG E 171 -1.09 8.08 30.41
C ARG E 171 -2.01 7.30 29.46
N ALA E 172 -2.44 7.93 28.36
CA ALA E 172 -3.26 7.24 27.37
C ALA E 172 -2.48 6.06 26.78
N VAL E 173 -1.20 6.28 26.53
CA VAL E 173 -0.37 5.22 25.94
C VAL E 173 -0.06 4.12 26.94
N ALA E 174 0.13 4.48 28.20
CA ALA E 174 0.39 3.47 29.23
C ALA E 174 -0.80 2.54 29.34
N ARG E 175 -1.99 3.11 29.32
CA ARG E 175 -3.20 2.32 29.43
C ARG E 175 -3.42 1.47 28.18
N ALA E 176 -3.02 1.98 27.02
CA ALA E 176 -3.04 1.18 25.79
C ALA E 176 -2.09 -0.01 25.90
N HIS E 177 -0.93 0.18 26.54
CA HIS E 177 -0.03 -0.92 26.80
C HIS E 177 -0.69 -1.98 27.69
N HIS E 178 -1.34 -1.55 28.75
CA HIS E 178 -1.99 -2.52 29.64
C HIS E 178 -3.05 -3.35 28.91
N GLU E 179 -3.73 -2.75 27.94
CA GLU E 179 -4.75 -3.45 27.16
C GLU E 179 -4.20 -4.39 26.08
N THR E 180 -3.09 -3.99 25.45
CA THR E 180 -2.55 -4.71 24.30
C THR E 180 -1.28 -5.52 24.56
N LYS E 181 -0.54 -5.11 25.60
CA LYS E 181 0.78 -5.64 25.94
C LYS E 181 1.88 -5.26 24.94
N ALA E 182 1.61 -4.25 24.12
CA ALA E 182 2.61 -3.79 23.14
C ALA E 182 3.80 -3.10 23.81
N PRO E 183 5.00 -3.27 23.24
CA PRO E 183 6.17 -2.53 23.71
C PRO E 183 5.90 -1.03 23.60
N ILE E 184 6.53 -0.25 24.48
CA ILE E 184 6.36 1.20 24.50
C ILE E 184 7.68 1.86 24.10
N HIS E 185 7.59 2.96 23.35
CA HIS E 185 8.76 3.74 22.95
C HIS E 185 8.48 5.18 23.29
N SER E 186 9.51 5.90 23.71
CA SER E 186 9.35 7.34 23.97
C SER E 186 10.32 8.18 23.17
N HIS E 187 9.86 9.38 22.80
CA HIS E 187 10.73 10.42 22.28
C HIS E 187 11.14 11.28 23.47
N THR E 188 12.44 11.46 23.66
CA THR E 188 12.92 12.50 24.54
C THR E 188 13.46 13.61 23.66
N GLU E 189 13.13 14.86 23.98
CA GLU E 189 13.69 16.00 23.25
C GLU E 189 15.09 16.33 23.76
N ALA E 190 16.07 16.19 22.89
CA ALA E 190 17.48 16.40 23.26
C ALA E 190 17.87 15.50 24.45
N GLY E 191 17.23 14.34 24.55
CA GLY E 191 17.57 13.37 25.57
C GLY E 191 17.15 13.79 26.96
N THR E 192 16.21 14.74 27.04
CA THR E 192 15.76 15.22 28.35
C THR E 192 14.48 14.54 28.85
N MET E 193 14.29 14.58 30.17
CA MET E 193 13.04 14.16 30.82
C MET E 193 12.83 12.65 30.99
N ALA E 194 13.86 11.84 30.73
CA ALA E 194 13.66 10.39 30.88
C ALA E 194 13.18 9.99 32.29
N LEU E 195 13.77 10.58 33.32
CA LEU E 195 13.40 10.18 34.67
C LEU E 195 11.96 10.57 34.99
N GLU E 196 11.50 11.70 34.47
CA GLU E 196 10.14 12.14 34.68
C GLU E 196 9.15 11.29 33.89
N GLN E 197 9.53 10.87 32.68
CA GLN E 197 8.73 9.92 31.93
C GLN E 197 8.59 8.64 32.74
N ILE E 198 9.71 8.18 33.28
CA ILE E 198 9.73 6.94 34.05
C ILE E 198 8.84 7.06 35.29
N GLU E 199 8.83 8.23 35.92
CA GLU E 199 7.99 8.43 37.10
C GLU E 199 6.50 8.29 36.77
N ILE E 200 6.08 8.86 35.64
CA ILE E 200 4.69 8.70 35.22
C ILE E 200 4.37 7.23 34.92
N LEU E 201 5.29 6.54 34.23
CA LEU E 201 5.09 5.13 33.93
C LEU E 201 5.01 4.27 35.19
N LYS E 202 5.80 4.61 36.20
CA LYS E 202 5.75 3.88 37.46
C LYS E 202 4.39 4.10 38.14
N GLN E 203 3.87 5.32 38.07
CA GLN E 203 2.54 5.58 38.60
C GLN E 203 1.50 4.72 37.89
N GLU E 204 1.70 4.50 36.59
CA GLU E 204 0.76 3.73 35.78
C GLU E 204 1.07 2.22 35.83
N ASN E 205 2.00 1.83 36.71
CA ASN E 205 2.32 0.43 36.95
C ASN E 205 2.87 -0.31 35.73
N ILE E 206 3.74 0.38 35.00
CA ILE E 206 4.39 -0.18 33.82
C ILE E 206 5.83 -0.53 34.13
N PRO E 207 6.18 -1.82 34.14
CA PRO E 207 7.60 -2.16 34.26
C PRO E 207 8.44 -1.48 33.18
N LEU E 208 9.57 -0.91 33.56
CA LEU E 208 10.34 -0.10 32.61
C LEU E 208 11.08 -0.97 31.59
N GLU E 209 11.18 -2.27 31.86
CA GLU E 209 11.70 -3.20 30.86
C GLU E 209 10.82 -3.21 29.61
N TYR E 210 9.61 -2.68 29.73
CA TYR E 210 8.67 -2.64 28.60
C TYR E 210 8.79 -1.35 27.77
N LEU E 211 9.79 -0.54 28.08
CA LEU E 211 9.96 0.76 27.45
C LEU E 211 11.33 0.86 26.76
N SER E 212 11.36 1.41 25.55
CA SER E 212 12.64 1.86 25.02
C SER E 212 12.60 3.39 24.92
N ILE E 213 13.68 4.02 25.36
CA ILE E 213 13.77 5.48 25.40
C ILE E 213 14.61 6.01 24.26
N GLY E 214 13.97 6.76 23.37
CA GLY E 214 14.62 7.30 22.20
C GLY E 214 15.55 8.46 22.52
N HIS E 215 16.56 8.63 21.68
CA HIS E 215 17.44 9.79 21.69
C HIS E 215 18.31 9.93 22.95
N MET E 216 18.67 8.81 23.57
CA MET E 216 19.57 8.88 24.73
C MET E 216 20.95 9.42 24.38
N ASP E 217 21.31 9.31 23.10
CA ASP E 217 22.57 9.84 22.60
C ASP E 217 22.62 11.37 22.53
N ARG E 218 21.49 12.03 22.77
CA ARG E 218 21.44 13.50 22.74
C ARG E 218 21.90 14.12 24.08
N ASN E 219 21.95 13.30 25.11
CA ASN E 219 22.28 13.80 26.45
C ASN E 219 23.33 12.87 27.06
N LEU E 220 24.59 13.10 26.68
CA LEU E 220 25.65 12.13 26.94
C LEU E 220 26.23 12.34 28.33
N ASP E 221 25.49 11.82 29.31
CA ASP E 221 25.75 12.08 30.72
C ASP E 221 25.74 10.71 31.43
N PRO E 222 26.93 10.22 31.85
CA PRO E 222 27.02 8.86 32.39
C PRO E 222 26.14 8.63 33.62
N TYR E 223 26.11 9.61 34.52
CA TYR E 223 25.29 9.50 35.73
C TYR E 223 23.81 9.37 35.39
N TYR E 224 23.32 10.23 34.51
CA TYR E 224 21.94 10.20 34.02
C TYR E 224 21.63 8.88 33.32
N HIS E 225 22.51 8.48 32.40
CA HIS E 225 22.33 7.22 31.70
C HIS E 225 22.24 6.04 32.65
N LYS E 226 23.08 6.05 33.68
CA LYS E 226 23.03 4.96 34.66
C LYS E 226 21.74 4.99 35.47
N GLN E 227 21.24 6.17 35.85
CA GLN E 227 19.96 6.23 36.56
C GLN E 227 18.86 5.61 35.72
N VAL E 228 18.87 5.95 34.43
CA VAL E 228 17.87 5.40 33.52
C VAL E 228 18.03 3.88 33.38
N ALA E 229 19.25 3.44 33.14
CA ALA E 229 19.51 2.03 32.90
C ALA E 229 19.12 1.16 34.09
N LYS E 230 19.29 1.68 35.30
CA LYS E 230 18.97 0.88 36.49
C LYS E 230 17.50 0.46 36.55
N THR E 231 16.64 1.18 35.84
CA THR E 231 15.21 0.83 35.83
C THR E 231 14.90 -0.39 34.95
N GLY E 232 15.82 -0.74 34.07
CA GLY E 232 15.62 -1.85 33.15
C GLY E 232 15.18 -1.40 31.77
N ALA E 233 14.94 -0.09 31.61
CA ALA E 233 14.52 0.46 30.31
C ALA E 233 15.54 0.18 29.21
N PHE E 234 15.06 -0.06 27.99
CA PHE E 234 15.96 -0.09 26.84
C PHE E 234 16.33 1.35 26.51
N MET E 235 17.56 1.54 26.04
CA MET E 235 18.07 2.88 25.75
C MET E 235 18.53 2.96 24.31
N SER E 236 17.88 3.84 23.54
CA SER E 236 18.14 3.89 22.12
C SER E 236 19.15 4.97 21.78
N PHE E 237 20.27 4.54 21.21
CA PHE E 237 21.27 5.45 20.69
C PHE E 237 21.02 5.54 19.20
N ASP E 238 20.24 6.54 18.81
CA ASP E 238 19.68 6.56 17.46
C ASP E 238 20.07 7.78 16.66
N GLY E 239 21.13 8.44 17.13
CA GLY E 239 21.69 9.57 16.42
C GLY E 239 23.04 9.26 15.81
N ILE E 240 23.29 7.99 15.49
CA ILE E 240 24.55 7.61 14.85
C ILE E 240 24.81 8.48 13.63
N ALA E 241 26.05 8.93 13.49
CA ALA E 241 26.48 9.76 12.36
C ALA E 241 26.05 11.22 12.47
N LYS E 242 25.28 11.58 13.50
CA LYS E 242 24.82 12.96 13.62
C LYS E 242 25.88 13.85 14.27
N ILE E 243 26.89 14.20 13.47
CA ILE E 243 28.03 14.97 13.93
C ILE E 243 27.62 16.34 14.44
N LYS E 244 26.54 16.89 13.88
CA LYS E 244 26.06 18.18 14.35
C LYS E 244 25.70 18.15 15.84
N TYR E 245 25.37 16.97 16.36
CA TYR E 245 25.03 16.83 17.77
C TYR E 245 26.21 16.38 18.63
N ALA E 246 27.03 15.47 18.12
CA ALA E 246 28.20 14.98 18.84
C ALA E 246 29.10 14.22 17.89
N PRO E 247 30.40 14.13 18.22
CA PRO E 247 31.26 13.28 17.40
C PRO E 247 30.94 11.82 17.67
N GLU E 248 31.19 10.95 16.69
CA GLU E 248 30.85 9.54 16.86
C GLU E 248 31.55 8.93 18.07
N SER E 249 32.79 9.35 18.31
CA SER E 249 33.56 8.90 19.48
C SER E 249 32.80 9.09 20.80
N ALA E 250 32.06 10.18 20.92
CA ALA E 250 31.31 10.47 22.14
C ALA E 250 30.13 9.50 22.32
N ARG E 251 29.41 9.19 21.24
CA ARG E 251 28.32 8.23 21.33
C ARG E 251 28.87 6.85 21.69
N ILE E 252 29.98 6.49 21.06
CA ILE E 252 30.58 5.19 21.30
C ILE E 252 31.08 5.08 22.75
N ALA E 253 31.67 6.15 23.26
CA ALA E 253 32.14 6.18 24.65
C ALA E 253 30.98 5.98 25.61
N ALA E 254 29.86 6.63 25.33
CA ALA E 254 28.70 6.51 26.21
C ALA E 254 28.13 5.09 26.20
N ILE E 255 28.06 4.48 25.02
CA ILE E 255 27.63 3.09 24.89
C ILE E 255 28.56 2.16 25.69
N LEU E 256 29.86 2.36 25.54
CA LEU E 256 30.82 1.50 26.23
C LEU E 256 30.80 1.71 27.73
N TYR E 257 30.49 2.93 28.17
CA TYR E 257 30.28 3.17 29.60
C TYR E 257 29.16 2.27 30.12
N LEU E 258 28.02 2.29 29.43
CA LEU E 258 26.88 1.49 29.86
C LEU E 258 27.20 -0.01 29.85
N VAL E 259 27.98 -0.44 28.85
CA VAL E 259 28.42 -1.84 28.79
C VAL E 259 29.28 -2.16 30.01
N SER E 260 30.23 -1.27 30.30
CA SER E 260 31.15 -1.48 31.43
C SER E 260 30.38 -1.57 32.75
N GLU E 261 29.24 -0.89 32.83
CA GLU E 261 28.41 -0.91 34.04
C GLU E 261 27.38 -2.05 34.09
N GLY E 262 27.37 -2.91 33.07
CA GLY E 262 26.57 -4.13 33.07
C GLY E 262 25.24 -4.03 32.34
N PHE E 263 25.07 -2.99 31.51
CA PHE E 263 23.81 -2.75 30.85
C PHE E 263 23.78 -3.05 29.35
N GLU E 264 24.70 -3.90 28.89
CA GLU E 264 24.77 -4.16 27.46
C GLU E 264 23.48 -4.73 26.85
N ASP E 265 22.66 -5.43 27.65
CA ASP E 265 21.44 -6.07 27.14
C ASP E 265 20.30 -5.06 26.96
N GLN E 266 20.56 -3.80 27.28
CA GLN E 266 19.52 -2.79 27.19
C GLN E 266 19.75 -1.77 26.06
N ILE E 267 20.84 -1.92 25.33
CA ILE E 267 21.24 -0.93 24.33
C ILE E 267 20.64 -1.22 22.95
N LEU E 268 20.04 -0.20 22.33
CA LEU E 268 19.53 -0.31 20.97
C LEU E 268 20.21 0.75 20.12
N VAL E 269 20.36 0.49 18.83
CA VAL E 269 21.04 1.42 17.94
C VAL E 269 20.26 1.69 16.68
N SER E 270 20.30 2.95 16.22
CA SER E 270 19.65 3.30 14.97
C SER E 270 20.15 4.65 14.48
N GLY E 271 19.60 5.15 13.37
CA GLY E 271 20.06 6.40 12.81
C GLY E 271 19.03 7.52 12.76
N ASP E 272 17.78 7.20 13.09
CA ASP E 272 16.68 8.17 13.06
C ASP E 272 16.77 9.03 11.81
N THR E 273 16.76 8.34 10.66
CA THR E 273 17.05 8.94 9.36
C THR E 273 15.80 9.65 8.85
N ALA E 274 15.65 10.91 9.26
CA ALA E 274 14.40 11.64 9.08
C ALA E 274 14.42 12.67 7.95
N ARG E 275 15.57 12.84 7.28
CA ARG E 275 15.74 13.91 6.31
C ARG E 275 16.15 13.40 4.94
N LYS E 276 15.74 14.12 3.90
CA LYS E 276 16.19 13.82 2.55
C LYS E 276 17.73 13.83 2.51
N THR E 277 18.33 14.81 3.19
CA THR E 277 19.79 14.94 3.24
C THR E 277 20.48 13.83 4.04
N TYR E 278 19.70 13.00 4.74
CA TYR E 278 20.25 11.82 5.42
C TYR E 278 20.16 10.57 4.57
N TYR E 279 19.20 10.53 3.64
CA TYR E 279 19.02 9.35 2.78
C TYR E 279 20.02 9.39 1.63
N LYS E 280 20.56 8.22 1.31
CA LYS E 280 21.52 8.13 0.22
C LYS E 280 20.83 8.49 -1.09
N HIS E 281 19.61 8.00 -1.28
CA HIS E 281 18.99 8.07 -2.60
C HIS E 281 18.03 9.24 -2.75
N TYR E 282 17.97 10.08 -1.73
CA TYR E 282 17.38 11.41 -1.90
C TYR E 282 18.52 12.42 -2.06
N GLY E 283 19.17 12.77 -0.95
CA GLY E 283 20.13 13.86 -0.94
C GLY E 283 21.60 13.48 -0.80
N HIS E 284 21.90 12.21 -1.03
CA HIS E 284 23.28 11.71 -1.02
C HIS E 284 23.91 11.74 0.37
N GLY E 285 23.07 11.55 1.38
CA GLY E 285 23.54 11.47 2.76
C GLY E 285 24.03 10.06 3.06
N PRO E 286 24.35 9.79 4.33
CA PRO E 286 24.95 8.52 4.73
C PRO E 286 24.04 7.33 4.43
N GLY E 287 22.74 7.51 4.60
CA GLY E 287 21.76 6.53 4.17
C GLY E 287 21.54 5.41 5.17
N LEU E 288 20.55 4.57 4.88
CA LEU E 288 20.28 3.38 5.69
C LEU E 288 21.42 2.37 5.61
N GLU E 289 22.31 2.54 4.63
CA GLU E 289 23.46 1.64 4.54
C GLU E 289 24.48 1.93 5.64
N TYR E 290 24.48 3.16 6.14
CA TYR E 290 25.62 3.64 6.93
C TYR E 290 25.94 2.84 8.17
N ILE E 291 24.94 2.57 8.99
CA ILE E 291 25.23 1.92 10.26
C ILE E 291 25.78 0.51 10.02
N ALA E 292 25.10 -0.25 9.18
CA ALA E 292 25.52 -1.63 8.93
C ALA E 292 26.85 -1.68 8.20
N LYS E 293 27.05 -0.77 7.26
CA LYS E 293 28.23 -0.82 6.40
C LYS E 293 29.50 -0.22 7.03
N LYS E 294 29.34 0.92 7.70
CA LYS E 294 30.47 1.72 8.18
C LYS E 294 30.57 1.80 9.71
N TRP E 295 29.46 2.00 10.40
CA TRP E 295 29.53 2.18 11.85
C TRP E 295 29.90 0.88 12.56
N VAL E 296 29.26 -0.21 12.15
CA VAL E 296 29.47 -1.50 12.79
C VAL E 296 30.96 -1.90 12.82
N PRO E 297 31.64 -1.84 11.66
CA PRO E 297 33.07 -2.18 11.66
C PRO E 297 33.87 -1.26 12.56
N ARG E 298 33.57 0.05 12.54
CA ARG E 298 34.28 0.96 13.43
C ARG E 298 34.06 0.61 14.89
N PHE E 299 32.81 0.40 15.27
CA PHE E 299 32.48 0.09 16.66
C PHE E 299 33.17 -1.19 17.12
N ILE E 300 33.12 -2.23 16.30
CA ILE E 300 33.80 -3.48 16.62
C ILE E 300 35.30 -3.22 16.85
N ASP E 301 35.92 -2.48 15.95
CA ASP E 301 37.34 -2.18 16.07
C ASP E 301 37.64 -1.42 17.35
N GLU E 302 36.87 -0.36 17.60
CA GLU E 302 37.12 0.48 18.76
C GLU E 302 36.82 -0.25 20.07
N ALA E 303 35.72 -1.00 20.11
CA ALA E 303 35.38 -1.77 21.30
C ALA E 303 36.45 -2.83 21.59
N ASN E 304 36.90 -3.53 20.54
CA ASN E 304 37.96 -4.51 20.67
C ASN E 304 39.24 -3.90 21.25
N GLU E 305 39.62 -2.74 20.71
CA GLU E 305 40.83 -2.04 21.14
C GLU E 305 40.74 -1.66 22.62
N LYS E 306 39.52 -1.39 23.09
CA LYS E 306 39.31 -0.98 24.47
C LYS E 306 39.04 -2.17 25.39
N GLY E 307 39.12 -3.38 24.83
CA GLY E 307 39.05 -4.58 25.64
C GLY E 307 37.69 -5.25 25.75
N PHE E 308 36.72 -4.79 24.97
CA PHE E 308 35.40 -5.39 24.95
C PHE E 308 35.28 -6.45 23.85
N ASP E 309 34.20 -7.22 23.88
CA ASP E 309 33.89 -8.15 22.81
C ASP E 309 33.00 -7.44 21.78
N GLY E 310 33.64 -6.76 20.83
CA GLY E 310 32.91 -5.94 19.87
C GLY E 310 31.89 -6.70 19.07
N GLU E 311 32.26 -7.87 18.58
CA GLU E 311 31.34 -8.66 17.78
C GLU E 311 30.11 -9.10 18.58
N LYS E 312 30.32 -9.49 19.83
CA LYS E 312 29.22 -9.94 20.69
C LYS E 312 28.28 -8.77 20.94
N LEU E 313 28.86 -7.59 21.16
CA LEU E 313 28.06 -6.41 21.47
C LEU E 313 27.20 -6.00 20.29
N VAL E 314 27.76 -6.03 19.09
CA VAL E 314 26.97 -5.77 17.89
C VAL E 314 25.80 -6.74 17.76
N LYS E 315 26.05 -8.02 18.03
CA LYS E 315 24.97 -9.00 18.00
C LYS E 315 23.85 -8.62 18.98
N LYS E 316 24.23 -8.18 20.17
CA LYS E 316 23.21 -7.78 21.14
C LYS E 316 22.45 -6.53 20.70
N PHE E 317 23.17 -5.52 20.24
CA PHE E 317 22.55 -4.22 19.94
C PHE E 317 21.55 -4.36 18.79
N PHE E 318 21.87 -5.18 17.79
CA PHE E 318 21.05 -5.25 16.58
C PHE E 318 20.21 -6.49 16.45
N VAL E 319 20.49 -7.52 17.24
CA VAL E 319 19.74 -8.77 17.16
C VAL E 319 19.08 -9.16 18.47
N ASP E 320 19.86 -9.47 19.50
CA ASP E 320 19.30 -9.98 20.75
C ASP E 320 18.42 -8.98 21.49
N ASN E 321 18.90 -7.74 21.60
CA ASN E 321 18.16 -6.72 22.37
C ASN E 321 16.86 -6.32 21.69
N PRO E 322 16.89 -6.06 20.37
CA PRO E 322 15.61 -5.76 19.72
C PRO E 322 14.65 -6.93 19.83
N ALA E 323 15.16 -8.16 19.73
CA ALA E 323 14.27 -9.31 19.84
C ALA E 323 13.52 -9.30 21.17
N ARG E 324 14.22 -8.96 22.24
CA ARG E 324 13.58 -8.90 23.55
C ARG E 324 12.66 -7.67 23.64
N CYS E 325 13.14 -6.52 23.20
CA CYS E 325 12.39 -5.28 23.39
C CYS E 325 11.06 -5.29 22.64
N PHE E 326 11.08 -5.75 21.39
CA PHE E 326 9.89 -5.62 20.54
C PHE E 326 8.91 -6.78 20.65
N THR E 327 9.20 -7.74 21.53
CA THR E 327 8.26 -8.83 21.79
C THR E 327 7.12 -8.32 22.68
N PHE E 328 5.88 -8.67 22.34
CA PHE E 328 4.73 -8.32 23.19
C PHE E 328 4.87 -8.94 24.58
N LYS E 329 4.35 -8.27 25.61
CA LYS E 329 4.64 -8.65 27.00
C LYS E 329 3.59 -9.56 27.64
N SER F 2 -59.00 -46.80 -2.01
CA SER F 2 -58.22 -45.72 -2.57
C SER F 2 -58.07 -45.91 -4.08
N PHE F 3 -57.83 -44.82 -4.79
CA PHE F 3 -57.82 -44.88 -6.25
C PHE F 3 -56.93 -43.81 -6.87
N ILE F 4 -56.54 -44.06 -8.12
CA ILE F 4 -55.86 -43.08 -8.95
C ILE F 4 -56.82 -42.80 -10.10
N ARG F 5 -56.99 -41.52 -10.44
CA ARG F 5 -57.96 -41.16 -11.46
C ARG F 5 -57.28 -41.04 -12.81
N THR F 6 -57.59 -41.98 -13.70
CA THR F 6 -57.06 -41.99 -15.07
C THR F 6 -58.13 -41.56 -16.06
N PHE F 7 -57.73 -41.32 -17.31
CA PHE F 7 -58.68 -40.93 -18.35
C PHE F 7 -59.87 -41.87 -18.38
N TYR F 8 -59.63 -43.17 -18.25
CA TYR F 8 -60.69 -44.15 -18.44
C TYR F 8 -61.24 -44.74 -17.15
N GLY F 9 -61.01 -44.03 -16.05
CA GLY F 9 -61.61 -44.44 -14.79
C GLY F 9 -60.69 -44.43 -13.59
N ASP F 10 -61.30 -44.62 -12.43
CA ASP F 10 -60.56 -44.67 -11.19
C ASP F 10 -60.07 -46.09 -10.98
N ILE F 11 -58.76 -46.24 -10.84
CA ILE F 11 -58.14 -47.56 -10.71
C ILE F 11 -57.49 -47.75 -9.34
N ALA F 12 -57.31 -49.01 -8.95
CA ALA F 12 -56.63 -49.30 -7.68
C ALA F 12 -55.15 -48.98 -7.85
N PRO F 13 -54.48 -48.60 -6.76
CA PRO F 13 -53.05 -48.34 -6.82
C PRO F 13 -52.25 -49.51 -7.40
N GLU F 14 -52.66 -50.75 -7.12
CA GLU F 14 -51.99 -51.93 -7.67
C GLU F 14 -52.00 -51.96 -9.19
N GLN F 15 -52.95 -51.26 -9.81
CA GLN F 15 -53.08 -51.27 -11.25
C GLN F 15 -52.18 -50.24 -11.95
N LEU F 16 -51.61 -49.31 -11.17
CA LEU F 16 -50.84 -48.22 -11.78
C LEU F 16 -49.60 -48.74 -12.48
N GLY F 17 -48.85 -49.62 -11.81
CA GLY F 17 -47.66 -50.20 -12.39
C GLY F 17 -46.58 -49.19 -12.73
N PHE F 18 -45.68 -49.60 -13.62
CA PHE F 18 -44.53 -48.82 -14.00
C PHE F 18 -44.96 -47.50 -14.64
N THR F 19 -44.54 -46.40 -14.03
CA THR F 19 -45.09 -45.07 -14.33
C THR F 19 -44.02 -44.01 -14.59
N TYR F 20 -44.18 -43.26 -15.68
CA TYR F 20 -43.42 -42.02 -15.91
C TYR F 20 -44.25 -40.89 -15.32
N SER F 21 -43.65 -40.16 -14.39
CA SER F 21 -44.43 -39.23 -13.55
C SER F 21 -44.62 -37.81 -14.06
N HIS F 22 -44.01 -37.47 -15.20
CA HIS F 22 -44.20 -36.13 -15.77
C HIS F 22 -43.84 -36.11 -17.24
N GLU F 23 -44.86 -36.15 -18.10
CA GLU F 23 -44.64 -36.18 -19.55
C GLU F 23 -45.64 -35.29 -20.28
N HIS F 24 -45.39 -35.08 -21.57
CA HIS F 24 -46.38 -34.52 -22.49
C HIS F 24 -46.48 -35.46 -23.66
N ILE F 25 -47.65 -35.51 -24.29
CA ILE F 25 -47.91 -36.52 -25.29
C ILE F 25 -48.40 -35.91 -26.60
N VAL F 26 -49.50 -35.16 -26.54
CA VAL F 26 -50.00 -34.42 -27.70
C VAL F 26 -50.48 -33.07 -27.19
N CYS F 27 -49.87 -31.99 -27.67
CA CYS F 27 -50.18 -30.66 -27.15
C CYS F 27 -49.68 -29.60 -28.11
N VAL F 28 -50.38 -28.47 -28.15
CA VAL F 28 -50.07 -27.38 -29.08
C VAL F 28 -50.18 -26.08 -28.30
N PRO F 29 -49.20 -25.80 -27.42
CA PRO F 29 -49.30 -24.64 -26.55
C PRO F 29 -49.39 -23.33 -27.35
N ALA F 30 -50.40 -22.53 -27.04
CA ALA F 30 -50.65 -21.32 -27.81
C ALA F 30 -49.44 -20.38 -27.80
N TYR F 31 -48.86 -20.20 -26.63
CA TYR F 31 -47.71 -19.31 -26.50
C TYR F 31 -46.61 -19.64 -27.52
N TRP F 32 -46.28 -20.92 -27.65
CA TRP F 32 -45.22 -21.33 -28.56
C TRP F 32 -45.70 -21.36 -30.02
N GLN F 33 -46.95 -21.76 -30.24
CA GLN F 33 -47.46 -21.82 -31.61
C GLN F 33 -47.46 -20.42 -32.23
N GLU F 34 -47.80 -19.42 -31.42
CA GLU F 34 -47.87 -18.04 -31.89
C GLU F 34 -46.49 -17.49 -32.23
N ARG F 35 -45.46 -18.09 -31.63
CA ARG F 35 -44.08 -17.67 -31.88
C ARG F 35 -43.36 -18.59 -32.88
N ASP F 36 -44.13 -19.49 -33.49
CA ASP F 36 -43.58 -20.40 -34.50
C ASP F 36 -42.49 -21.32 -33.96
N ALA F 37 -42.53 -21.59 -32.66
CA ALA F 37 -41.58 -22.50 -32.05
C ALA F 37 -42.07 -23.93 -32.28
N ASP F 38 -41.92 -24.40 -33.52
CA ASP F 38 -42.51 -25.66 -33.93
C ASP F 38 -42.06 -26.87 -33.12
N ASP F 39 -40.85 -26.83 -32.59
CA ASP F 39 -40.30 -27.98 -31.87
C ASP F 39 -41.07 -28.24 -30.57
N LEU F 40 -41.77 -27.22 -30.08
CA LEU F 40 -42.51 -27.38 -28.84
C LEU F 40 -43.99 -27.75 -29.07
N LEU F 41 -44.32 -28.08 -30.32
CA LEU F 41 -45.67 -28.54 -30.64
C LEU F 41 -45.65 -30.05 -30.91
N LEU F 42 -46.24 -30.82 -30.02
CA LEU F 42 -46.42 -32.26 -30.25
C LEU F 42 -47.74 -32.43 -30.96
N ASP F 43 -47.72 -32.27 -32.28
CA ASP F 43 -48.95 -32.07 -33.05
C ASP F 43 -49.27 -33.18 -34.02
N ASP F 44 -48.78 -34.38 -33.76
CA ASP F 44 -49.09 -35.52 -34.61
C ASP F 44 -49.43 -36.72 -33.74
N LYS F 45 -50.72 -37.02 -33.61
CA LYS F 45 -51.20 -38.10 -32.76
C LYS F 45 -50.51 -39.42 -33.06
N GLU F 46 -50.39 -39.77 -34.34
CA GLU F 46 -49.81 -41.05 -34.70
C GLU F 46 -48.32 -41.14 -34.36
N LYS F 47 -47.59 -40.04 -34.52
CA LYS F 47 -46.17 -40.04 -34.16
C LYS F 47 -46.01 -40.15 -32.64
N SER F 48 -46.80 -39.39 -31.90
CA SER F 48 -46.79 -39.53 -30.44
C SER F 48 -47.11 -40.95 -30.02
N GLN F 49 -48.08 -41.56 -30.67
CA GLN F 49 -48.48 -42.91 -30.32
C GLN F 49 -47.36 -43.93 -30.50
N LEU F 50 -46.53 -43.73 -31.52
CA LEU F 50 -45.43 -44.68 -31.73
C LEU F 50 -44.47 -44.70 -30.52
N ASP F 51 -44.19 -43.53 -29.95
CA ASP F 51 -43.37 -43.49 -28.72
C ASP F 51 -44.09 -44.13 -27.54
N VAL F 52 -45.39 -43.84 -27.38
CA VAL F 52 -46.15 -44.46 -26.30
C VAL F 52 -46.15 -45.98 -26.46
N GLN F 53 -46.25 -46.46 -27.69
CA GLN F 53 -46.20 -47.91 -27.94
C GLN F 53 -44.84 -48.51 -27.56
N ASP F 54 -43.75 -47.78 -27.81
CA ASP F 54 -42.41 -48.21 -27.39
C ASP F 54 -42.38 -48.41 -25.87
N PHE F 55 -42.97 -47.46 -25.15
CA PHE F 55 -43.05 -47.52 -23.69
C PHE F 55 -43.84 -48.76 -23.28
N ALA F 56 -44.98 -48.98 -23.92
CA ALA F 56 -45.78 -50.18 -23.62
C ALA F 56 -44.99 -51.47 -23.87
N ASP F 57 -44.24 -51.51 -24.98
CA ASP F 57 -43.52 -52.71 -25.38
C ASP F 57 -42.40 -53.04 -24.40
N LEU F 58 -41.92 -52.03 -23.67
CA LEU F 58 -40.87 -52.23 -22.68
C LEU F 58 -41.43 -52.56 -21.30
N GLY F 59 -42.76 -52.57 -21.18
CA GLY F 59 -43.42 -52.90 -19.92
C GLY F 59 -43.98 -51.71 -19.16
N GLY F 60 -43.96 -50.53 -19.77
CA GLY F 60 -44.55 -49.36 -19.13
C GLY F 60 -46.05 -49.55 -19.00
N LYS F 61 -46.65 -48.97 -17.96
CA LYS F 61 -48.09 -49.10 -17.74
C LYS F 61 -48.86 -47.78 -17.73
N THR F 62 -48.25 -46.73 -17.20
CA THR F 62 -48.94 -45.47 -16.99
C THR F 62 -48.03 -44.28 -17.30
N ILE F 63 -48.60 -43.25 -17.92
CA ILE F 63 -47.90 -41.98 -18.10
C ILE F 63 -48.74 -40.89 -17.46
N VAL F 64 -48.11 -40.08 -16.62
CA VAL F 64 -48.75 -38.90 -16.07
C VAL F 64 -48.51 -37.75 -17.05
N ASP F 65 -49.60 -37.26 -17.63
CA ASP F 65 -49.53 -36.24 -18.66
C ASP F 65 -49.74 -34.89 -17.98
N ALA F 66 -48.65 -34.13 -17.86
CA ALA F 66 -48.65 -32.87 -17.10
C ALA F 66 -49.19 -31.67 -17.88
N THR F 67 -49.78 -31.92 -19.04
CA THR F 67 -50.26 -30.81 -19.88
C THR F 67 -51.48 -30.12 -19.27
N ALA F 68 -51.31 -28.85 -18.91
CA ALA F 68 -52.40 -28.09 -18.30
C ALA F 68 -53.12 -27.18 -19.30
N VAL F 69 -54.08 -26.40 -18.82
CA VAL F 69 -55.00 -25.72 -19.72
C VAL F 69 -54.30 -24.68 -20.59
N ASP F 70 -53.22 -24.10 -20.06
CA ASP F 70 -52.47 -23.07 -20.75
C ASP F 70 -51.47 -23.66 -21.75
N TYR F 71 -51.46 -24.98 -21.88
CA TYR F 71 -50.46 -25.62 -22.72
C TYR F 71 -51.05 -26.34 -23.94
N GLY F 72 -52.27 -25.93 -24.33
CA GLY F 72 -52.86 -26.37 -25.58
C GLY F 72 -53.16 -27.86 -25.65
N ARG F 73 -53.99 -28.32 -24.73
CA ARG F 73 -54.29 -29.75 -24.64
C ARG F 73 -54.90 -30.32 -25.91
N ARG F 74 -54.66 -31.61 -26.14
CA ARG F 74 -55.34 -32.35 -27.18
C ARG F 74 -55.89 -33.60 -26.50
N VAL F 75 -56.84 -33.38 -25.62
CA VAL F 75 -57.38 -34.44 -24.76
C VAL F 75 -57.87 -35.66 -25.54
N LEU F 76 -58.56 -35.43 -26.64
CA LEU F 76 -59.16 -36.56 -27.37
C LEU F 76 -58.10 -37.40 -28.06
N ASP F 77 -57.03 -36.75 -28.55
CA ASP F 77 -55.91 -37.49 -29.14
C ASP F 77 -55.22 -38.33 -28.06
N VAL F 78 -55.02 -37.75 -26.90
CA VAL F 78 -54.40 -38.50 -25.81
C VAL F 78 -55.29 -39.68 -25.38
N ALA F 79 -56.60 -39.44 -25.25
CA ALA F 79 -57.53 -40.53 -24.97
C ALA F 79 -57.46 -41.63 -26.02
N GLN F 80 -57.37 -41.25 -27.29
CA GLN F 80 -57.37 -42.25 -28.35
C GLN F 80 -56.09 -43.08 -28.27
N ILE F 81 -54.98 -42.41 -27.98
CA ILE F 81 -53.72 -43.10 -27.80
C ILE F 81 -53.81 -44.09 -26.64
N SER F 82 -54.39 -43.66 -25.52
CA SER F 82 -54.58 -44.54 -24.37
C SER F 82 -55.40 -45.77 -24.77
N LYS F 83 -56.52 -45.54 -25.46
CA LYS F 83 -57.39 -46.63 -25.89
C LYS F 83 -56.67 -47.64 -26.80
N GLU F 84 -55.89 -47.12 -27.74
CA GLU F 84 -55.22 -47.96 -28.74
C GLU F 84 -54.03 -48.74 -28.19
N THR F 85 -53.29 -48.13 -27.26
CA THR F 85 -52.05 -48.72 -26.76
C THR F 85 -52.24 -49.46 -25.45
N GLY F 86 -53.30 -49.13 -24.73
CA GLY F 86 -53.58 -49.72 -23.43
C GLY F 86 -52.81 -49.05 -22.31
N ILE F 87 -52.02 -48.03 -22.64
CA ILE F 87 -51.30 -47.26 -21.63
C ILE F 87 -52.28 -46.35 -20.87
N GLN F 88 -52.24 -46.43 -19.54
CA GLN F 88 -53.09 -45.60 -18.69
C GLN F 88 -52.54 -44.18 -18.60
N ILE F 89 -53.43 -43.21 -18.66
CA ILE F 89 -53.02 -41.79 -18.61
C ILE F 89 -53.64 -41.09 -17.41
N VAL F 90 -52.80 -40.41 -16.63
CA VAL F 90 -53.30 -39.51 -15.59
C VAL F 90 -53.18 -38.09 -16.14
N GLY F 91 -54.34 -37.43 -16.27
CA GLY F 91 -54.39 -36.08 -16.81
C GLY F 91 -54.23 -35.04 -15.72
N THR F 92 -53.99 -33.79 -16.12
CA THR F 92 -53.61 -32.76 -15.18
C THR F 92 -54.51 -31.54 -15.35
N ALA F 93 -55.11 -31.14 -14.25
CA ALA F 93 -55.93 -29.93 -14.21
C ALA F 93 -55.06 -28.79 -13.73
N GLY F 94 -55.49 -27.56 -14.00
CA GLY F 94 -54.82 -26.41 -13.44
C GLY F 94 -53.95 -25.65 -14.41
N PHE F 95 -52.82 -25.17 -13.91
CA PHE F 95 -52.06 -24.15 -14.60
C PHE F 95 -50.59 -24.44 -14.60
N ASN F 96 -49.88 -23.70 -15.42
CA ASN F 96 -48.44 -23.73 -15.40
C ASN F 96 -47.87 -22.32 -15.20
N LYS F 97 -46.61 -22.20 -15.60
CA LYS F 97 -45.85 -20.95 -15.56
C LYS F 97 -46.62 -19.82 -16.21
N SER F 98 -46.61 -18.66 -15.58
CA SER F 98 -47.35 -17.51 -16.07
C SER F 98 -46.86 -16.99 -17.43
N PHE F 99 -45.62 -17.28 -17.81
CA PHE F 99 -45.17 -16.78 -19.10
C PHE F 99 -46.03 -17.28 -20.27
N LEU F 100 -46.60 -18.48 -20.12
CA LEU F 100 -47.50 -19.03 -21.12
C LEU F 100 -48.81 -18.28 -21.26
N TRP F 101 -49.15 -17.49 -20.24
CA TRP F 101 -50.49 -16.91 -20.16
C TRP F 101 -50.72 -15.80 -21.17
N ASP F 102 -49.68 -15.43 -21.90
CA ASP F 102 -49.83 -14.47 -22.98
C ASP F 102 -50.54 -15.08 -24.18
N GLY F 103 -50.59 -16.40 -24.23
CA GLY F 103 -51.20 -17.07 -25.36
C GLY F 103 -52.69 -16.81 -25.43
N LYS F 104 -53.23 -16.80 -26.64
CA LYS F 104 -54.67 -16.65 -26.82
C LYS F 104 -55.43 -17.89 -26.39
N ILE F 105 -56.60 -17.68 -25.82
CA ILE F 105 -57.47 -18.80 -25.43
C ILE F 105 -58.17 -19.36 -26.67
N LYS F 106 -58.20 -20.69 -26.80
CA LYS F 106 -58.96 -21.33 -27.88
C LYS F 106 -60.38 -20.80 -27.84
N PRO F 107 -60.92 -20.40 -29.00
CA PRO F 107 -62.35 -20.05 -29.05
C PRO F 107 -63.19 -21.17 -28.47
N GLU F 108 -62.77 -22.41 -28.71
CA GLU F 108 -63.50 -23.58 -28.24
C GLU F 108 -63.62 -23.67 -26.72
N LEU F 109 -62.70 -23.01 -26.01
CA LEU F 109 -62.72 -23.06 -24.54
C LEU F 109 -63.49 -21.91 -23.91
N LYS F 110 -63.81 -20.89 -24.70
CA LYS F 110 -64.46 -19.72 -24.12
C LYS F 110 -65.81 -20.01 -23.45
N PRO F 111 -66.57 -20.99 -23.97
CA PRO F 111 -67.81 -21.35 -23.27
C PRO F 111 -67.58 -21.93 -21.87
N ILE F 112 -66.37 -22.40 -21.59
CA ILE F 112 -66.06 -22.93 -20.26
C ILE F 112 -65.33 -21.90 -19.39
N ILE F 113 -64.32 -21.27 -19.97
CA ILE F 113 -63.45 -20.35 -19.25
C ILE F 113 -64.10 -18.97 -19.10
N GLY F 114 -64.82 -18.55 -20.13
CA GLY F 114 -65.34 -17.19 -20.18
C GLY F 114 -64.79 -16.46 -21.39
N ASP F 115 -65.30 -15.26 -21.64
CA ASP F 115 -64.93 -14.54 -22.85
C ASP F 115 -63.69 -13.71 -22.61
N PHE F 116 -62.53 -14.36 -22.66
CA PHE F 116 -61.26 -13.68 -22.46
C PHE F 116 -60.32 -13.93 -23.63
N GLU F 117 -59.52 -12.92 -23.95
CA GLU F 117 -58.60 -13.01 -25.08
C GLU F 117 -57.39 -13.90 -24.79
N THR F 118 -56.81 -13.76 -23.59
CA THR F 118 -55.62 -14.52 -23.21
C THR F 118 -55.83 -15.16 -21.85
N TYR F 119 -55.01 -16.15 -21.51
CA TYR F 119 -55.09 -16.72 -20.17
C TYR F 119 -54.80 -15.68 -19.09
N TYR F 120 -53.88 -14.75 -19.38
CA TYR F 120 -53.54 -13.67 -18.46
C TYR F 120 -54.80 -12.93 -18.06
N GLU F 121 -55.56 -12.51 -19.07
CA GLU F 121 -56.77 -11.72 -18.87
C GLU F 121 -57.79 -12.52 -18.06
N TRP F 122 -57.90 -13.82 -18.35
CA TRP F 122 -58.78 -14.69 -17.62
C TRP F 122 -58.41 -14.76 -16.13
N ILE F 123 -57.15 -15.08 -15.87
CA ILE F 123 -56.71 -15.29 -14.50
C ILE F 123 -56.73 -14.00 -13.68
N GLU F 124 -56.41 -12.89 -14.31
CA GLU F 124 -56.39 -11.60 -13.64
C GLU F 124 -57.80 -11.17 -13.22
N ASN F 125 -58.78 -11.49 -14.06
CA ASN F 125 -60.14 -10.98 -13.87
C ASN F 125 -61.12 -11.97 -13.26
N THR F 126 -60.60 -13.10 -12.80
CA THR F 126 -61.45 -14.13 -12.22
C THR F 126 -61.07 -14.33 -10.76
N THR F 127 -62.05 -14.43 -9.88
CA THR F 127 -61.76 -14.60 -8.45
C THR F 127 -61.07 -15.93 -8.19
N THR F 128 -60.39 -16.02 -7.05
CA THR F 128 -59.71 -17.26 -6.68
C THR F 128 -60.71 -18.41 -6.58
N ASP F 129 -61.88 -18.13 -6.00
CA ASP F 129 -62.92 -19.14 -5.87
C ASP F 129 -63.41 -19.68 -7.22
N LYS F 130 -63.56 -18.80 -8.20
CA LYS F 130 -63.98 -19.24 -9.53
C LYS F 130 -62.89 -20.01 -10.28
N LEU F 131 -61.64 -19.65 -10.02
CA LEU F 131 -60.52 -20.43 -10.56
C LEU F 131 -60.50 -21.82 -9.91
N THR F 132 -60.72 -21.88 -8.61
CA THR F 132 -60.87 -23.19 -7.95
C THR F 132 -61.98 -24.02 -8.60
N GLU F 133 -63.13 -23.39 -8.87
CA GLU F 133 -64.25 -24.11 -9.47
C GLU F 133 -63.85 -24.69 -10.83
N PHE F 134 -63.10 -23.92 -11.61
CA PHE F 134 -62.63 -24.41 -12.90
C PHE F 134 -61.78 -25.68 -12.74
N VAL F 135 -60.84 -25.65 -11.80
CA VAL F 135 -59.95 -26.79 -11.54
C VAL F 135 -60.72 -28.00 -11.03
N VAL F 136 -61.60 -27.77 -10.05
CA VAL F 136 -62.43 -28.84 -9.52
C VAL F 136 -63.25 -29.51 -10.62
N ASN F 137 -63.80 -28.73 -11.54
N ASN F 137 -63.81 -28.72 -11.54
CA ASN F 137 -64.60 -29.28 -12.63
CA ASN F 137 -64.60 -29.27 -12.63
C ASN F 137 -63.79 -30.19 -13.56
C ASN F 137 -63.78 -30.21 -13.50
N GLU F 138 -62.53 -29.85 -13.77
CA GLU F 138 -61.66 -30.68 -14.59
C GLU F 138 -61.41 -32.04 -13.94
N VAL F 139 -61.33 -32.04 -12.61
CA VAL F 139 -61.07 -33.26 -11.85
C VAL F 139 -62.32 -34.11 -11.69
N GLU F 140 -63.46 -33.45 -11.47
CA GLU F 140 -64.68 -34.15 -11.13
C GLU F 140 -65.60 -34.46 -12.32
N ASN F 141 -65.53 -33.64 -13.36
CA ASN F 141 -66.41 -33.82 -14.51
C ASN F 141 -65.66 -34.15 -15.79
N GLY F 142 -64.54 -33.48 -16.03
CA GLY F 142 -63.75 -33.81 -17.20
C GLY F 142 -62.95 -32.63 -17.74
N LEU F 143 -61.83 -32.93 -18.36
CA LEU F 143 -60.99 -31.92 -18.98
C LEU F 143 -61.67 -31.28 -20.18
N GLU F 144 -61.77 -29.96 -20.16
CA GLU F 144 -62.23 -29.18 -21.31
C GLU F 144 -63.52 -29.66 -21.94
N GLY F 145 -64.46 -30.10 -21.10
CA GLY F 145 -65.78 -30.46 -21.61
C GLY F 145 -65.88 -31.89 -22.08
N THR F 146 -64.76 -32.61 -22.08
CA THR F 146 -64.77 -34.05 -22.35
C THR F 146 -65.13 -34.81 -21.08
N PRO F 147 -65.37 -36.13 -21.20
CA PRO F 147 -65.63 -36.97 -20.03
C PRO F 147 -64.34 -37.55 -19.42
N TYR F 148 -63.19 -37.11 -19.89
CA TYR F 148 -61.90 -37.60 -19.41
C TYR F 148 -61.40 -36.71 -18.28
N LYS F 149 -61.48 -37.24 -17.06
CA LYS F 149 -61.19 -36.46 -15.86
C LYS F 149 -59.71 -36.39 -15.56
N ALA F 150 -59.29 -35.28 -14.96
CA ALA F 150 -57.92 -35.11 -14.49
C ALA F 150 -57.72 -35.84 -13.17
N GLY F 151 -56.49 -36.31 -12.94
CA GLY F 151 -56.15 -37.05 -11.75
C GLY F 151 -55.14 -36.34 -10.85
N GLN F 152 -54.73 -35.14 -11.21
CA GLN F 152 -53.93 -34.30 -10.32
C GLN F 152 -54.17 -32.83 -10.68
N VAL F 153 -53.82 -31.95 -9.75
CA VAL F 153 -53.97 -30.52 -9.98
C VAL F 153 -52.60 -29.84 -9.91
N KCX F 154 -52.38 -28.89 -10.81
CA KCX F 154 -51.05 -28.30 -10.94
CB KCX F 154 -50.49 -28.77 -12.30
CG KCX F 154 -49.11 -28.26 -12.70
CD KCX F 154 -48.80 -28.69 -14.16
CE KCX F 154 -47.39 -28.28 -14.61
NZ KCX F 154 -47.08 -28.71 -16.00
C KCX F 154 -51.02 -26.79 -10.92
O KCX F 154 -51.96 -26.12 -11.31
CX KCX F 154 -45.79 -28.73 -16.39
OQ1 KCX F 154 -45.51 -28.89 -17.66
OQ2 KCX F 154 -44.85 -28.49 -15.55
N PHE F 155 -49.90 -26.25 -10.43
CA PHE F 155 -49.63 -24.82 -10.55
C PHE F 155 -48.17 -24.68 -10.92
N GLY F 156 -47.75 -23.48 -11.30
CA GLY F 156 -46.37 -23.27 -11.68
C GLY F 156 -45.87 -21.88 -11.35
N THR F 157 -44.58 -21.75 -11.10
CA THR F 157 -43.99 -20.45 -10.80
C THR F 157 -42.81 -20.16 -11.73
N GLY F 158 -42.32 -18.93 -11.71
CA GLY F 158 -41.31 -18.49 -12.64
C GLY F 158 -39.88 -18.60 -12.15
N TYR F 159 -38.94 -18.13 -12.96
CA TYR F 159 -37.52 -18.24 -12.60
C TYR F 159 -37.18 -17.31 -11.41
N ASN F 160 -36.96 -17.91 -10.24
CA ASN F 160 -36.64 -17.16 -9.04
C ASN F 160 -37.71 -16.13 -8.71
N MET F 161 -38.95 -16.41 -9.09
CA MET F 161 -40.04 -15.47 -8.88
C MET F 161 -41.33 -16.24 -8.57
N ILE F 162 -42.13 -15.72 -7.65
CA ILE F 162 -43.53 -16.07 -7.56
C ILE F 162 -44.31 -14.76 -7.66
N THR F 163 -44.97 -14.55 -8.79
CA THR F 163 -45.72 -13.31 -8.98
C THR F 163 -47.03 -13.37 -8.21
N PRO F 164 -47.66 -12.21 -8.01
CA PRO F 164 -48.94 -12.26 -7.29
C PRO F 164 -49.99 -13.10 -8.02
N LEU F 165 -50.04 -13.06 -9.35
CA LEU F 165 -51.00 -13.91 -10.07
C LEU F 165 -50.64 -15.40 -9.96
N GLU F 166 -49.35 -15.70 -9.96
CA GLU F 166 -48.94 -17.09 -9.72
C GLU F 166 -49.38 -17.54 -8.34
N GLU F 167 -49.14 -16.70 -7.34
CA GLU F 167 -49.58 -17.01 -5.98
C GLU F 167 -51.09 -17.26 -5.94
N LYS F 168 -51.85 -16.45 -6.68
CA LYS F 168 -53.29 -16.62 -6.79
C LYS F 168 -53.65 -18.02 -7.28
N THR F 169 -52.96 -18.48 -8.33
CA THR F 169 -53.25 -19.83 -8.84
C THR F 169 -52.83 -20.94 -7.88
N ILE F 170 -51.76 -20.71 -7.12
CA ILE F 170 -51.35 -21.68 -6.10
C ILE F 170 -52.48 -21.84 -5.09
N ARG F 171 -53.04 -20.72 -4.64
CA ARG F 171 -54.11 -20.81 -3.65
C ARG F 171 -55.36 -21.45 -4.22
N ALA F 172 -55.69 -21.12 -5.47
CA ALA F 172 -56.84 -21.73 -6.14
C ALA F 172 -56.68 -23.25 -6.24
N VAL F 173 -55.49 -23.70 -6.61
CA VAL F 173 -55.22 -25.12 -6.74
C VAL F 173 -55.21 -25.83 -5.38
N ALA F 174 -54.67 -25.19 -4.36
CA ALA F 174 -54.69 -25.76 -3.02
C ALA F 174 -56.13 -25.98 -2.58
N ARG F 175 -56.98 -25.01 -2.88
CA ARG F 175 -58.38 -25.11 -2.47
C ARG F 175 -59.11 -26.18 -3.28
N ALA F 176 -58.70 -26.35 -4.54
CA ALA F 176 -59.22 -27.44 -5.37
C ALA F 176 -58.83 -28.79 -4.79
N HIS F 177 -57.61 -28.90 -4.26
CA HIS F 177 -57.23 -30.11 -3.54
C HIS F 177 -58.14 -30.35 -2.32
N HIS F 178 -58.41 -29.31 -1.53
CA HIS F 178 -59.27 -29.53 -0.36
C HIS F 178 -60.64 -30.07 -0.76
N GLU F 179 -61.13 -29.62 -1.90
CA GLU F 179 -62.44 -30.03 -2.38
C GLU F 179 -62.45 -31.45 -2.97
N THR F 180 -61.39 -31.79 -3.70
CA THR F 180 -61.35 -33.05 -4.44
C THR F 180 -60.48 -34.15 -3.85
N LYS F 181 -59.49 -33.74 -3.04
CA LYS F 181 -58.47 -34.62 -2.49
C LYS F 181 -57.48 -35.11 -3.57
N ALA F 182 -57.47 -34.46 -4.72
CA ALA F 182 -56.52 -34.84 -5.78
C ALA F 182 -55.07 -34.51 -5.37
N PRO F 183 -54.11 -35.34 -5.84
CA PRO F 183 -52.68 -35.01 -5.68
C PRO F 183 -52.35 -33.67 -6.34
N ILE F 184 -51.33 -32.99 -5.82
CA ILE F 184 -50.91 -31.69 -6.35
C ILE F 184 -49.54 -31.82 -6.98
N HIS F 185 -49.33 -31.14 -8.10
CA HIS F 185 -48.04 -31.13 -8.76
C HIS F 185 -47.65 -29.69 -9.01
N SER F 186 -46.37 -29.39 -8.89
CA SER F 186 -45.91 -28.04 -9.20
C SER F 186 -44.82 -28.02 -10.26
N HIS F 187 -44.85 -26.98 -11.07
CA HIS F 187 -43.75 -26.64 -11.96
C HIS F 187 -42.84 -25.67 -11.22
N THR F 188 -41.55 -26.00 -11.13
CA THR F 188 -40.56 -25.04 -10.71
C THR F 188 -39.72 -24.67 -11.92
N GLU F 189 -39.51 -23.37 -12.14
CA GLU F 189 -38.69 -22.94 -13.26
C GLU F 189 -37.22 -23.08 -12.90
N ALA F 190 -36.51 -23.94 -13.63
CA ALA F 190 -35.11 -24.24 -13.34
C ALA F 190 -34.95 -24.71 -11.89
N GLY F 191 -35.98 -25.37 -11.37
CA GLY F 191 -35.92 -25.91 -10.02
C GLY F 191 -35.85 -24.88 -8.92
N THR F 192 -36.31 -23.67 -9.19
CA THR F 192 -36.32 -22.62 -8.18
C THR F 192 -37.66 -22.47 -7.47
N MET F 193 -37.61 -21.90 -6.27
CA MET F 193 -38.78 -21.46 -5.53
C MET F 193 -39.58 -22.57 -4.83
N ALA F 194 -39.01 -23.77 -4.71
CA ALA F 194 -39.74 -24.85 -4.06
C ALA F 194 -40.11 -24.47 -2.62
N LEU F 195 -39.18 -23.87 -1.88
CA LEU F 195 -39.46 -23.57 -0.48
C LEU F 195 -40.54 -22.49 -0.34
N GLU F 196 -40.57 -21.54 -1.27
CA GLU F 196 -41.57 -20.48 -1.24
C GLU F 196 -42.95 -21.03 -1.66
N GLN F 197 -42.96 -21.97 -2.60
CA GLN F 197 -44.21 -22.65 -2.95
C GLN F 197 -44.73 -23.38 -1.71
N ILE F 198 -43.83 -24.06 -1.03
CA ILE F 198 -44.19 -24.81 0.15
C ILE F 198 -44.79 -23.91 1.23
N GLU F 199 -44.20 -22.73 1.43
CA GLU F 199 -44.71 -21.76 2.42
C GLU F 199 -46.16 -21.38 2.13
N ILE F 200 -46.48 -21.13 0.86
CA ILE F 200 -47.85 -20.81 0.49
C ILE F 200 -48.78 -21.98 0.74
N LEU F 201 -48.35 -23.19 0.37
CA LEU F 201 -49.17 -24.37 0.62
C LEU F 201 -49.41 -24.60 2.12
N LYS F 202 -48.42 -24.30 2.95
CA LYS F 202 -48.61 -24.42 4.39
C LYS F 202 -49.65 -23.43 4.90
N GLN F 203 -49.65 -22.23 4.31
CA GLN F 203 -50.68 -21.24 4.64
C GLN F 203 -52.09 -21.74 4.30
N GLU F 204 -52.17 -22.57 3.27
CA GLU F 204 -53.45 -23.12 2.80
C GLU F 204 -53.75 -24.48 3.47
N ASN F 205 -52.93 -24.83 4.45
CA ASN F 205 -53.11 -26.07 5.23
C ASN F 205 -53.05 -27.34 4.38
N ILE F 206 -52.07 -27.38 3.49
CA ILE F 206 -51.85 -28.57 2.65
C ILE F 206 -50.73 -29.41 3.24
N PRO F 207 -51.00 -30.69 3.52
CA PRO F 207 -49.92 -31.59 3.93
C PRO F 207 -48.97 -31.74 2.76
N LEU F 208 -47.67 -31.53 2.98
CA LEU F 208 -46.74 -31.47 1.87
C LEU F 208 -46.47 -32.82 1.21
N GLU F 209 -46.82 -33.91 1.89
CA GLU F 209 -46.72 -35.21 1.26
C GLU F 209 -47.77 -35.40 0.15
N TYR F 210 -48.65 -34.42 -0.02
CA TYR F 210 -49.66 -34.44 -1.08
C TYR F 210 -49.17 -33.71 -2.32
N LEU F 211 -47.92 -33.27 -2.28
CA LEU F 211 -47.34 -32.46 -3.36
C LEU F 211 -46.21 -33.20 -4.02
N SER F 212 -46.16 -33.18 -5.35
CA SER F 212 -44.95 -33.54 -6.07
C SER F 212 -44.39 -32.30 -6.76
N ILE F 213 -43.08 -32.10 -6.61
CA ILE F 213 -42.43 -30.89 -7.10
C ILE F 213 -41.62 -31.22 -8.35
N GLY F 214 -42.04 -30.66 -9.47
CA GLY F 214 -41.40 -30.93 -10.75
C GLY F 214 -40.07 -30.24 -10.91
N HIS F 215 -39.21 -30.84 -11.75
CA HIS F 215 -37.97 -30.22 -12.21
C HIS F 215 -36.91 -29.99 -11.14
N MET F 216 -36.90 -30.83 -10.11
CA MET F 216 -35.88 -30.75 -9.07
C MET F 216 -34.47 -31.02 -9.61
N ASP F 217 -34.39 -31.75 -10.72
CA ASP F 217 -33.11 -32.04 -11.36
C ASP F 217 -32.49 -30.81 -12.03
N ARG F 218 -33.22 -29.70 -12.09
CA ARG F 218 -32.68 -28.49 -12.72
C ARG F 218 -31.80 -27.68 -11.74
N ASN F 219 -31.87 -28.05 -10.46
CA ASN F 219 -31.18 -27.30 -9.42
C ASN F 219 -30.52 -28.32 -8.51
N LEU F 220 -29.37 -28.82 -8.94
CA LEU F 220 -28.72 -29.97 -8.32
C LEU F 220 -27.89 -29.54 -7.10
N ASP F 221 -28.61 -29.29 -6.00
CA ASP F 221 -28.06 -28.69 -4.81
C ASP F 221 -28.45 -29.59 -3.64
N PRO F 222 -27.49 -30.30 -3.04
CA PRO F 222 -27.83 -31.27 -1.98
C PRO F 222 -28.53 -30.62 -0.79
N TYR F 223 -28.05 -29.45 -0.37
CA TYR F 223 -28.63 -28.77 0.79
C TYR F 223 -30.10 -28.41 0.54
N TYR F 224 -30.34 -27.80 -0.62
CA TYR F 224 -31.68 -27.41 -1.04
C TYR F 224 -32.59 -28.62 -1.18
N HIS F 225 -32.07 -29.66 -1.85
CA HIS F 225 -32.84 -30.89 -2.02
C HIS F 225 -33.24 -31.50 -0.68
N LYS F 226 -32.33 -31.47 0.28
CA LYS F 226 -32.64 -31.99 1.61
C LYS F 226 -33.69 -31.14 2.32
N GLN F 227 -33.59 -29.82 2.19
CA GLN F 227 -34.60 -28.93 2.77
C GLN F 227 -35.99 -29.28 2.22
N VAL F 228 -36.07 -29.47 0.91
CA VAL F 228 -37.34 -29.83 0.28
C VAL F 228 -37.82 -31.21 0.74
N ALA F 229 -36.90 -32.18 0.73
CA ALA F 229 -37.27 -33.56 1.07
C ALA F 229 -37.77 -33.67 2.51
N LYS F 230 -37.23 -32.85 3.41
CA LYS F 230 -37.63 -32.96 4.82
C LYS F 230 -39.10 -32.62 5.05
N THR F 231 -39.72 -31.92 4.11
CA THR F 231 -41.13 -31.56 4.23
C THR F 231 -42.05 -32.73 3.94
N GLY F 232 -41.52 -33.76 3.27
CA GLY F 232 -42.32 -34.91 2.89
C GLY F 232 -42.79 -34.90 1.44
N ALA F 233 -42.57 -33.78 0.74
CA ALA F 233 -42.97 -33.69 -0.67
C ALA F 233 -42.28 -34.72 -1.52
N PHE F 234 -42.99 -35.19 -2.54
CA PHE F 234 -42.34 -35.95 -3.59
C PHE F 234 -41.48 -35.01 -4.43
N MET F 235 -40.38 -35.56 -4.93
CA MET F 235 -39.46 -34.77 -5.72
C MET F 235 -39.26 -35.44 -7.07
N SER F 236 -39.61 -34.71 -8.12
CA SER F 236 -39.59 -35.25 -9.47
C SER F 236 -38.28 -34.91 -10.19
N PHE F 237 -37.53 -35.95 -10.54
CA PHE F 237 -36.35 -35.82 -11.38
C PHE F 237 -36.81 -36.14 -12.79
N ASP F 238 -37.21 -35.12 -13.51
CA ASP F 238 -37.95 -35.36 -14.76
C ASP F 238 -37.21 -34.80 -15.98
N GLY F 239 -35.92 -34.56 -15.83
CA GLY F 239 -35.09 -34.15 -16.95
C GLY F 239 -34.05 -35.18 -17.31
N ILE F 240 -34.40 -36.46 -17.15
CA ILE F 240 -33.50 -37.53 -17.53
C ILE F 240 -33.08 -37.33 -19.00
N ALA F 241 -31.80 -37.53 -19.25
CA ALA F 241 -31.20 -37.42 -20.58
C ALA F 241 -30.95 -36.01 -21.06
N LYS F 242 -31.38 -35.01 -20.28
CA LYS F 242 -31.19 -33.62 -20.74
C LYS F 242 -29.78 -33.10 -20.46
N ILE F 243 -28.85 -33.55 -21.31
CA ILE F 243 -27.44 -33.22 -21.17
C ILE F 243 -27.16 -31.74 -21.25
N LYS F 244 -28.02 -31.00 -21.96
CA LYS F 244 -27.88 -29.56 -22.06
C LYS F 244 -27.99 -28.89 -20.69
N TYR F 245 -28.64 -29.57 -19.75
CA TYR F 245 -28.76 -29.05 -18.38
C TYR F 245 -27.73 -29.64 -17.42
N ALA F 246 -27.42 -30.92 -17.58
CA ALA F 246 -26.48 -31.59 -16.69
C ALA F 246 -26.14 -32.96 -17.25
N PRO F 247 -24.94 -33.48 -16.95
CA PRO F 247 -24.66 -34.86 -17.35
C PRO F 247 -25.49 -35.82 -16.52
N GLU F 248 -25.75 -37.00 -17.07
CA GLU F 248 -26.60 -37.96 -16.39
C GLU F 248 -26.03 -38.33 -15.01
N SER F 249 -24.70 -38.44 -14.93
CA SER F 249 -24.01 -38.72 -13.69
C SER F 249 -24.39 -37.74 -12.57
N ALA F 250 -24.61 -36.47 -12.93
CA ALA F 250 -25.00 -35.46 -11.94
C ALA F 250 -26.42 -35.69 -11.39
N ARG F 251 -27.35 -36.06 -12.27
CA ARG F 251 -28.70 -36.38 -11.83
C ARG F 251 -28.70 -37.61 -10.93
N ILE F 252 -27.95 -38.63 -11.33
CA ILE F 252 -27.91 -39.87 -10.60
C ILE F 252 -27.26 -39.64 -9.23
N ALA F 253 -26.19 -38.85 -9.18
CA ALA F 253 -25.52 -38.52 -7.93
C ALA F 253 -26.50 -37.84 -6.97
N ALA F 254 -27.32 -36.95 -7.50
CA ALA F 254 -28.26 -36.21 -6.67
C ALA F 254 -29.35 -37.13 -6.12
N ILE F 255 -29.83 -38.04 -6.96
CA ILE F 255 -30.82 -39.03 -6.53
C ILE F 255 -30.24 -39.90 -5.41
N LEU F 256 -29.04 -40.43 -5.65
CA LEU F 256 -28.38 -41.26 -4.65
C LEU F 256 -28.08 -40.51 -3.34
N TYR F 257 -27.82 -39.21 -3.42
CA TYR F 257 -27.65 -38.42 -2.19
C TYR F 257 -28.94 -38.45 -1.38
N LEU F 258 -30.06 -38.19 -2.04
CA LEU F 258 -31.36 -38.22 -1.36
C LEU F 258 -31.66 -39.61 -0.79
N VAL F 259 -31.31 -40.65 -1.54
CA VAL F 259 -31.44 -42.02 -1.04
C VAL F 259 -30.61 -42.20 0.23
N SER F 260 -29.35 -41.82 0.17
CA SER F 260 -28.46 -41.95 1.33
C SER F 260 -28.97 -41.24 2.57
N GLU F 261 -29.74 -40.17 2.38
CA GLU F 261 -30.26 -39.39 3.49
C GLU F 261 -31.64 -39.86 3.97
N GLY F 262 -32.14 -40.94 3.36
CA GLY F 262 -33.36 -41.57 3.81
C GLY F 262 -34.64 -41.20 3.08
N PHE F 263 -34.50 -40.60 1.89
CA PHE F 263 -35.66 -40.09 1.17
C PHE F 263 -36.06 -40.89 -0.09
N GLU F 264 -35.64 -42.14 -0.18
CA GLU F 264 -35.90 -42.92 -1.39
C GLU F 264 -37.39 -43.03 -1.75
N ASP F 265 -38.26 -42.96 -0.74
CA ASP F 265 -39.70 -43.15 -0.96
C ASP F 265 -40.37 -41.90 -1.55
N GLN F 266 -39.60 -40.83 -1.74
CA GLN F 266 -40.15 -39.57 -2.22
C GLN F 266 -39.72 -39.23 -3.66
N ILE F 267 -38.89 -40.08 -4.24
CA ILE F 267 -38.33 -39.80 -5.57
C ILE F 267 -39.23 -40.30 -6.71
N LEU F 268 -39.49 -39.41 -7.67
CA LEU F 268 -40.20 -39.79 -8.89
C LEU F 268 -39.29 -39.50 -10.09
N VAL F 269 -39.50 -40.20 -11.20
CA VAL F 269 -38.61 -40.05 -12.35
C VAL F 269 -39.40 -39.94 -13.65
N SER F 270 -38.92 -39.10 -14.57
CA SER F 270 -39.56 -38.98 -15.88
C SER F 270 -38.62 -38.23 -16.82
N GLY F 271 -39.10 -37.97 -18.03
CA GLY F 271 -38.29 -37.30 -19.03
C GLY F 271 -38.81 -35.95 -19.51
N ASP F 272 -40.03 -35.59 -19.12
CA ASP F 272 -40.64 -34.32 -19.52
C ASP F 272 -40.40 -34.09 -21.00
N THR F 273 -40.85 -35.07 -21.79
CA THR F 273 -40.56 -35.13 -23.22
C THR F 273 -41.46 -34.14 -23.96
N ALA F 274 -41.04 -32.87 -23.98
CA ALA F 274 -41.90 -31.81 -24.48
C ALA F 274 -41.64 -31.36 -25.92
N ARG F 275 -40.66 -31.96 -26.58
CA ARG F 275 -40.25 -31.48 -27.90
C ARG F 275 -40.29 -32.55 -28.96
N LYS F 276 -40.54 -32.15 -30.21
CA LYS F 276 -40.43 -33.07 -31.34
C LYS F 276 -39.05 -33.73 -31.34
N THR F 277 -38.02 -32.94 -31.06
CA THR F 277 -36.63 -33.42 -31.05
C THR F 277 -36.33 -34.38 -29.89
N TYR F 278 -37.24 -34.48 -28.93
CA TYR F 278 -37.11 -35.45 -27.86
C TYR F 278 -37.83 -36.76 -28.14
N TYR F 279 -38.86 -36.72 -28.98
CA TYR F 279 -39.59 -37.94 -29.36
C TYR F 279 -38.83 -38.75 -30.40
N LYS F 280 -38.80 -40.06 -30.24
CA LYS F 280 -38.14 -40.92 -31.20
C LYS F 280 -38.79 -40.81 -32.58
N HIS F 281 -40.11 -40.75 -32.59
CA HIS F 281 -40.86 -40.89 -33.85
C HIS F 281 -41.32 -39.56 -34.45
N TYR F 282 -40.93 -38.45 -33.83
CA TYR F 282 -40.95 -37.18 -34.52
C TYR F 282 -39.53 -36.90 -35.02
N GLY F 283 -38.68 -36.42 -34.11
CA GLY F 283 -37.35 -35.92 -34.45
C GLY F 283 -36.17 -36.84 -34.17
N HIS F 284 -36.46 -38.09 -33.85
CA HIS F 284 -35.41 -39.11 -33.67
C HIS F 284 -34.59 -38.89 -32.41
N GLY F 285 -35.22 -38.30 -31.40
CA GLY F 285 -34.60 -38.10 -30.10
C GLY F 285 -34.68 -39.37 -29.25
N PRO F 286 -34.29 -39.26 -27.97
CA PRO F 286 -34.23 -40.44 -27.11
C PRO F 286 -35.59 -41.13 -26.92
N GLY F 287 -36.66 -40.34 -26.91
CA GLY F 287 -38.01 -40.89 -26.94
C GLY F 287 -38.52 -41.39 -25.60
N LEU F 288 -39.77 -41.81 -25.60
CA LEU F 288 -40.36 -42.42 -24.41
C LEU F 288 -39.73 -43.78 -24.09
N GLU F 289 -39.01 -44.36 -25.05
CA GLU F 289 -38.31 -45.62 -24.78
C GLU F 289 -37.11 -45.41 -23.84
N TYR F 290 -36.52 -44.20 -23.85
CA TYR F 290 -35.18 -44.02 -23.27
C TYR F 290 -35.06 -44.43 -21.80
N ILE F 291 -35.95 -43.93 -20.94
CA ILE F 291 -35.78 -44.16 -19.52
C ILE F 291 -35.85 -45.66 -19.21
N ALA F 292 -36.91 -46.31 -19.67
CA ALA F 292 -37.10 -47.73 -19.38
C ALA F 292 -36.02 -48.59 -20.02
N LYS F 293 -35.57 -48.20 -21.22
CA LYS F 293 -34.68 -49.07 -22.00
C LYS F 293 -33.22 -48.88 -21.65
N LYS F 294 -32.81 -47.62 -21.47
CA LYS F 294 -31.40 -47.28 -21.31
C LYS F 294 -31.05 -46.73 -19.93
N TRP F 295 -31.87 -45.84 -19.38
CA TRP F 295 -31.51 -45.23 -18.11
C TRP F 295 -31.60 -46.23 -16.98
N VAL F 296 -32.68 -47.02 -16.95
CA VAL F 296 -32.89 -47.95 -15.84
C VAL F 296 -31.72 -48.93 -15.66
N PRO F 297 -31.28 -49.58 -16.75
CA PRO F 297 -30.11 -50.47 -16.60
C PRO F 297 -28.87 -49.74 -16.12
N ARG F 298 -28.60 -48.55 -16.64
CA ARG F 298 -27.46 -47.79 -16.13
C ARG F 298 -27.63 -47.45 -14.66
N PHE F 299 -28.80 -46.95 -14.27
CA PHE F 299 -28.97 -46.54 -12.89
C PHE F 299 -28.77 -47.72 -11.94
N ILE F 300 -29.33 -48.87 -12.29
CA ILE F 300 -29.20 -50.06 -11.45
C ILE F 300 -27.73 -50.42 -11.29
N ASP F 301 -27.01 -50.45 -12.40
CA ASP F 301 -25.60 -50.78 -12.37
C ASP F 301 -24.80 -49.80 -11.52
N GLU F 302 -24.99 -48.50 -11.77
CA GLU F 302 -24.22 -47.49 -11.06
C GLU F 302 -24.56 -47.47 -9.57
N ALA F 303 -25.84 -47.63 -9.26
CA ALA F 303 -26.30 -47.69 -7.88
C ALA F 303 -25.70 -48.89 -7.16
N ASN F 304 -25.76 -50.06 -7.80
CA ASN F 304 -25.18 -51.26 -7.23
C ASN F 304 -23.70 -51.06 -6.97
N GLU F 305 -22.99 -50.47 -7.93
CA GLU F 305 -21.56 -50.25 -7.81
C GLU F 305 -21.24 -49.35 -6.62
N LYS F 306 -22.12 -48.37 -6.37
CA LYS F 306 -21.95 -47.45 -5.26
C LYS F 306 -22.51 -47.99 -3.94
N GLY F 307 -22.98 -49.23 -3.95
CA GLY F 307 -23.39 -49.90 -2.73
C GLY F 307 -24.88 -49.89 -2.41
N PHE F 308 -25.69 -49.36 -3.33
CA PHE F 308 -27.13 -49.28 -3.12
C PHE F 308 -27.82 -50.52 -3.70
N ASP F 309 -29.10 -50.70 -3.36
CA ASP F 309 -29.90 -51.74 -4.00
C ASP F 309 -30.58 -51.14 -5.23
N GLY F 310 -29.88 -51.14 -6.36
CA GLY F 310 -30.39 -50.54 -7.58
C GLY F 310 -31.76 -51.01 -8.01
N GLU F 311 -31.97 -52.32 -8.00
CA GLU F 311 -33.23 -52.89 -8.43
C GLU F 311 -34.41 -52.46 -7.54
N LYS F 312 -34.19 -52.47 -6.23
CA LYS F 312 -35.21 -52.01 -5.29
C LYS F 312 -35.56 -50.54 -5.50
N LEU F 313 -34.54 -49.73 -5.75
CA LEU F 313 -34.76 -48.30 -5.92
C LEU F 313 -35.58 -48.01 -7.18
N VAL F 314 -35.30 -48.72 -8.27
CA VAL F 314 -36.05 -48.53 -9.50
C VAL F 314 -37.50 -48.88 -9.27
N LYS F 315 -37.72 -49.98 -8.54
CA LYS F 315 -39.09 -50.35 -8.19
C LYS F 315 -39.81 -49.23 -7.42
N LYS F 316 -39.13 -48.60 -6.48
CA LYS F 316 -39.72 -47.47 -5.75
C LYS F 316 -39.99 -46.28 -6.68
N PHE F 317 -39.00 -45.92 -7.49
CA PHE F 317 -39.14 -44.69 -8.29
C PHE F 317 -40.27 -44.79 -9.31
N PHE F 318 -40.47 -45.97 -9.88
CA PHE F 318 -41.39 -46.12 -11.01
C PHE F 318 -42.69 -46.84 -10.63
N VAL F 319 -42.68 -47.52 -9.49
CA VAL F 319 -43.87 -48.26 -9.09
C VAL F 319 -44.41 -47.82 -7.72
N ASP F 320 -43.69 -48.09 -6.63
CA ASP F 320 -44.22 -47.78 -5.30
C ASP F 320 -44.51 -46.30 -5.09
N ASN F 321 -43.56 -45.44 -5.47
CA ASN F 321 -43.69 -44.02 -5.16
C ASN F 321 -44.82 -43.39 -5.97
N PRO F 322 -44.87 -43.67 -7.29
CA PRO F 322 -46.01 -43.13 -8.04
C PRO F 322 -47.35 -43.64 -7.50
N ALA F 323 -47.42 -44.90 -7.10
CA ALA F 323 -48.66 -45.43 -6.53
C ALA F 323 -49.09 -44.62 -5.32
N ARG F 324 -48.15 -44.26 -4.44
CA ARG F 324 -48.50 -43.47 -3.26
C ARG F 324 -48.82 -42.02 -3.65
N CYS F 325 -48.03 -41.43 -4.52
CA CYS F 325 -48.19 -40.03 -4.87
C CYS F 325 -49.52 -39.75 -5.57
N PHE F 326 -49.88 -40.59 -6.54
CA PHE F 326 -51.02 -40.29 -7.39
C PHE F 326 -52.37 -40.81 -6.88
N THR F 327 -52.35 -41.46 -5.72
CA THR F 327 -53.60 -41.89 -5.09
C THR F 327 -54.30 -40.68 -4.48
N PHE F 328 -55.61 -40.56 -4.67
CA PHE F 328 -56.36 -39.47 -4.07
C PHE F 328 -56.28 -39.59 -2.55
N LYS F 329 -56.39 -38.46 -1.85
CA LYS F 329 -56.11 -38.46 -0.42
C LYS F 329 -57.41 -38.68 0.36
C1 GOL G . -27.39 -8.38 9.93
O1 GOL G . -26.35 -7.44 10.03
C2 GOL G . -27.36 -9.06 8.57
O2 GOL G . -28.51 -8.71 7.84
C3 GOL G . -27.37 -10.57 8.75
O3 GOL G . -27.91 -11.18 7.60
C1 GOL H . -6.21 -3.87 1.07
O1 GOL H . -6.13 -3.09 -0.09
C2 GOL H . -5.01 -3.62 2.00
O2 GOL H . -4.34 -2.42 1.69
C3 GOL H . -4.02 -4.78 1.92
O3 GOL H . -4.11 -5.57 3.09
ZN ZN I . -22.58 -5.55 -12.38
ZN ZN J . -19.73 -6.94 -14.51
P PO4 K . -22.65 -6.28 -15.38
O1 PO4 K . -23.23 -4.89 -15.39
O2 PO4 K . -21.31 -6.24 -16.07
O3 PO4 K . -22.43 -6.78 -13.98
O4 PO4 K . -23.59 -7.25 -16.05
P PO4 L . -27.29 -11.60 -15.55
O1 PO4 L . -28.32 -12.02 -16.55
O2 PO4 L . -27.35 -10.10 -15.39
O3 PO4 L . -27.57 -12.24 -14.22
O4 PO4 L . -25.89 -11.99 -16.03
P PO4 M . -2.08 6.55 -26.17
O1 PO4 M . -1.13 6.94 -25.07
O2 PO4 M . -2.21 5.04 -26.23
O3 PO4 M . -1.56 7.05 -27.50
O4 PO4 M . -3.43 7.17 -25.90
C1 GOL N . 54.12 16.97 1.35
O1 GOL N . 53.25 17.51 0.37
C2 GOL N . 55.50 16.77 0.72
O2 GOL N . 55.63 15.46 0.25
C3 GOL N . 55.62 17.70 -0.46
O3 GOL N . 55.40 18.99 0.04
C1 GOL O . 56.36 34.65 16.65
O1 GOL O . 56.69 34.77 15.29
C2 GOL O . 54.86 34.43 16.81
O2 GOL O . 54.19 35.68 16.87
C3 GOL O . 54.60 33.67 18.10
O3 GOL O . 53.40 34.14 18.69
C1 GOL P . 42.51 3.61 12.08
O1 GOL P . 41.61 2.55 11.87
C2 GOL P . 42.88 3.67 13.56
O2 GOL P . 43.05 2.38 14.10
C3 GOL P . 41.75 4.35 14.32
O3 GOL P . 41.89 5.73 14.22
ZN ZN Q . 37.27 29.50 5.16
ZN ZN R . 35.62 26.14 4.54
P PO4 S . 34.25 28.91 4.85
O1 PO4 S . 34.42 30.01 3.82
O2 PO4 S . 33.99 27.63 4.11
O3 PO4 S . 35.49 28.72 5.69
O4 PO4 S . 33.12 29.25 5.80
P PO4 T . 31.73 30.61 11.22
O1 PO4 T . 30.41 31.21 11.65
O2 PO4 T . 32.22 31.34 9.99
O3 PO4 T . 32.75 30.74 12.33
O4 PO4 T . 31.54 29.13 10.90
P PO4 U . 31.83 15.53 -17.93
O1 PO4 U . 33.23 15.86 -17.52
O2 PO4 U . 31.54 14.09 -17.58
O3 PO4 U . 31.66 15.74 -19.41
O4 PO4 U . 30.86 16.44 -17.19
C1 GOL V . -12.25 -54.55 -29.50
O1 GOL V . -11.92 -53.32 -28.90
C2 GOL V . -12.90 -54.32 -30.87
O2 GOL V . -11.96 -53.92 -31.84
C3 GOL V . -14.05 -53.32 -30.79
O3 GOL V . -13.55 -52.00 -30.77
C1 GOL W . -8.41 -22.12 -28.02
O1 GOL W . -7.77 -22.98 -28.94
C2 GOL W . -9.80 -22.66 -27.71
O2 GOL W . -10.56 -22.62 -28.92
C3 GOL W . -10.50 -21.78 -26.68
O3 GOL W . -10.96 -20.62 -27.34
C1 GOL X . 6.91 -28.54 -26.99
O1 GOL X . 7.09 -29.72 -27.75
C2 GOL X . 5.44 -28.40 -26.62
O2 GOL X . 4.76 -27.88 -27.75
C3 GOL X . 5.29 -27.43 -25.46
O3 GOL X . 4.01 -27.56 -24.86
C1 GOL Y . -28.80 -27.25 -27.04
O1 GOL Y . -29.96 -27.98 -27.35
C2 GOL Y . -27.58 -28.18 -27.06
O2 GOL Y . -26.65 -27.76 -26.08
C3 GOL Y . -26.91 -28.10 -28.44
O3 GOL Y . -25.53 -28.24 -28.28
C1 GOL Z . -13.48 -51.79 -14.01
O1 GOL Z . -12.45 -52.71 -13.76
C2 GOL Z . -14.60 -52.46 -14.81
O2 GOL Z . -14.28 -52.45 -16.18
C3 GOL Z . -15.90 -51.72 -14.55
O3 GOL Z . -16.69 -51.68 -15.71
C1 GOL AA . 3.40 -48.37 -20.59
O1 GOL AA . 3.19 -47.48 -19.51
C2 GOL AA . 3.46 -47.53 -21.84
O2 GOL AA . 3.41 -46.18 -21.44
C3 GOL AA . 2.25 -47.86 -22.72
O3 GOL AA . 2.37 -47.21 -23.97
ZN ZN BA . -14.74 -28.55 -34.95
ZN ZN CA . -17.65 -30.93 -34.26
P PO4 DA . -17.83 -27.98 -35.02
O1 PO4 DA . -17.48 -27.32 -36.34
O2 PO4 DA . -18.71 -29.18 -35.34
O3 PO4 DA . -16.60 -28.49 -34.33
O4 PO4 DA . -18.55 -27.03 -34.10
P PO4 EA . -18.22 -23.11 -30.07
O1 PO4 EA . -19.09 -21.88 -29.93
O2 PO4 EA . -17.67 -23.17 -31.47
O3 PO4 EA . -17.05 -23.10 -29.13
O4 PO4 EA . -19.06 -24.34 -29.81
P PO4 FA . -29.77 -45.72 -50.59
O1 PO4 FA . -28.34 -45.56 -50.15
O2 PO4 FA . -30.69 -45.26 -49.48
O3 PO4 FA . -30.00 -47.18 -50.89
O4 PO4 FA . -30.03 -44.88 -51.83
P PO4 GA . 5.16 -28.86 -44.82
O1 PO4 GA . 6.51 -28.43 -44.29
O2 PO4 GA . 5.15 -30.35 -45.03
O3 PO4 GA . 4.90 -28.14 -46.13
O4 PO4 GA . 4.09 -28.50 -43.82
C1 GOL HA . 5.12 45.91 46.73
O1 GOL HA . 3.89 46.03 47.43
C2 GOL HA . 5.32 47.05 45.73
O2 GOL HA . 5.52 48.29 46.38
C3 GOL HA . 4.14 47.18 44.77
O3 GOL HA . 3.07 47.80 45.46
C1 GOL IA . 15.87 26.13 35.57
O1 GOL IA . 16.21 26.97 36.66
C2 GOL IA . 16.99 26.30 34.55
O2 GOL IA . 16.82 27.54 33.94
C3 GOL IA . 16.90 25.21 33.48
O3 GOL IA . 15.88 25.58 32.58
C1 GOL JA . 9.94 41.28 52.58
O1 GOL JA . 8.74 41.54 53.29
C2 GOL JA . 10.04 39.79 52.34
O2 GOL JA . 9.65 39.14 53.54
C3 GOL JA . 11.47 39.40 52.05
O3 GOL JA . 12.10 39.09 53.27
ZN ZN KA . 20.55 36.31 33.14
ZN ZN LA . 23.67 37.30 31.24
P PO4 MA . 20.86 36.93 30.11
O1 PO4 MA . 19.60 37.71 30.44
O2 PO4 MA . 21.95 37.92 29.75
O3 PO4 MA . 21.31 36.16 31.31
O4 PO4 MA . 20.61 35.97 28.98
P PO4 NA . 19.08 30.80 27.22
O1 PO4 NA . 18.32 30.46 25.96
O2 PO4 NA . 18.42 31.99 27.88
O3 PO4 NA . 19.11 29.63 28.15
O4 PO4 NA . 20.49 31.19 26.85
P PO4 OA . 33.49 60.51 28.25
O1 PO4 OA . 34.94 60.09 28.13
O2 PO4 OA . 32.76 59.59 29.19
O3 PO4 OA . 32.81 60.45 26.90
O4 PO4 OA . 33.43 61.92 28.78
C1 GOL PA . 22.14 7.75 9.03
O1 GOL PA . 21.13 6.76 9.17
C2 GOL PA . 21.91 8.81 10.10
O2 GOL PA . 20.58 9.26 9.98
C3 GOL PA . 22.86 9.99 9.92
O3 GOL PA . 22.40 10.76 8.84
C1 GOL QA . 2.31 10.53 -0.56
O1 GOL QA . 1.52 11.65 -0.19
C2 GOL QA . 3.78 10.90 -0.48
O2 GOL QA . 4.09 11.84 -1.49
C3 GOL QA . 4.60 9.63 -0.67
O3 GOL QA . 3.95 8.80 -1.59
C1 GOL RA . 25.51 2.41 42.19
O1 GOL RA . 24.77 3.44 41.59
C2 GOL RA . 25.77 1.32 41.17
O2 GOL RA . 24.77 0.33 41.26
C3 GOL RA . 27.16 0.71 41.39
O3 GOL RA . 27.38 -0.36 40.49
C1 GOL SA . 14.17 5.53 39.22
O1 GOL SA . 12.97 5.76 38.52
C2 GOL SA . 14.53 6.74 40.05
O2 GOL SA . 14.35 6.46 41.42
C3 GOL SA . 15.99 7.09 39.82
O3 GOL SA . 16.76 6.15 40.55
ZN ZN TA . 12.42 9.69 14.85
ZN ZN UA . 11.84 11.28 18.20
P PO4 VA . 11.87 12.72 15.51
O1 PO4 VA . 11.02 12.65 14.26
O2 PO4 VA . 10.95 13.00 16.68
O3 PO4 VA . 12.55 11.42 15.75
O4 PO4 VA . 12.93 13.79 15.37
P PO4 WA . 17.49 15.79 13.05
O1 PO4 WA . 17.76 17.11 12.38
O2 PO4 WA . 16.27 15.17 12.43
O3 PO4 WA . 18.65 14.84 12.86
O4 PO4 WA . 17.21 16.01 14.52
P PO4 XA . -10.14 13.28 30.81
O1 PO4 XA . -9.70 13.73 32.19
O2 PO4 XA . -11.47 12.56 30.93
O3 PO4 XA . -9.12 12.31 30.26
O4 PO4 XA . -10.25 14.45 29.88
P PO4 YA . 8.00 -9.21 4.50
O1 PO4 YA . 9.35 -9.70 4.97
O2 PO4 YA . 7.02 -10.37 4.50
O3 PO4 YA . 8.09 -8.67 3.10
O4 PO4 YA . 7.52 -8.13 5.44
P PO4 ZA . 25.70 -13.12 28.63
O1 PO4 ZA . 27.14 -12.82 28.32
O2 PO4 ZA . 25.56 -14.57 29.05
O3 PO4 ZA . 24.86 -12.87 27.40
O4 PO4 ZA . 25.24 -12.23 29.77
C1 GOL AB . -58.78 -47.72 -21.68
O1 GOL AB . -59.08 -48.62 -22.72
C2 GOL AB . -57.27 -47.63 -21.52
O2 GOL AB . -56.67 -48.42 -22.52
C3 GOL AB . -56.89 -48.18 -20.15
O3 GOL AB . -55.49 -48.34 -20.13
C1 GOL BB . -36.79 -38.40 -23.41
O1 GOL BB . -37.66 -38.84 -22.39
C2 GOL BB . -36.11 -37.12 -22.97
O2 GOL BB . -37.07 -36.12 -22.75
C3 GOL BB . -35.14 -36.66 -24.06
O3 GOL BB . -34.89 -35.29 -23.88
C1 GOL CB . -38.34 -51.60 -16.63
O1 GOL CB . -37.32 -50.92 -17.34
C2 GOL CB . -39.44 -52.02 -17.59
O2 GOL CB . -40.41 -51.01 -17.66
C3 GOL CB . -40.12 -53.30 -17.09
O3 GOL CB . -41.05 -52.99 -16.07
ZN ZN DB . -43.66 -30.64 -18.51
ZN ZN EB . -43.02 -27.81 -16.03
P PO4 FB . -42.79 -27.63 -19.09
O1 PO4 FB . -43.55 -27.76 -20.39
O2 PO4 FB . -43.58 -26.80 -18.11
O3 PO4 FB . -42.59 -28.97 -18.46
O4 PO4 FB . -41.43 -27.01 -19.33
P PO4 GB . -36.77 -28.30 -22.39
O1 PO4 GB . -36.13 -27.56 -23.53
O2 PO4 GB . -38.24 -28.54 -22.71
O3 PO4 GB . -36.07 -29.62 -22.18
O4 PO4 GB . -36.68 -27.50 -21.12
P PO4 HB . -60.16 -12.86 -4.75
O1 PO4 HB . -59.49 -11.88 -3.82
O2 PO4 HB . -60.07 -14.24 -4.13
O3 PO4 HB . -59.45 -12.87 -6.08
O4 PO4 HB . -61.60 -12.48 -4.96
#